data_9ENK
#
_entry.id   9ENK
#
_cell.length_a   84.700
_cell.length_b   131.730
_cell.length_c   107.460
_cell.angle_alpha   90.000
_cell.angle_beta   96.040
_cell.angle_gamma   90.000
#
_symmetry.space_group_name_H-M   'P 1 21 1'
#
loop_
_entity.id
_entity.type
_entity.pdbx_description
1 polymer 'L-amino acid oxidase 4'
2 non-polymer 'DIHYDROFLAVINE-ADENINE DINUCLEOTIDE'
3 non-polymer PHENYLALANINE
4 non-polymer 'SULFATE ION'
5 non-polymer R-1,2-PROPANEDIOL
6 water water
#
_entity_poly.entity_id   1
_entity_poly.type   'polypeptide(L)'
_entity_poly.pdbx_seq_one_letter_code
;NISVPSSPPGGERVGILGAGIGGLYSALILQSLDVPFEIIEASNRVGGRLFTHKFPNGGKYDYYDVGAMRYPLPKSDDKG
NYQPGVMQRVGQLFTYLGMHKQLIPYYFKSNKSPGFQYFNGVRARIGEGSSFDAPALGINSSLIDIGVTKIVNDAVGPFA
QALFDDLQKHTTTGWDDMMKNDAYSTRSYFSFKYLPSPSFGLPSEHFSTRVINWLETFDKSTGWYDRGLTETVLEAIAFG
EVGDGEVDWRCIDGGSHVLPDTIAAFLHKKGGNAFVMNASVTAIGLENPNKEDSPMVVVAGGQKRKYSHVISTLPLPVLR
TVDLKNSKLDIVQSNALRKLQYGPSIKIGILFKEPWWTTGQDKNGEKFDLVGGQSYTDLPIRTVVYPSYGVNTNAPSNTL
IASYCWTNDAERMGSLIGTGAATYEEQLEHLVLSNLAAVHNTDYQYLKDRLVDVHSWDWNHNPLTMGAFAFFGPGDFQDL
YTSLNRPAANGKLHFAGEALSVRHAWVVGALDSAWRAVYNYLYVTDPAKLPKFFELWGKNAEWFEQPGDGKEPNSDNSLL
EK
;
_entity_poly.pdbx_strand_id   A,B,C,D
#
loop_
_chem_comp.id
_chem_comp.type
_chem_comp.name
_chem_comp.formula
FDA non-polymer 'DIHYDROFLAVINE-ADENINE DINUCLEOTIDE' 'C27 H35 N9 O15 P2'
PGR non-polymer R-1,2-PROPANEDIOL 'C3 H8 O2'
SO4 non-polymer 'SULFATE ION' 'O4 S -2'
#
# COMPACT_ATOMS: atom_id res chain seq x y z
N SER A 7 2.57 6.75 -58.92
CA SER A 7 1.45 5.91 -58.52
C SER A 7 0.98 6.20 -57.10
N PRO A 8 1.87 6.09 -56.11
CA PRO A 8 1.44 6.28 -54.71
C PRO A 8 0.98 7.71 -54.47
N PRO A 9 -0.12 7.90 -53.73
CA PRO A 9 -0.58 9.27 -53.45
C PRO A 9 0.48 10.04 -52.67
N GLY A 10 0.55 11.34 -52.93
CA GLY A 10 1.57 12.18 -52.32
C GLY A 10 1.52 12.19 -50.81
N GLY A 11 0.41 11.76 -50.21
CA GLY A 11 0.25 11.86 -48.79
C GLY A 11 0.51 10.58 -48.04
N GLU A 12 1.22 9.64 -48.65
CA GLU A 12 1.50 8.38 -47.99
C GLU A 12 2.32 8.60 -46.72
N ARG A 13 1.92 7.91 -45.65
CA ARG A 13 2.62 8.00 -44.37
C ARG A 13 2.19 6.80 -43.54
N VAL A 14 3.13 5.94 -43.18
CA VAL A 14 2.81 4.71 -42.48
C VAL A 14 2.95 4.95 -40.98
N GLY A 15 1.86 4.74 -40.26
CA GLY A 15 1.91 4.78 -38.80
C GLY A 15 2.39 3.46 -38.24
N ILE A 16 3.50 3.48 -37.50
CA ILE A 16 4.07 2.28 -36.91
C ILE A 16 3.75 2.28 -35.43
N LEU A 17 3.01 1.27 -34.99
CA LEU A 17 2.58 1.18 -33.59
C LEU A 17 3.57 0.31 -32.83
N GLY A 18 4.29 0.92 -31.90
CA GLY A 18 5.27 0.22 -31.09
C GLY A 18 6.69 0.51 -31.50
N ALA A 19 7.49 1.02 -30.56
CA ALA A 19 8.90 1.30 -30.78
C ALA A 19 9.79 0.15 -30.30
N GLY A 20 9.32 -1.09 -30.43
CA GLY A 20 10.16 -2.25 -30.23
C GLY A 20 11.02 -2.52 -31.46
N ILE A 21 11.71 -3.65 -31.43
CA ILE A 21 12.64 -3.95 -32.52
C ILE A 21 11.88 -4.15 -33.82
N GLY A 22 10.66 -4.68 -33.74
CA GLY A 22 9.87 -4.84 -34.95
C GLY A 22 9.47 -3.51 -35.55
N GLY A 23 9.06 -2.56 -34.69
CA GLY A 23 8.64 -1.25 -35.19
C GLY A 23 9.82 -0.41 -35.65
N LEU A 24 10.93 -0.50 -34.92
CA LEU A 24 12.14 0.22 -35.34
C LEU A 24 12.67 -0.33 -36.65
N TYR A 25 12.67 -1.65 -36.80
CA TYR A 25 13.10 -2.25 -38.06
C TYR A 25 12.19 -1.83 -39.21
N SER A 26 10.88 -1.83 -38.99
CA SER A 26 9.96 -1.36 -40.02
C SER A 26 10.30 0.07 -40.43
N ALA A 27 10.58 0.94 -39.46
CA ALA A 27 10.94 2.31 -39.76
C ALA A 27 12.25 2.38 -40.53
N LEU A 28 13.21 1.54 -40.15
CA LEU A 28 14.49 1.49 -40.86
C LEU A 28 14.29 1.14 -42.33
N ILE A 29 13.46 0.13 -42.61
CA ILE A 29 13.22 -0.25 -43.99
C ILE A 29 12.56 0.90 -44.74
N LEU A 30 11.52 1.49 -44.15
CA LEU A 30 10.79 2.55 -44.83
C LEU A 30 11.68 3.75 -45.08
N GLN A 31 12.52 4.12 -44.11
CA GLN A 31 13.43 5.23 -44.31
C GLN A 31 14.40 4.95 -45.45
N SER A 32 14.88 3.71 -45.57
CA SER A 32 15.77 3.36 -46.66
C SER A 32 15.08 3.46 -48.01
N LEU A 33 13.75 3.42 -48.02
CA LEU A 33 12.97 3.52 -49.25
C LEU A 33 12.27 4.86 -49.39
N ASP A 34 12.57 5.82 -48.52
CA ASP A 34 12.00 7.17 -48.59
C ASP A 34 10.48 7.16 -48.48
N VAL A 35 9.96 6.35 -47.57
CA VAL A 35 8.53 6.29 -47.28
C VAL A 35 8.30 6.96 -45.95
N PRO A 36 7.51 8.03 -45.87
CA PRO A 36 7.26 8.67 -44.57
C PRO A 36 6.60 7.70 -43.59
N PHE A 37 6.95 7.86 -42.32
CA PHE A 37 6.39 7.04 -41.26
C PHE A 37 6.35 7.86 -39.98
N GLU A 38 5.67 7.32 -38.98
CA GLU A 38 5.70 7.86 -37.64
C GLU A 38 5.52 6.70 -36.67
N ILE A 39 6.33 6.67 -35.61
CA ILE A 39 6.28 5.63 -34.60
C ILE A 39 5.53 6.15 -33.39
N ILE A 40 4.51 5.42 -32.97
CA ILE A 40 3.73 5.72 -31.78
C ILE A 40 4.11 4.69 -30.72
N GLU A 41 4.53 5.16 -29.54
CA GLU A 41 5.02 4.29 -28.48
C GLU A 41 4.31 4.65 -27.18
N ALA A 42 3.82 3.62 -26.48
CA ALA A 42 3.06 3.86 -25.25
C ALA A 42 3.97 4.31 -24.11
N SER A 43 5.18 3.76 -24.05
CA SER A 43 6.03 4.00 -22.89
C SER A 43 6.94 5.20 -23.14
N ASN A 44 7.88 5.43 -22.22
CA ASN A 44 8.89 6.47 -22.33
C ASN A 44 10.21 5.96 -22.86
N ARG A 45 10.25 4.72 -23.34
CA ARG A 45 11.50 4.09 -23.78
C ARG A 45 11.28 3.34 -25.08
N VAL A 46 12.36 3.14 -25.81
CA VAL A 46 12.36 2.32 -27.01
C VAL A 46 13.01 0.99 -26.69
N GLY A 47 12.68 -0.04 -27.48
CA GLY A 47 13.30 -1.35 -27.38
C GLY A 47 12.35 -2.47 -27.03
N GLY A 48 11.25 -2.13 -26.36
CA GLY A 48 10.26 -3.13 -26.00
C GLY A 48 10.89 -4.25 -25.19
N ARG A 49 10.78 -5.49 -25.68
CA ARG A 49 11.31 -6.65 -24.97
C ARG A 49 12.83 -6.79 -25.14
N LEU A 50 13.49 -5.82 -25.78
CA LEU A 50 14.93 -5.62 -25.59
C LEU A 50 15.07 -4.62 -24.45
N PHE A 51 15.35 -5.12 -23.26
CA PHE A 51 15.24 -4.34 -22.03
C PHE A 51 16.44 -4.69 -21.15
N THR A 52 17.37 -3.75 -21.02
CA THR A 52 18.59 -3.93 -20.25
C THR A 52 18.46 -3.18 -18.95
N HIS A 53 18.56 -3.89 -17.82
CA HIS A 53 18.52 -3.28 -16.50
C HIS A 53 19.94 -3.09 -15.98
N LYS A 54 20.29 -1.85 -15.69
CA LYS A 54 21.57 -1.49 -15.10
C LYS A 54 21.39 -1.36 -13.58
N PHE A 55 22.24 -2.03 -12.83
CA PHE A 55 22.25 -1.86 -11.38
C PHE A 55 23.01 -0.59 -11.05
N PRO A 56 22.40 0.39 -10.38
CA PRO A 56 23.11 1.65 -10.14
C PRO A 56 24.35 1.52 -9.28
N ASN A 57 24.35 0.62 -8.29
CA ASN A 57 25.50 0.48 -7.41
C ASN A 57 26.64 -0.32 -8.02
N GLY A 58 26.51 -0.77 -9.26
CA GLY A 58 27.50 -1.62 -9.89
C GLY A 58 28.40 -0.89 -10.88
N GLY A 59 29.26 -1.68 -11.50
CA GLY A 59 30.20 -1.18 -12.49
C GLY A 59 29.65 -1.24 -13.90
N LYS A 60 30.55 -1.04 -14.86
CA LYS A 60 30.16 -0.96 -16.26
C LYS A 60 29.35 -2.16 -16.71
N TYR A 61 29.76 -3.37 -16.31
CA TYR A 61 29.12 -4.59 -16.76
C TYR A 61 28.14 -5.16 -15.74
N ASP A 62 27.73 -4.35 -14.77
CA ASP A 62 26.71 -4.75 -13.80
C ASP A 62 25.32 -4.37 -14.31
N TYR A 63 24.97 -5.00 -15.42
CA TYR A 63 23.64 -4.98 -16.00
C TYR A 63 23.25 -6.41 -16.34
N TYR A 64 21.98 -6.61 -16.65
CA TYR A 64 21.55 -7.87 -17.23
C TYR A 64 20.37 -7.59 -18.14
N ASP A 65 20.20 -8.43 -19.15
CA ASP A 65 19.12 -8.26 -20.12
C ASP A 65 17.88 -8.96 -19.60
N VAL A 66 16.84 -8.19 -19.34
CA VAL A 66 15.59 -8.74 -18.82
C VAL A 66 14.86 -9.49 -19.91
N GLY A 67 15.03 -9.07 -21.17
CA GLY A 67 14.46 -9.77 -22.29
C GLY A 67 15.55 -10.39 -23.12
N ALA A 68 15.66 -9.94 -24.38
CA ALA A 68 16.62 -10.56 -25.30
C ALA A 68 18.05 -10.37 -24.82
N MET A 69 18.84 -11.44 -24.93
CA MET A 69 20.21 -11.42 -24.43
C MET A 69 21.22 -12.22 -25.25
N ARG A 70 20.80 -13.12 -26.14
CA ARG A 70 21.73 -13.99 -26.84
C ARG A 70 21.23 -14.25 -28.26
N TYR A 71 22.16 -14.34 -29.20
CA TYR A 71 21.81 -14.39 -30.62
C TYR A 71 22.60 -15.48 -31.33
N PRO A 72 21.94 -16.59 -31.72
CA PRO A 72 22.65 -17.68 -32.42
C PRO A 72 22.76 -17.38 -33.92
N LEU A 73 23.74 -16.56 -34.25
CA LEU A 73 23.88 -16.05 -35.60
C LEU A 73 24.61 -17.06 -36.49
N PRO A 74 24.46 -16.92 -37.80
CA PRO A 74 25.32 -17.69 -38.70
C PRO A 74 26.75 -17.18 -38.62
N LYS A 75 27.66 -17.97 -39.17
CA LYS A 75 29.04 -17.53 -39.29
C LYS A 75 29.11 -16.27 -40.15
N SER A 76 30.14 -15.47 -39.94
CA SER A 76 30.32 -14.22 -40.66
C SER A 76 31.79 -14.01 -40.95
N ASP A 77 32.06 -13.22 -42.00
CA ASP A 77 33.41 -12.86 -42.37
C ASP A 77 33.81 -11.55 -41.68
N ASP A 78 35.03 -11.10 -41.97
CA ASP A 78 35.54 -9.89 -41.36
C ASP A 78 34.73 -8.65 -41.72
N LYS A 79 33.96 -8.71 -42.80
CA LYS A 79 33.21 -7.56 -43.27
C LYS A 79 31.79 -7.51 -42.71
N GLY A 80 31.39 -8.48 -41.92
CA GLY A 80 30.04 -8.53 -41.43
C GLY A 80 29.06 -9.17 -42.38
N ASN A 81 29.55 -9.85 -43.42
CA ASN A 81 28.68 -10.63 -44.29
C ASN A 81 28.40 -11.95 -43.60
N TYR A 82 27.12 -12.28 -43.45
CA TYR A 82 26.71 -13.47 -42.72
C TYR A 82 26.34 -14.57 -43.71
N GLN A 83 26.69 -15.81 -43.36
CA GLN A 83 26.27 -16.96 -44.14
C GLN A 83 24.77 -17.14 -44.02
N PRO A 84 24.16 -17.83 -44.99
CA PRO A 84 22.73 -18.14 -44.87
C PRO A 84 22.47 -18.87 -43.56
N GLY A 85 21.32 -18.57 -42.97
CA GLY A 85 20.97 -19.19 -41.70
C GLY A 85 19.72 -18.55 -41.14
N VAL A 86 19.23 -19.17 -40.06
CA VAL A 86 17.98 -18.74 -39.46
C VAL A 86 18.06 -17.28 -39.03
N MET A 87 19.20 -16.87 -38.47
CA MET A 87 19.34 -15.55 -37.91
C MET A 87 20.17 -14.62 -38.80
N GLN A 88 20.31 -14.96 -40.09
CA GLN A 88 21.07 -14.09 -40.97
C GLN A 88 20.51 -12.69 -40.98
N ARG A 89 19.18 -12.55 -40.99
CA ARG A 89 18.56 -11.24 -41.02
C ARG A 89 18.97 -10.40 -39.81
N VAL A 90 19.14 -11.04 -38.64
CA VAL A 90 19.62 -10.31 -37.46
C VAL A 90 21.07 -9.88 -37.66
N GLY A 91 21.91 -10.80 -38.15
CA GLY A 91 23.30 -10.46 -38.40
C GLY A 91 23.45 -9.29 -39.34
N GLN A 92 22.72 -9.32 -40.46
CA GLN A 92 22.81 -8.25 -41.44
CA GLN A 92 22.85 -8.24 -41.42
C GLN A 92 22.35 -6.92 -40.87
N LEU A 93 21.42 -6.95 -39.90
CA LEU A 93 20.99 -5.71 -39.27
C LEU A 93 22.13 -5.10 -38.46
N PHE A 94 22.81 -5.91 -37.64
CA PHE A 94 23.98 -5.45 -36.90
C PHE A 94 24.98 -4.80 -37.86
N THR A 95 25.30 -5.49 -38.96
CA THR A 95 26.27 -4.95 -39.91
C THR A 95 25.77 -3.65 -40.53
N TYR A 96 24.49 -3.61 -40.90
CA TYR A 96 23.91 -2.40 -41.48
C TYR A 96 24.10 -1.21 -40.55
N LEU A 97 23.99 -1.42 -39.24
CA LEU A 97 24.10 -0.36 -38.26
C LEU A 97 25.53 -0.10 -37.80
N GLY A 98 26.51 -0.79 -38.36
CA GLY A 98 27.89 -0.63 -37.92
C GLY A 98 28.19 -1.24 -36.57
N MET A 99 27.49 -2.32 -36.20
CA MET A 99 27.64 -2.94 -34.89
C MET A 99 28.37 -4.28 -34.94
N HIS A 100 28.77 -4.74 -36.12
CA HIS A 100 29.30 -6.10 -36.24
C HIS A 100 30.49 -6.31 -35.31
N LYS A 101 31.40 -5.34 -35.26
CA LYS A 101 32.57 -5.45 -34.40
C LYS A 101 32.26 -5.25 -32.93
N GLN A 102 31.10 -4.69 -32.60
CA GLN A 102 30.67 -4.55 -31.21
C GLN A 102 30.02 -5.81 -30.66
N LEU A 103 29.87 -6.85 -31.49
CA LEU A 103 29.33 -8.12 -31.05
C LEU A 103 30.44 -8.90 -30.33
N ILE A 104 30.13 -9.37 -29.14
CA ILE A 104 31.09 -10.11 -28.32
C ILE A 104 30.58 -11.53 -28.16
N PRO A 105 31.46 -12.46 -27.78
CA PRO A 105 31.03 -13.86 -27.64
C PRO A 105 29.97 -14.03 -26.56
N TYR A 106 28.98 -14.87 -26.84
CA TYR A 106 28.06 -15.36 -25.84
C TYR A 106 28.36 -16.83 -25.60
N TYR A 107 28.61 -17.19 -24.35
CA TYR A 107 28.97 -18.57 -24.00
C TYR A 107 27.71 -19.32 -23.58
N PHE A 108 27.12 -20.07 -24.52
CA PHE A 108 25.98 -20.91 -24.20
C PHE A 108 26.35 -21.95 -23.15
N LYS A 109 27.54 -22.52 -23.28
CA LYS A 109 28.18 -23.35 -22.27
C LYS A 109 29.33 -22.57 -21.66
N SER A 110 29.70 -22.95 -20.45
CA SER A 110 30.79 -22.25 -19.77
C SER A 110 32.05 -22.32 -20.62
N ASN A 111 32.79 -21.20 -20.65
CA ASN A 111 34.06 -21.17 -21.36
C ASN A 111 35.17 -21.88 -20.60
N LYS A 112 34.99 -22.15 -19.31
CA LYS A 112 35.98 -22.91 -18.55
C LYS A 112 35.41 -24.24 -18.08
N SER A 113 35.21 -24.41 -16.78
CA SER A 113 34.65 -25.67 -16.31
C SER A 113 33.15 -25.72 -16.56
N PRO A 114 32.59 -26.91 -16.74
CA PRO A 114 31.18 -27.00 -17.14
C PRO A 114 30.22 -26.55 -16.06
N GLY A 115 29.06 -26.06 -16.50
CA GLY A 115 28.01 -25.68 -15.59
C GLY A 115 27.43 -26.89 -14.87
N PHE A 116 26.55 -26.61 -13.91
CA PHE A 116 25.99 -27.62 -13.04
C PHE A 116 24.63 -28.08 -13.50
N GLN A 117 24.32 -29.33 -13.15
CA GLN A 117 22.98 -29.91 -13.25
C GLN A 117 22.59 -30.40 -11.86
N TYR A 118 21.38 -30.04 -11.42
CA TYR A 118 20.88 -30.45 -10.11
C TYR A 118 19.45 -30.93 -10.27
N PHE A 119 19.26 -32.24 -10.38
CA PHE A 119 17.96 -32.84 -10.59
C PHE A 119 17.76 -34.01 -9.63
N ASN A 120 16.58 -34.08 -9.03
CA ASN A 120 16.22 -35.17 -8.11
C ASN A 120 17.23 -35.30 -6.98
N GLY A 121 17.74 -34.17 -6.51
CA GLY A 121 18.69 -34.15 -5.41
C GLY A 121 20.09 -34.58 -5.79
N VAL A 122 20.36 -34.82 -7.06
CA VAL A 122 21.67 -35.25 -7.54
C VAL A 122 22.32 -34.09 -8.26
N ARG A 123 23.57 -33.81 -7.90
CA ARG A 123 24.35 -32.72 -8.49
C ARG A 123 25.44 -33.31 -9.37
N ALA A 124 25.68 -32.67 -10.51
CA ALA A 124 26.73 -33.11 -11.42
C ALA A 124 27.05 -31.97 -12.36
N ARG A 125 28.21 -32.09 -13.00
CA ARG A 125 28.58 -31.15 -14.06
C ARG A 125 27.94 -31.58 -15.37
N ILE A 126 27.64 -30.60 -16.22
CA ILE A 126 27.18 -30.91 -17.56
C ILE A 126 28.22 -31.77 -18.27
N GLY A 127 27.78 -32.90 -18.82
CA GLY A 127 28.65 -33.79 -19.56
C GLY A 127 29.20 -34.96 -18.77
N GLU A 128 28.97 -35.01 -17.46
CA GLU A 128 29.47 -36.12 -16.65
C GLU A 128 28.64 -37.39 -16.77
N GLY A 129 27.53 -37.35 -17.50
CA GLY A 129 26.77 -38.56 -17.75
C GLY A 129 25.95 -39.07 -16.59
N SER A 130 25.59 -38.23 -15.63
CA SER A 130 24.76 -38.68 -14.54
C SER A 130 23.36 -39.00 -15.04
N SER A 131 22.70 -39.95 -14.38
CA SER A 131 21.32 -40.29 -14.65
C SER A 131 20.35 -39.58 -13.69
N PHE A 132 20.87 -38.86 -12.70
CA PHE A 132 20.05 -38.09 -11.77
C PHE A 132 18.94 -38.94 -11.18
N ASP A 133 19.31 -40.14 -10.74
CA ASP A 133 18.42 -41.07 -10.04
C ASP A 133 17.26 -41.53 -10.93
N ALA A 134 17.40 -41.37 -12.25
CA ALA A 134 16.34 -41.79 -13.16
C ALA A 134 15.91 -43.23 -12.97
N PRO A 135 16.78 -44.17 -12.64
CA PRO A 135 16.31 -45.54 -12.37
C PRO A 135 15.21 -45.57 -11.31
N ALA A 136 15.34 -44.75 -10.26
CA ALA A 136 14.30 -44.71 -9.23
C ALA A 136 12.98 -44.17 -9.77
N LEU A 137 13.03 -43.40 -10.86
CA LEU A 137 11.81 -42.92 -11.50
C LEU A 137 11.15 -43.98 -12.37
N GLY A 138 11.81 -45.10 -12.60
CA GLY A 138 11.27 -46.11 -13.50
C GLY A 138 11.72 -45.95 -14.93
N ILE A 139 12.77 -45.18 -15.18
CA ILE A 139 13.35 -45.06 -16.51
C ILE A 139 14.35 -46.19 -16.67
N ASN A 140 14.08 -47.11 -17.60
CA ASN A 140 14.92 -48.29 -17.72
C ASN A 140 16.30 -47.91 -18.27
N SER A 141 17.23 -48.85 -18.16
CA SER A 141 18.62 -48.55 -18.49
C SER A 141 18.82 -48.27 -19.98
N SER A 142 18.00 -48.85 -20.84
CA SER A 142 18.16 -48.62 -22.28
C SER A 142 17.89 -47.17 -22.62
N LEU A 143 16.82 -46.59 -22.06
CA LEU A 143 16.49 -45.19 -22.32
C LEU A 143 17.56 -44.27 -21.74
N ILE A 144 18.05 -44.58 -20.54
CA ILE A 144 19.11 -43.77 -19.92
C ILE A 144 20.36 -43.77 -20.79
N ASP A 145 20.75 -44.94 -21.30
CA ASP A 145 21.95 -45.02 -22.13
C ASP A 145 21.80 -44.17 -23.40
N ILE A 146 20.61 -44.16 -24.00
CA ILE A 146 20.38 -43.33 -25.18
C ILE A 146 20.42 -41.85 -24.80
N GLY A 147 19.72 -41.48 -23.73
CA GLY A 147 19.73 -40.09 -23.29
C GLY A 147 18.59 -39.28 -23.87
N VAL A 148 18.19 -38.25 -23.11
CA VAL A 148 17.08 -37.41 -23.52
C VAL A 148 17.40 -36.67 -24.83
N THR A 149 18.62 -36.15 -24.93
CA THR A 149 18.99 -35.36 -26.11
C THR A 149 18.80 -36.16 -27.39
N LYS A 150 19.34 -37.39 -27.44
CA LYS A 150 19.24 -38.17 -28.66
C LYS A 150 17.80 -38.58 -28.95
N ILE A 151 17.03 -38.91 -27.92
CA ILE A 151 15.64 -39.29 -28.13
C ILE A 151 14.87 -38.13 -28.73
N VAL A 152 14.99 -36.95 -28.13
CA VAL A 152 14.27 -35.78 -28.62
C VAL A 152 14.70 -35.44 -30.04
N ASN A 153 16.01 -35.56 -30.33
CA ASN A 153 16.49 -35.25 -31.67
CA ASN A 153 16.49 -35.25 -31.67
C ASN A 153 15.92 -36.22 -32.70
N ASP A 154 15.77 -37.48 -32.33
CA ASP A 154 15.18 -38.46 -33.23
C ASP A 154 13.73 -38.11 -33.54
N ALA A 155 13.00 -37.58 -32.56
CA ALA A 155 11.61 -37.22 -32.79
C ALA A 155 11.49 -35.92 -33.56
N VAL A 156 12.34 -34.95 -33.24
CA VAL A 156 12.25 -33.63 -33.84
C VAL A 156 12.95 -33.54 -35.18
N GLY A 157 14.05 -34.29 -35.36
CA GLY A 157 14.88 -34.19 -36.52
C GLY A 157 14.17 -34.24 -37.86
N PRO A 158 13.33 -35.26 -38.08
CA PRO A 158 12.65 -35.34 -39.38
C PRO A 158 11.85 -34.10 -39.71
N PHE A 159 11.09 -33.57 -38.76
CA PHE A 159 10.34 -32.34 -39.02
C PHE A 159 11.30 -31.18 -39.27
N ALA A 160 12.37 -31.09 -38.48
CA ALA A 160 13.31 -29.99 -38.61
C ALA A 160 14.06 -30.06 -39.94
N GLN A 161 14.39 -31.25 -40.39
CA GLN A 161 15.12 -31.40 -41.64
C GLN A 161 14.29 -30.91 -42.81
N ALA A 162 12.99 -31.22 -42.80
CA ALA A 162 12.13 -30.77 -43.89
C ALA A 162 12.01 -29.25 -43.89
N LEU A 163 11.97 -28.64 -42.71
CA LEU A 163 11.90 -27.18 -42.64
C LEU A 163 13.21 -26.53 -43.07
N PHE A 164 14.34 -27.16 -42.75
CA PHE A 164 15.62 -26.67 -43.24
C PHE A 164 15.68 -26.73 -44.77
N ASP A 165 15.23 -27.85 -45.34
CA ASP A 165 15.21 -27.96 -46.79
C ASP A 165 14.34 -26.88 -47.41
N ASP A 166 13.22 -26.54 -46.76
CA ASP A 166 12.41 -25.41 -47.22
C ASP A 166 13.24 -24.15 -47.31
N LEU A 167 13.95 -23.80 -46.24
CA LEU A 167 14.74 -22.58 -46.23
C LEU A 167 15.82 -22.60 -47.30
N GLN A 168 16.43 -23.77 -47.52
CA GLN A 168 17.57 -23.83 -48.44
C GLN A 168 17.10 -23.92 -49.89
N LYS A 169 16.09 -24.75 -50.15
CA LYS A 169 15.61 -24.98 -51.51
C LYS A 169 14.47 -24.05 -51.91
N HIS A 170 14.01 -23.18 -51.02
CA HIS A 170 12.93 -22.25 -51.32
C HIS A 170 11.65 -23.00 -51.69
N THR A 171 11.18 -23.80 -50.73
CA THR A 171 9.95 -24.57 -50.86
C THR A 171 9.13 -24.39 -49.59
N THR A 172 7.91 -24.96 -49.61
CA THR A 172 7.02 -24.93 -48.46
C THR A 172 6.48 -26.31 -48.13
N THR A 173 6.98 -27.36 -48.78
CA THR A 173 6.52 -28.71 -48.49
C THR A 173 6.84 -29.12 -47.06
N GLY A 174 7.99 -28.71 -46.55
CA GLY A 174 8.32 -29.00 -45.16
C GLY A 174 7.32 -28.40 -44.19
N TRP A 175 6.90 -27.16 -44.45
CA TRP A 175 5.91 -26.52 -43.59
C TRP A 175 4.55 -27.20 -43.75
N ASP A 176 4.15 -27.51 -44.98
CA ASP A 176 2.90 -28.21 -45.20
C ASP A 176 2.89 -29.55 -44.47
N ASP A 177 4.04 -30.23 -44.44
CA ASP A 177 4.13 -31.50 -43.71
C ASP A 177 4.05 -31.26 -42.20
N MET A 178 4.75 -30.23 -41.70
CA MET A 178 4.61 -29.86 -40.30
C MET A 178 3.16 -29.58 -39.94
N MET A 179 2.44 -28.88 -40.82
CA MET A 179 1.06 -28.52 -40.54
C MET A 179 0.15 -29.75 -40.52
N LYS A 180 0.50 -30.80 -41.25
CA LYS A 180 -0.28 -32.03 -41.13
C LYS A 180 -0.23 -32.60 -39.71
N ASN A 181 0.82 -32.25 -38.94
CA ASN A 181 0.98 -32.73 -37.58
C ASN A 181 0.81 -31.64 -36.53
N ASP A 182 0.32 -30.46 -36.92
CA ASP A 182 0.30 -29.33 -36.01
C ASP A 182 -0.74 -29.49 -34.91
N ALA A 183 -1.72 -30.36 -35.09
CA ALA A 183 -2.69 -30.61 -34.02
C ALA A 183 -2.07 -31.37 -32.85
N TYR A 184 -0.85 -31.90 -33.03
CA TYR A 184 -0.16 -32.56 -31.93
C TYR A 184 0.51 -31.54 -31.01
N SER A 185 0.37 -31.76 -29.70
CA SER A 185 1.37 -31.23 -28.80
C SER A 185 2.59 -32.15 -28.87
N THR A 186 3.71 -31.68 -28.32
CA THR A 186 4.88 -32.56 -28.25
C THR A 186 4.53 -33.80 -27.45
N ARG A 187 3.75 -33.64 -26.37
CA ARG A 187 3.38 -34.77 -25.53
C ARG A 187 2.48 -35.75 -26.29
N SER A 188 1.42 -35.25 -26.92
CA SER A 188 0.51 -36.14 -27.60
C SER A 188 1.19 -36.79 -28.80
N TYR A 189 2.17 -36.12 -29.41
CA TYR A 189 2.96 -36.75 -30.45
C TYR A 189 3.73 -37.95 -29.91
N PHE A 190 4.42 -37.76 -28.77
CA PHE A 190 5.14 -38.87 -28.17
C PHE A 190 4.18 -39.97 -27.69
N SER A 191 3.00 -39.59 -27.19
CA SER A 191 2.11 -40.57 -26.58
C SER A 191 1.35 -41.39 -27.62
N PHE A 192 1.08 -40.82 -28.79
CA PHE A 192 0.20 -41.44 -29.76
C PHE A 192 0.77 -41.62 -31.16
N LYS A 193 1.95 -41.11 -31.46
CA LYS A 193 2.46 -41.27 -32.82
C LYS A 193 3.91 -41.71 -32.87
N TYR A 194 4.79 -41.00 -32.17
CA TYR A 194 6.22 -41.28 -32.26
C TYR A 194 6.53 -42.72 -31.89
N LEU A 195 7.39 -43.35 -32.68
CA LEU A 195 7.95 -44.66 -32.39
C LEU A 195 9.47 -44.56 -32.49
N PRO A 196 10.20 -45.11 -31.53
CA PRO A 196 11.66 -44.93 -31.54
C PRO A 196 12.30 -45.51 -32.79
N SER A 197 13.43 -44.92 -33.17
CA SER A 197 14.20 -45.42 -34.29
C SER A 197 14.63 -46.86 -34.03
N PRO A 198 14.53 -47.74 -35.03
CA PRO A 198 14.97 -49.12 -34.82
C PRO A 198 16.38 -49.23 -34.27
N SER A 199 17.27 -48.27 -34.59
CA SER A 199 18.64 -48.34 -34.09
C SER A 199 18.71 -48.21 -32.57
N PHE A 200 17.69 -47.65 -31.93
CA PHE A 200 17.70 -47.56 -30.47
C PHE A 200 17.51 -48.92 -29.82
N GLY A 201 16.99 -49.91 -30.54
CA GLY A 201 16.74 -51.21 -29.95
C GLY A 201 15.69 -51.22 -28.86
N LEU A 202 14.81 -50.23 -28.83
CA LEU A 202 13.73 -50.17 -27.86
C LEU A 202 12.48 -50.85 -28.40
N PRO A 203 11.52 -51.16 -27.55
CA PRO A 203 10.24 -51.69 -28.05
C PRO A 203 9.61 -50.69 -28.99
N SER A 204 8.94 -51.22 -30.02
CA SER A 204 8.25 -50.39 -31.01
C SER A 204 6.88 -49.96 -30.46
N GLU A 205 6.94 -49.24 -29.35
CA GLU A 205 5.75 -48.75 -28.67
CA GLU A 205 5.75 -48.75 -28.67
C GLU A 205 5.94 -47.28 -28.32
N HIS A 206 4.83 -46.58 -28.14
CA HIS A 206 4.91 -45.18 -27.76
C HIS A 206 5.39 -45.07 -26.31
N PHE A 207 6.18 -44.04 -26.05
CA PHE A 207 6.70 -43.83 -24.71
C PHE A 207 5.56 -43.64 -23.72
N SER A 208 5.80 -44.08 -22.49
CA SER A 208 4.85 -43.84 -21.41
C SER A 208 4.94 -42.39 -20.95
N THR A 209 3.90 -41.95 -20.23
CA THR A 209 3.90 -40.60 -19.69
C THR A 209 5.09 -40.38 -18.76
N ARG A 210 5.43 -41.39 -17.95
CA ARG A 210 6.59 -41.26 -17.07
C ARG A 210 7.84 -40.93 -17.87
N VAL A 211 8.05 -41.62 -18.98
CA VAL A 211 9.22 -41.36 -19.81
C VAL A 211 9.11 -40.02 -20.51
N ILE A 212 7.91 -39.67 -20.99
CA ILE A 212 7.77 -38.38 -21.66
C ILE A 212 8.04 -37.25 -20.69
N ASN A 213 7.57 -37.37 -19.45
CA ASN A 213 7.85 -36.34 -18.46
C ASN A 213 9.33 -36.28 -18.10
N TRP A 214 10.02 -37.41 -18.19
CA TRP A 214 11.47 -37.41 -18.02
C TRP A 214 12.13 -36.62 -19.14
N LEU A 215 11.65 -36.80 -20.37
CA LEU A 215 12.16 -36.01 -21.48
C LEU A 215 11.97 -34.51 -21.24
N GLU A 216 10.75 -34.10 -20.90
CA GLU A 216 10.50 -32.68 -20.71
C GLU A 216 11.36 -32.11 -19.59
N THR A 217 11.53 -32.87 -18.50
CA THR A 217 12.29 -32.39 -17.36
C THR A 217 13.68 -31.92 -17.77
N PHE A 218 14.37 -32.72 -18.58
CA PHE A 218 15.73 -32.42 -18.98
C PHE A 218 15.83 -31.68 -20.31
N ASP A 219 14.79 -31.74 -21.12
CA ASP A 219 14.83 -31.10 -22.42
C ASP A 219 14.42 -29.63 -22.36
N LYS A 220 13.33 -29.32 -21.65
CA LYS A 220 12.81 -27.95 -21.66
C LYS A 220 12.31 -27.51 -20.29
N SER A 221 11.05 -27.09 -20.20
CA SER A 221 10.50 -26.50 -18.99
C SER A 221 9.16 -27.16 -18.69
N THR A 222 8.70 -26.98 -17.45
CA THR A 222 7.50 -27.67 -17.00
C THR A 222 6.28 -27.17 -17.78
N GLY A 223 5.66 -28.07 -18.55
CA GLY A 223 4.52 -27.73 -19.38
C GLY A 223 4.85 -27.41 -20.82
N TRP A 224 6.14 -27.37 -21.17
CA TRP A 224 6.53 -27.09 -22.56
C TRP A 224 5.88 -28.08 -23.53
N TYR A 225 5.87 -29.36 -23.17
CA TYR A 225 5.41 -30.40 -24.08
C TYR A 225 3.91 -30.36 -24.33
N ASP A 226 3.15 -29.57 -23.54
CA ASP A 226 1.72 -29.42 -23.78
C ASP A 226 1.42 -28.33 -24.79
N ARG A 227 2.43 -27.58 -25.21
CA ARG A 227 2.28 -26.64 -26.30
C ARG A 227 2.45 -27.38 -27.63
N GLY A 228 2.40 -26.64 -28.72
CA GLY A 228 2.40 -27.29 -30.03
C GLY A 228 3.71 -27.99 -30.31
N LEU A 229 3.61 -29.19 -30.92
CA LEU A 229 4.79 -29.85 -31.43
C LEU A 229 5.54 -28.94 -32.40
N THR A 230 4.80 -28.12 -33.16
CA THR A 230 5.44 -27.26 -34.14
C THR A 230 6.40 -26.28 -33.48
N GLU A 231 6.01 -25.73 -32.33
CA GLU A 231 6.90 -24.82 -31.62
C GLU A 231 8.17 -25.55 -31.17
N THR A 232 8.03 -26.79 -30.72
CA THR A 232 9.22 -27.56 -30.32
C THR A 232 10.20 -27.72 -31.48
N VAL A 233 9.71 -28.04 -32.68
CA VAL A 233 10.65 -28.18 -33.79
C VAL A 233 11.20 -26.81 -34.19
N LEU A 234 10.35 -25.79 -34.24
CA LEU A 234 10.82 -24.47 -34.67
C LEU A 234 11.84 -23.88 -33.71
N GLU A 235 11.63 -24.05 -32.40
CA GLU A 235 12.59 -23.52 -31.45
C GLU A 235 13.86 -24.35 -31.43
N ALA A 236 13.75 -25.66 -31.67
CA ALA A 236 14.96 -26.47 -31.84
C ALA A 236 15.80 -25.96 -32.99
N ILE A 237 15.15 -25.58 -34.09
CA ILE A 237 15.87 -25.00 -35.22
C ILE A 237 16.52 -23.69 -34.80
N ALA A 238 15.76 -22.82 -34.13
CA ALA A 238 16.28 -21.50 -33.76
C ALA A 238 17.45 -21.63 -32.80
N PHE A 239 17.34 -22.51 -31.79
CA PHE A 239 18.43 -22.71 -30.85
C PHE A 239 19.60 -23.45 -31.47
N GLY A 240 19.46 -23.98 -32.67
CA GLY A 240 20.51 -24.78 -33.26
C GLY A 240 20.68 -26.15 -32.66
N GLU A 241 19.65 -26.68 -31.99
CA GLU A 241 19.71 -28.04 -31.44
C GLU A 241 19.31 -29.08 -32.47
N VAL A 242 19.73 -28.91 -33.71
CA VAL A 242 19.37 -29.83 -34.79
C VAL A 242 20.08 -29.47 -36.08
N GLU A 246 26.20 -25.06 -37.59
CA GLU A 246 27.14 -24.33 -36.76
C GLU A 246 26.68 -22.90 -36.51
N VAL A 247 26.51 -22.54 -35.24
CA VAL A 247 26.03 -21.24 -34.83
C VAL A 247 27.13 -20.47 -34.13
N ASP A 248 27.09 -19.15 -34.27
CA ASP A 248 27.98 -18.24 -33.56
C ASP A 248 27.14 -17.51 -32.51
N TRP A 249 27.20 -17.98 -31.26
CA TRP A 249 26.46 -17.30 -30.19
C TRP A 249 27.10 -15.95 -29.90
N ARG A 250 26.29 -14.91 -29.96
CA ARG A 250 26.75 -13.55 -29.74
C ARG A 250 25.79 -12.82 -28.80
N CYS A 251 26.34 -11.85 -28.08
CA CYS A 251 25.57 -10.87 -27.33
C CYS A 251 26.15 -9.48 -27.64
N ILE A 252 25.46 -8.46 -27.16
CA ILE A 252 25.76 -7.07 -27.51
C ILE A 252 26.46 -6.42 -26.33
N ASP A 253 27.65 -5.88 -26.58
CA ASP A 253 28.44 -5.23 -25.53
C ASP A 253 27.66 -4.04 -24.96
N GLY A 254 27.38 -4.10 -23.67
CA GLY A 254 26.58 -3.10 -23.01
C GLY A 254 25.10 -3.46 -22.88
N GLY A 255 24.68 -4.61 -23.41
CA GLY A 255 23.31 -5.03 -23.31
C GLY A 255 22.56 -4.84 -24.62
N SER A 256 21.48 -5.60 -24.76
CA SER A 256 20.73 -5.57 -26.01
C SER A 256 20.11 -4.21 -26.30
N HIS A 257 19.97 -3.35 -25.29
CA HIS A 257 19.40 -2.03 -25.52
C HIS A 257 20.20 -1.24 -26.54
N VAL A 258 21.48 -1.56 -26.73
CA VAL A 258 22.28 -0.84 -27.70
C VAL A 258 21.69 -0.96 -29.09
N LEU A 259 21.08 -2.10 -29.42
CA LEU A 259 20.54 -2.29 -30.76
C LEU A 259 19.41 -1.30 -31.06
N PRO A 260 18.31 -1.29 -30.30
CA PRO A 260 17.28 -0.28 -30.58
C PRO A 260 17.75 1.15 -30.36
N ASP A 261 18.65 1.39 -29.40
CA ASP A 261 19.20 2.74 -29.25
C ASP A 261 19.93 3.17 -30.53
N THR A 262 20.69 2.26 -31.13
CA THR A 262 21.43 2.59 -32.35
C THR A 262 20.49 2.83 -33.52
N ILE A 263 19.40 2.06 -33.60
CA ILE A 263 18.43 2.30 -34.66
C ILE A 263 17.79 3.66 -34.48
N ALA A 264 17.36 3.97 -33.25
CA ALA A 264 16.73 5.26 -32.98
C ALA A 264 17.66 6.40 -33.37
N ALA A 265 18.94 6.29 -33.01
CA ALA A 265 19.90 7.32 -33.39
C ALA A 265 20.04 7.41 -34.90
N PHE A 266 20.08 6.27 -35.59
CA PHE A 266 20.21 6.29 -37.04
C PHE A 266 19.04 7.00 -37.69
N LEU A 267 17.82 6.74 -37.20
CA LEU A 267 16.64 7.39 -37.79
C LEU A 267 16.58 8.87 -37.44
N HIS A 268 17.15 9.25 -36.30
CA HIS A 268 17.12 10.60 -35.76
C HIS A 268 18.28 11.50 -36.23
N LYS A 269 19.19 11.00 -37.06
CA LYS A 269 20.43 11.73 -37.29
C LYS A 269 20.19 13.07 -37.98
N LYS A 270 19.41 13.08 -39.06
CA LYS A 270 19.17 14.30 -39.82
C LYS A 270 17.80 14.85 -39.46
N GLY A 271 17.78 15.99 -38.77
CA GLY A 271 16.52 16.58 -38.34
C GLY A 271 15.82 15.71 -37.33
N GLY A 272 15.44 14.51 -37.74
CA GLY A 272 14.94 13.52 -36.81
C GLY A 272 13.52 13.07 -37.13
N ASN A 273 13.36 11.75 -37.24
CA ASN A 273 12.05 11.12 -37.29
C ASN A 273 11.55 11.01 -35.85
N ALA A 274 11.07 12.13 -35.32
CA ALA A 274 10.60 12.17 -33.95
C ALA A 274 9.60 11.04 -33.70
N PHE A 275 9.66 10.48 -32.51
CA PHE A 275 8.74 9.43 -32.10
C PHE A 275 7.67 10.06 -31.21
N VAL A 276 6.46 9.51 -31.29
CA VAL A 276 5.37 9.90 -30.42
C VAL A 276 5.44 8.97 -29.21
N MET A 277 6.05 9.46 -28.14
CA MET A 277 6.26 8.69 -26.92
C MET A 277 5.14 8.94 -25.93
N ASN A 278 5.00 8.03 -24.98
CA ASN A 278 4.01 8.17 -23.90
C ASN A 278 2.61 8.36 -24.48
N ALA A 279 2.30 7.61 -25.55
CA ALA A 279 1.01 7.69 -26.23
C ALA A 279 0.54 6.26 -26.44
N SER A 280 -0.23 5.75 -25.49
CA SER A 280 -0.75 4.39 -25.58
CA SER A 280 -0.75 4.39 -25.58
C SER A 280 -1.92 4.34 -26.56
N VAL A 281 -1.83 3.42 -27.53
CA VAL A 281 -2.88 3.29 -28.53
C VAL A 281 -4.12 2.67 -27.89
N THR A 282 -5.28 3.30 -28.11
CA THR A 282 -6.55 2.79 -27.62
C THR A 282 -7.53 2.41 -28.71
N ALA A 283 -7.32 2.86 -29.95
CA ALA A 283 -8.24 2.53 -31.04
C ALA A 283 -7.51 2.56 -32.37
N ILE A 284 -7.86 1.62 -33.24
CA ILE A 284 -7.33 1.57 -34.60
C ILE A 284 -8.50 1.23 -35.52
N GLY A 285 -8.69 2.02 -36.56
CA GLY A 285 -9.76 1.73 -37.50
C GLY A 285 -9.76 2.73 -38.64
N LEU A 286 -10.47 2.36 -39.70
CA LEU A 286 -10.66 3.25 -40.84
C LEU A 286 -11.48 4.46 -40.42
N GLU A 287 -11.12 5.62 -40.95
CA GLU A 287 -11.91 6.82 -40.70
C GLU A 287 -13.34 6.62 -41.18
N ASN A 288 -13.51 6.05 -42.36
CA ASN A 288 -14.83 5.71 -42.89
C ASN A 288 -14.71 4.36 -43.59
N PRO A 289 -15.13 3.27 -42.95
CA PRO A 289 -14.93 1.94 -43.57
C PRO A 289 -15.69 1.75 -44.88
N ASN A 290 -16.64 2.63 -45.21
CA ASN A 290 -17.38 2.52 -46.45
C ASN A 290 -16.68 3.19 -47.62
N LYS A 291 -15.66 4.00 -47.37
CA LYS A 291 -14.89 4.63 -48.43
C LYS A 291 -13.64 3.81 -48.71
N GLU A 292 -13.38 3.53 -49.98
CA GLU A 292 -12.26 2.66 -50.34
C GLU A 292 -10.93 3.32 -50.01
N ASP A 293 -10.81 4.63 -50.27
CA ASP A 293 -9.59 5.37 -50.01
C ASP A 293 -9.50 5.89 -48.58
N SER A 294 -10.35 5.42 -47.69
CA SER A 294 -10.39 5.95 -46.33
C SER A 294 -9.02 5.79 -45.67
N PRO A 295 -8.49 6.83 -45.02
CA PRO A 295 -7.27 6.66 -44.24
C PRO A 295 -7.54 5.93 -42.93
N MET A 296 -6.44 5.48 -42.30
CA MET A 296 -6.50 4.91 -40.97
C MET A 296 -6.46 6.01 -39.92
N VAL A 297 -7.14 5.79 -38.80
CA VAL A 297 -7.08 6.68 -37.65
C VAL A 297 -6.60 5.86 -36.46
N VAL A 298 -5.58 6.35 -35.78
CA VAL A 298 -5.05 5.74 -34.56
C VAL A 298 -5.28 6.73 -33.43
N VAL A 299 -5.97 6.28 -32.39
CA VAL A 299 -6.15 7.08 -31.18
C VAL A 299 -5.10 6.61 -30.17
N ALA A 300 -4.18 7.51 -29.80
CA ALA A 300 -3.12 7.20 -28.87
C ALA A 300 -2.86 8.42 -28.00
N GLY A 301 -2.82 8.21 -26.68
CA GLY A 301 -2.63 9.31 -25.77
C GLY A 301 -3.69 10.38 -25.86
N GLY A 302 -4.91 10.00 -26.23
CA GLY A 302 -5.99 10.97 -26.31
C GLY A 302 -6.05 11.80 -27.57
N GLN A 303 -5.19 11.54 -28.54
CA GLN A 303 -5.14 12.29 -29.80
C GLN A 303 -5.39 11.35 -30.98
N LYS A 304 -6.12 11.86 -31.96
CA LYS A 304 -6.36 11.13 -33.21
C LYS A 304 -5.23 11.43 -34.19
N ARG A 305 -4.64 10.38 -34.76
CA ARG A 305 -3.60 10.53 -35.76
C ARG A 305 -3.98 9.69 -36.97
N LYS A 306 -3.89 10.30 -38.16
CA LYS A 306 -4.31 9.68 -39.40
C LYS A 306 -3.11 9.25 -40.23
N TYR A 307 -3.24 8.09 -40.86
CA TYR A 307 -2.19 7.52 -41.69
C TYR A 307 -2.82 6.81 -42.88
N SER A 308 -2.04 6.70 -43.96
CA SER A 308 -2.52 5.93 -45.11
C SER A 308 -2.57 4.44 -44.79
N HIS A 309 -1.50 3.91 -44.20
CA HIS A 309 -1.45 2.54 -43.74
C HIS A 309 -0.88 2.51 -42.32
N VAL A 310 -1.21 1.44 -41.60
CA VAL A 310 -0.73 1.24 -40.24
C VAL A 310 -0.04 -0.13 -40.17
N ILE A 311 1.17 -0.14 -39.65
CA ILE A 311 1.89 -1.36 -39.32
C ILE A 311 1.85 -1.48 -37.80
N SER A 312 1.14 -2.49 -37.30
CA SER A 312 1.07 -2.73 -35.87
C SER A 312 2.14 -3.74 -35.46
N THR A 313 2.92 -3.41 -34.42
CA THR A 313 3.81 -4.38 -33.79
C THR A 313 3.34 -4.70 -32.37
N LEU A 314 2.10 -4.34 -32.03
CA LEU A 314 1.59 -4.62 -30.69
C LEU A 314 1.35 -6.12 -30.52
N PRO A 315 1.73 -6.69 -29.37
CA PRO A 315 1.40 -8.08 -29.11
C PRO A 315 -0.09 -8.34 -29.31
N LEU A 316 -0.41 -9.56 -29.72
CA LEU A 316 -1.81 -9.93 -29.92
C LEU A 316 -2.67 -9.66 -28.69
N PRO A 317 -2.26 -10.02 -27.48
CA PRO A 317 -3.10 -9.71 -26.31
C PRO A 317 -3.32 -8.23 -26.13
N VAL A 318 -2.35 -7.40 -26.51
CA VAL A 318 -2.52 -5.95 -26.43
C VAL A 318 -3.55 -5.48 -27.43
N LEU A 319 -3.52 -6.03 -28.66
CA LEU A 319 -4.53 -5.68 -29.64
C LEU A 319 -5.93 -6.00 -29.13
N ARG A 320 -6.05 -7.03 -28.29
CA ARG A 320 -7.35 -7.39 -27.73
C ARG A 320 -7.85 -6.35 -26.73
N THR A 321 -6.99 -5.47 -26.25
CA THR A 321 -7.40 -4.37 -25.38
C THR A 321 -7.61 -3.07 -26.14
N VAL A 322 -7.41 -3.09 -27.45
CA VAL A 322 -7.58 -1.92 -28.31
C VAL A 322 -8.90 -2.03 -29.05
N ASP A 323 -9.60 -0.91 -29.18
CA ASP A 323 -10.85 -0.86 -29.93
C ASP A 323 -10.52 -0.97 -31.41
N LEU A 324 -10.78 -2.13 -31.99
CA LEU A 324 -10.52 -2.37 -33.41
C LEU A 324 -11.78 -2.25 -34.26
N LYS A 325 -12.84 -1.65 -33.71
CA LYS A 325 -13.99 -1.32 -34.54
C LYS A 325 -13.55 -0.41 -35.67
N ASN A 326 -14.02 -0.70 -36.87
CA ASN A 326 -13.72 -0.01 -38.12
C ASN A 326 -12.39 -0.47 -38.73
N SER A 327 -11.70 -1.44 -38.12
CA SER A 327 -10.58 -2.11 -38.79
C SER A 327 -11.03 -3.33 -39.57
N LYS A 328 -12.28 -3.74 -39.43
CA LYS A 328 -12.89 -4.75 -40.29
C LYS A 328 -12.06 -6.04 -40.35
N LEU A 329 -11.63 -6.51 -39.19
CA LEU A 329 -11.02 -7.83 -39.12
C LEU A 329 -12.06 -8.87 -39.54
N ASP A 330 -11.65 -9.85 -40.32
CA ASP A 330 -12.57 -10.93 -40.60
C ASP A 330 -12.63 -11.86 -39.38
N ILE A 331 -13.61 -12.76 -39.39
CA ILE A 331 -13.91 -13.56 -38.21
C ILE A 331 -12.73 -14.43 -37.81
N VAL A 332 -11.89 -14.84 -38.77
CA VAL A 332 -10.74 -15.66 -38.44
C VAL A 332 -9.68 -14.81 -37.74
N GLN A 333 -9.43 -13.61 -38.26
CA GLN A 333 -8.44 -12.72 -37.67
C GLN A 333 -8.80 -12.38 -36.22
N SER A 334 -10.06 -12.05 -35.97
CA SER A 334 -10.47 -11.67 -34.62
C SER A 334 -10.39 -12.88 -33.68
N ASN A 335 -10.71 -14.07 -34.18
CA ASN A 335 -10.46 -15.28 -33.39
C ASN A 335 -8.97 -15.46 -33.13
N ALA A 336 -8.14 -15.18 -34.14
CA ALA A 336 -6.71 -15.37 -33.99
C ALA A 336 -6.14 -14.49 -32.89
N LEU A 337 -6.59 -13.24 -32.79
CA LEU A 337 -6.06 -12.35 -31.76
C LEU A 337 -6.25 -12.96 -30.37
N ARG A 338 -7.34 -13.70 -30.16
CA ARG A 338 -7.63 -14.29 -28.86
C ARG A 338 -6.95 -15.63 -28.65
N LYS A 339 -6.97 -16.49 -29.66
CA LYS A 339 -6.60 -17.90 -29.47
C LYS A 339 -5.11 -18.17 -29.65
N LEU A 340 -4.45 -17.47 -30.57
CA LEU A 340 -3.01 -17.68 -30.78
C LEU A 340 -2.27 -17.49 -29.45
N GLN A 341 -1.71 -18.57 -28.92
CA GLN A 341 -1.33 -18.60 -27.51
C GLN A 341 0.01 -17.94 -27.26
N TYR A 342 0.10 -17.24 -26.13
CA TYR A 342 1.33 -16.66 -25.63
C TYR A 342 1.87 -17.50 -24.48
N GLY A 343 3.16 -17.35 -24.23
CA GLY A 343 3.83 -18.05 -23.16
C GLY A 343 4.44 -17.09 -22.16
N PRO A 344 4.62 -17.55 -20.94
CA PRO A 344 5.14 -16.68 -19.87
C PRO A 344 6.65 -16.82 -19.72
N SER A 345 7.23 -15.86 -19.01
CA SER A 345 8.64 -15.96 -18.65
C SER A 345 8.95 -14.96 -17.54
N ILE A 346 9.92 -15.32 -16.69
CA ILE A 346 10.42 -14.42 -15.66
C ILE A 346 11.95 -14.50 -15.66
N LYS A 347 12.57 -13.42 -15.21
CA LYS A 347 14.00 -13.41 -14.96
C LYS A 347 14.23 -12.73 -13.62
N ILE A 348 15.28 -13.16 -12.91
CA ILE A 348 15.70 -12.55 -11.66
C ILE A 348 17.19 -12.31 -11.76
N GLY A 349 17.58 -11.04 -11.74
CA GLY A 349 18.99 -10.66 -11.74
C GLY A 349 19.42 -10.22 -10.35
N ILE A 350 20.62 -10.64 -9.97
CA ILE A 350 21.15 -10.33 -8.65
C ILE A 350 22.57 -9.77 -8.81
N LEU A 351 22.79 -8.58 -8.28
CA LEU A 351 24.13 -8.03 -8.18
C LEU A 351 24.80 -8.58 -6.93
N PHE A 352 25.95 -9.23 -7.10
CA PHE A 352 26.76 -9.73 -6.00
C PHE A 352 27.97 -8.82 -5.82
N LYS A 353 28.71 -9.05 -4.73
CA LYS A 353 29.94 -8.31 -4.48
C LYS A 353 31.10 -8.78 -5.33
N GLU A 354 30.99 -9.93 -5.97
CA GLU A 354 32.08 -10.50 -6.76
C GLU A 354 31.49 -11.57 -7.67
N PRO A 355 32.18 -11.94 -8.74
CA PRO A 355 31.69 -13.06 -9.58
C PRO A 355 32.09 -14.40 -8.99
N TRP A 356 31.45 -14.73 -7.87
CA TRP A 356 31.83 -15.92 -7.10
C TRP A 356 31.76 -17.19 -7.95
N TRP A 357 30.89 -17.21 -8.96
CA TRP A 357 30.83 -18.36 -9.86
C TRP A 357 32.12 -18.56 -10.63
N THR A 358 32.93 -17.51 -10.78
CA THR A 358 34.19 -17.57 -11.51
C THR A 358 35.38 -17.80 -10.59
N THR A 359 35.39 -17.16 -9.42
CA THR A 359 36.54 -17.20 -8.53
C THR A 359 36.31 -18.00 -7.26
N GLY A 360 35.07 -18.41 -6.96
CA GLY A 360 34.75 -19.00 -5.69
C GLY A 360 34.89 -20.51 -5.66
N GLN A 361 34.54 -21.08 -4.52
CA GLN A 361 34.60 -22.51 -4.29
C GLN A 361 33.38 -22.94 -3.49
N ASP A 362 33.00 -24.21 -3.62
CA ASP A 362 31.83 -24.73 -2.94
C ASP A 362 32.23 -25.06 -1.50
N LYS A 363 31.31 -25.67 -0.73
CA LYS A 363 31.57 -25.91 0.68
C LYS A 363 32.65 -26.95 0.94
N ASN A 364 33.09 -27.68 -0.08
CA ASN A 364 34.14 -28.67 0.06
C ASN A 364 35.46 -28.19 -0.55
N GLY A 365 35.54 -26.93 -0.95
CA GLY A 365 36.76 -26.38 -1.48
C GLY A 365 36.92 -26.53 -2.97
N GLU A 366 35.97 -27.14 -3.66
CA GLU A 366 36.05 -27.31 -5.10
C GLU A 366 35.60 -26.01 -5.78
N LYS A 367 36.42 -25.52 -6.71
CA LYS A 367 36.14 -24.26 -7.37
C LYS A 367 35.08 -24.44 -8.46
N PHE A 368 34.13 -23.50 -8.50
CA PHE A 368 33.10 -23.55 -9.54
C PHE A 368 33.73 -23.40 -10.92
N ASP A 369 34.62 -22.42 -11.07
CA ASP A 369 35.38 -22.23 -12.30
C ASP A 369 34.44 -22.05 -13.49
N LEU A 370 33.42 -21.22 -13.32
CA LEU A 370 32.42 -20.98 -14.34
C LEU A 370 32.63 -19.61 -14.97
N VAL A 371 32.67 -19.56 -16.30
CA VAL A 371 32.78 -18.33 -17.05
C VAL A 371 31.70 -18.38 -18.14
N GLY A 372 30.69 -17.52 -18.04
CA GLY A 372 29.56 -17.65 -18.91
C GLY A 372 28.89 -18.99 -18.69
N GLY A 373 28.15 -19.42 -19.69
CA GLY A 373 27.45 -20.68 -19.62
C GLY A 373 26.23 -20.62 -18.71
N GLN A 374 25.72 -21.79 -18.40
CA GLN A 374 24.46 -21.92 -17.69
C GLN A 374 24.50 -23.15 -16.80
N SER A 375 23.67 -23.13 -15.75
CA SER A 375 23.40 -24.28 -14.92
C SER A 375 21.91 -24.57 -14.94
N TYR A 376 21.55 -25.84 -14.73
CA TYR A 376 20.18 -26.29 -14.86
C TYR A 376 19.76 -27.08 -13.64
N THR A 377 18.48 -26.96 -13.28
CA THR A 377 17.97 -27.65 -12.11
C THR A 377 16.46 -27.79 -12.25
N ASP A 378 15.90 -28.78 -11.54
CA ASP A 378 14.46 -28.89 -11.44
C ASP A 378 13.90 -28.06 -10.28
N LEU A 379 14.76 -27.35 -9.55
CA LEU A 379 14.31 -26.42 -8.52
C LEU A 379 13.59 -25.22 -9.17
N PRO A 380 12.80 -24.50 -8.37
CA PRO A 380 12.01 -23.40 -8.95
C PRO A 380 12.77 -22.43 -9.85
N ILE A 381 14.06 -22.16 -9.58
CA ILE A 381 14.78 -21.20 -10.42
C ILE A 381 15.06 -21.79 -11.80
N ARG A 382 15.09 -23.11 -11.92
CA ARG A 382 15.21 -23.83 -13.19
C ARG A 382 16.52 -23.59 -13.94
N THR A 383 16.83 -22.34 -14.27
CA THR A 383 17.99 -22.02 -15.09
C THR A 383 18.76 -20.84 -14.49
N VAL A 384 20.08 -20.98 -14.40
CA VAL A 384 20.99 -19.93 -13.96
C VAL A 384 21.89 -19.59 -15.14
N VAL A 385 22.05 -18.29 -15.40
CA VAL A 385 22.84 -17.83 -16.55
C VAL A 385 23.95 -16.93 -16.05
N TYR A 386 25.20 -17.35 -16.25
CA TYR A 386 26.36 -16.55 -15.88
C TYR A 386 26.71 -15.61 -17.03
N PRO A 387 27.13 -14.38 -16.73
CA PRO A 387 27.33 -13.41 -17.82
C PRO A 387 28.55 -13.73 -18.67
N SER A 388 28.40 -13.53 -19.98
CA SER A 388 29.52 -13.63 -20.91
C SER A 388 30.15 -12.28 -21.19
N TYR A 389 29.43 -11.18 -20.95
CA TYR A 389 29.94 -9.85 -21.19
C TYR A 389 30.91 -9.44 -20.08
N GLY A 390 32.04 -8.88 -20.46
CA GLY A 390 32.99 -8.31 -19.53
C GLY A 390 33.91 -9.29 -18.84
N VAL A 391 33.86 -10.57 -19.20
CA VAL A 391 34.58 -11.58 -18.43
C VAL A 391 36.08 -11.35 -18.45
N ASN A 392 36.60 -10.78 -19.53
CA ASN A 392 38.03 -10.62 -19.69
C ASN A 392 38.54 -9.23 -19.37
N THR A 393 37.65 -8.31 -18.99
CA THR A 393 38.05 -6.96 -18.65
C THR A 393 38.59 -6.90 -17.23
N ASN A 394 39.07 -5.72 -16.83
CA ASN A 394 39.57 -5.54 -15.47
C ASN A 394 38.47 -5.32 -14.45
N ALA A 395 37.21 -5.20 -14.90
CA ALA A 395 36.06 -5.09 -14.02
C ALA A 395 34.98 -6.04 -14.53
N PRO A 396 35.18 -7.34 -14.38
CA PRO A 396 34.15 -8.29 -14.84
C PRO A 396 32.83 -8.05 -14.12
N SER A 397 31.76 -8.55 -14.74
CA SER A 397 30.43 -8.38 -14.19
C SER A 397 30.32 -9.11 -12.86
N ASN A 398 29.65 -8.46 -11.91
CA ASN A 398 29.25 -9.08 -10.66
C ASN A 398 27.78 -9.46 -10.66
N THR A 399 27.13 -9.42 -11.83
CA THR A 399 25.69 -9.59 -11.94
C THR A 399 25.36 -10.95 -12.50
N LEU A 400 24.44 -11.64 -11.84
CA LEU A 400 24.02 -12.98 -12.20
C LEU A 400 22.54 -12.98 -12.57
N ILE A 401 22.19 -13.76 -13.59
CA ILE A 401 20.78 -14.11 -13.82
C ILE A 401 20.52 -15.34 -12.96
N ALA A 402 20.01 -15.11 -11.75
CA ALA A 402 19.83 -16.19 -10.77
C ALA A 402 18.68 -17.11 -11.15
N SER A 403 17.74 -16.63 -11.98
CA SER A 403 16.62 -17.45 -12.40
C SER A 403 16.10 -16.98 -13.75
N TYR A 404 15.85 -17.93 -14.63
CA TYR A 404 15.24 -17.66 -15.93
C TYR A 404 14.31 -18.83 -16.22
N CYS A 405 12.99 -18.59 -16.14
CA CYS A 405 11.99 -19.64 -16.19
C CYS A 405 11.04 -19.45 -17.36
N TRP A 406 10.42 -20.57 -17.75
CA TRP A 406 9.41 -20.63 -18.79
C TRP A 406 8.17 -21.37 -18.27
N THR A 407 7.09 -21.30 -19.07
CA THR A 407 5.88 -22.10 -18.85
C THR A 407 5.50 -22.18 -17.37
N ASN A 408 5.18 -23.37 -16.86
CA ASN A 408 4.64 -23.45 -15.50
C ASN A 408 5.62 -22.87 -14.47
N ASP A 409 6.92 -23.09 -14.66
CA ASP A 409 7.89 -22.58 -13.70
C ASP A 409 7.81 -21.06 -13.61
N ALA A 410 7.64 -20.40 -14.76
CA ALA A 410 7.53 -18.94 -14.75
C ALA A 410 6.19 -18.48 -14.18
N GLU A 411 5.11 -19.21 -14.48
CA GLU A 411 3.81 -18.88 -13.91
C GLU A 411 3.84 -18.94 -12.39
N ARG A 412 4.41 -20.02 -11.83
CA ARG A 412 4.47 -20.14 -10.39
C ARG A 412 5.35 -19.05 -9.79
N MET A 413 6.57 -18.88 -10.31
CA MET A 413 7.47 -17.90 -9.72
C MET A 413 6.90 -16.49 -9.83
N GLY A 414 6.08 -16.22 -10.85
CA GLY A 414 5.55 -14.88 -11.03
C GLY A 414 4.75 -14.37 -9.86
N SER A 415 4.16 -15.27 -9.07
CA SER A 415 3.37 -14.85 -7.92
C SER A 415 4.23 -14.17 -6.85
N LEU A 416 5.53 -14.38 -6.87
CA LEU A 416 6.43 -13.77 -5.90
C LEU A 416 7.11 -12.50 -6.43
N ILE A 417 6.84 -12.13 -7.68
CA ILE A 417 7.50 -10.99 -8.33
C ILE A 417 6.50 -9.84 -8.46
N GLY A 418 6.98 -8.63 -8.19
CA GLY A 418 6.15 -7.46 -8.36
C GLY A 418 4.96 -7.38 -7.42
N THR A 419 5.07 -7.95 -6.23
CA THR A 419 3.98 -7.86 -5.27
C THR A 419 3.90 -6.50 -4.61
N GLY A 420 5.01 -5.77 -4.58
CA GLY A 420 5.09 -4.52 -3.85
C GLY A 420 5.23 -4.66 -2.35
N ALA A 421 5.33 -5.88 -1.84
CA ALA A 421 5.41 -6.14 -0.41
C ALA A 421 6.82 -6.60 -0.04
N ALA A 422 7.42 -5.92 0.94
CA ALA A 422 8.77 -6.29 1.37
C ALA A 422 8.86 -7.75 1.78
N THR A 423 7.81 -8.28 2.41
CA THR A 423 7.88 -9.65 2.93
C THR A 423 8.00 -10.66 1.79
N TYR A 424 7.43 -10.38 0.63
CA TYR A 424 7.52 -11.31 -0.49
C TYR A 424 8.81 -11.14 -1.29
N GLU A 425 9.31 -9.91 -1.40
CA GLU A 425 10.67 -9.72 -1.90
C GLU A 425 11.68 -10.52 -1.07
N GLU A 426 11.54 -10.49 0.25
CA GLU A 426 12.42 -11.28 1.12
CA GLU A 426 12.42 -11.28 1.12
C GLU A 426 12.23 -12.78 0.87
N GLN A 427 10.98 -13.24 0.82
CA GLN A 427 10.72 -14.64 0.51
C GLN A 427 11.33 -15.02 -0.82
N LEU A 428 11.19 -14.16 -1.83
CA LEU A 428 11.74 -14.45 -3.15
C LEU A 428 13.25 -14.57 -3.09
N GLU A 429 13.91 -13.57 -2.49
CA GLU A 429 15.37 -13.58 -2.42
C GLU A 429 15.86 -14.84 -1.72
N HIS A 430 15.25 -15.19 -0.59
CA HIS A 430 15.69 -16.36 0.15
C HIS A 430 15.49 -17.65 -0.64
N LEU A 431 14.36 -17.77 -1.33
CA LEU A 431 14.12 -18.93 -2.17
C LEU A 431 15.17 -19.02 -3.27
N VAL A 432 15.44 -17.91 -3.94
CA VAL A 432 16.42 -17.92 -5.03
C VAL A 432 17.80 -18.30 -4.50
N LEU A 433 18.23 -17.66 -3.41
CA LEU A 433 19.55 -17.96 -2.87
C LEU A 433 19.65 -19.40 -2.40
N SER A 434 18.59 -19.92 -1.78
CA SER A 434 18.57 -21.32 -1.35
C SER A 434 18.69 -22.25 -2.55
N ASN A 435 17.91 -22.01 -3.60
CA ASN A 435 18.04 -22.81 -4.81
C ASN A 435 19.46 -22.72 -5.37
N LEU A 436 20.00 -21.50 -5.45
CA LEU A 436 21.36 -21.33 -5.95
C LEU A 436 22.37 -22.10 -5.09
N ALA A 437 22.20 -22.04 -3.77
CA ALA A 437 23.12 -22.74 -2.89
C ALA A 437 23.10 -24.24 -3.14
N ALA A 438 21.91 -24.81 -3.31
CA ALA A 438 21.79 -26.24 -3.54
C ALA A 438 22.36 -26.63 -4.90
N VAL A 439 22.19 -25.78 -5.92
CA VAL A 439 22.72 -26.10 -7.25
C VAL A 439 24.24 -26.16 -7.21
N HIS A 440 24.88 -25.19 -6.56
CA HIS A 440 26.33 -25.06 -6.58
C HIS A 440 27.01 -25.72 -5.39
N ASN A 441 26.25 -26.25 -4.44
CA ASN A 441 26.80 -26.93 -3.26
C ASN A 441 27.50 -25.94 -2.32
N THR A 442 26.83 -24.83 -2.04
CA THR A 442 27.24 -23.88 -1.03
C THR A 442 26.16 -23.81 0.04
N ASP A 443 26.46 -23.13 1.13
CA ASP A 443 25.43 -22.82 2.12
C ASP A 443 24.72 -21.53 1.72
N TYR A 444 23.54 -21.32 2.31
CA TYR A 444 22.78 -20.10 2.02
C TYR A 444 23.58 -18.87 2.40
N GLN A 445 24.25 -18.88 3.55
CA GLN A 445 24.92 -17.67 4.02
C GLN A 445 26.08 -17.26 3.13
N TYR A 446 26.73 -18.22 2.47
CA TYR A 446 27.80 -17.87 1.53
C TYR A 446 27.29 -16.91 0.47
N LEU A 447 26.10 -17.16 -0.07
CA LEU A 447 25.55 -16.30 -1.11
C LEU A 447 24.88 -15.05 -0.53
N LYS A 448 24.21 -15.19 0.62
CA LYS A 448 23.60 -14.01 1.25
C LYS A 448 24.65 -12.97 1.57
N ASP A 449 25.79 -13.38 2.13
CA ASP A 449 26.86 -12.45 2.45
C ASP A 449 27.37 -11.69 1.23
N ARG A 450 27.19 -12.24 0.03
CA ARG A 450 27.70 -11.62 -1.18
C ARG A 450 26.63 -10.87 -1.95
N LEU A 451 25.38 -10.90 -1.51
CA LEU A 451 24.30 -10.27 -2.25
C LEU A 451 24.28 -8.78 -1.99
N VAL A 452 24.06 -8.00 -3.05
CA VAL A 452 23.99 -6.56 -2.95
C VAL A 452 22.58 -6.06 -3.31
N ASP A 453 22.10 -6.41 -4.50
CA ASP A 453 20.79 -5.96 -4.94
CA ASP A 453 20.79 -5.96 -4.94
C ASP A 453 20.12 -7.03 -5.79
N VAL A 454 18.80 -6.95 -5.88
CA VAL A 454 17.98 -7.90 -6.62
C VAL A 454 17.01 -7.13 -7.51
N HIS A 455 16.86 -7.59 -8.74
CA HIS A 455 15.87 -7.07 -9.67
C HIS A 455 15.17 -8.25 -10.32
N SER A 456 13.84 -8.20 -10.39
CA SER A 456 13.06 -9.32 -10.91
C SER A 456 11.98 -8.79 -11.84
N TRP A 457 11.60 -9.62 -12.80
CA TRP A 457 10.68 -9.20 -13.84
C TRP A 457 9.83 -10.38 -14.30
N ASP A 458 8.54 -10.12 -14.44
CA ASP A 458 7.56 -11.11 -14.90
C ASP A 458 6.91 -10.54 -16.16
N TRP A 459 7.34 -11.04 -17.33
CA TRP A 459 6.76 -10.57 -18.59
C TRP A 459 5.31 -10.96 -18.74
N ASN A 460 4.80 -11.86 -17.89
CA ASN A 460 3.38 -12.19 -17.89
C ASN A 460 2.60 -11.34 -16.90
N HIS A 461 3.21 -10.33 -16.31
N HIS A 461 3.23 -10.33 -16.29
CA HIS A 461 2.52 -9.33 -15.51
CA HIS A 461 2.57 -9.33 -15.47
C HIS A 461 3.13 -7.98 -15.89
C HIS A 461 3.14 -7.96 -15.89
N ASN A 462 2.85 -7.57 -17.12
CA ASN A 462 3.39 -6.36 -17.71
C ASN A 462 2.39 -5.91 -18.77
N PRO A 463 1.68 -4.80 -18.54
CA PRO A 463 0.65 -4.39 -19.51
C PRO A 463 1.14 -4.19 -20.94
N LEU A 464 2.43 -3.95 -21.14
CA LEU A 464 2.93 -3.64 -22.47
C LEU A 464 3.24 -4.89 -23.29
N THR A 465 3.31 -6.07 -22.66
CA THR A 465 3.53 -7.32 -23.38
C THR A 465 2.43 -8.34 -23.15
N MET A 466 1.87 -8.40 -21.93
CA MET A 466 0.77 -9.32 -21.61
C MET A 466 1.17 -10.76 -21.94
N GLY A 467 2.37 -11.13 -21.51
CA GLY A 467 2.98 -12.39 -21.85
C GLY A 467 4.39 -12.15 -22.30
N ALA A 468 5.25 -13.18 -22.22
CA ALA A 468 6.64 -13.02 -22.66
C ALA A 468 6.72 -12.97 -24.18
N PHE A 469 6.04 -13.90 -24.85
CA PHE A 469 6.14 -13.99 -26.30
C PHE A 469 5.12 -15.03 -26.77
N ALA A 470 4.90 -15.04 -28.08
CA ALA A 470 4.07 -16.08 -28.67
C ALA A 470 4.65 -17.44 -28.35
N PHE A 471 3.78 -18.37 -27.96
CA PHE A 471 4.14 -19.77 -27.72
C PHE A 471 2.91 -20.60 -28.06
N PHE A 472 2.75 -20.87 -29.35
CA PHE A 472 1.48 -21.39 -29.87
C PHE A 472 1.16 -22.78 -29.31
N GLY A 473 -0.13 -23.02 -29.09
CA GLY A 473 -0.62 -24.34 -28.79
C GLY A 473 -0.83 -25.14 -30.04
N PRO A 474 -1.16 -26.42 -29.86
CA PRO A 474 -1.47 -27.26 -31.04
C PRO A 474 -2.62 -26.67 -31.83
N GLY A 475 -2.48 -26.67 -33.16
CA GLY A 475 -3.51 -26.18 -34.04
C GLY A 475 -3.40 -24.72 -34.40
N ASP A 476 -2.70 -23.92 -33.59
CA ASP A 476 -2.63 -22.48 -33.84
C ASP A 476 -2.02 -22.17 -35.20
N PHE A 477 -0.87 -22.79 -35.49
CA PHE A 477 -0.17 -22.48 -36.74
C PHE A 477 -1.00 -22.90 -37.96
N GLN A 478 -1.70 -24.03 -37.87
CA GLN A 478 -2.40 -24.56 -39.03
CA GLN A 478 -2.40 -24.56 -39.03
C GLN A 478 -3.74 -23.88 -39.24
N ASP A 479 -4.35 -23.33 -38.19
CA ASP A 479 -5.71 -22.84 -38.25
C ASP A 479 -5.81 -21.32 -38.33
N LEU A 480 -5.07 -20.61 -37.49
CA LEU A 480 -5.28 -19.19 -37.29
C LEU A 480 -4.10 -18.32 -37.70
N TYR A 481 -2.91 -18.89 -37.84
CA TYR A 481 -1.71 -18.08 -38.06
C TYR A 481 -1.81 -17.30 -39.37
N THR A 482 -2.24 -17.96 -40.44
CA THR A 482 -2.24 -17.30 -41.75
C THR A 482 -3.18 -16.11 -41.78
N SER A 483 -4.26 -16.14 -40.99
CA SER A 483 -5.25 -15.07 -41.08
C SER A 483 -4.63 -13.71 -40.77
N LEU A 484 -3.65 -13.65 -39.88
CA LEU A 484 -3.04 -12.38 -39.52
C LEU A 484 -1.91 -11.96 -40.45
N ASN A 485 -1.47 -12.84 -41.36
CA ASN A 485 -0.56 -12.41 -42.42
C ASN A 485 -1.30 -11.71 -43.55
N ARG A 486 -2.62 -11.84 -43.62
CA ARG A 486 -3.41 -11.00 -44.48
C ARG A 486 -3.67 -9.67 -43.77
N PRO A 487 -3.75 -8.57 -44.51
CA PRO A 487 -4.05 -7.28 -43.88
C PRO A 487 -5.50 -7.21 -43.45
N ALA A 488 -5.81 -6.20 -42.67
CA ALA A 488 -7.18 -5.84 -42.34
C ALA A 488 -7.42 -4.39 -42.77
N ALA A 489 -8.63 -3.90 -42.49
CA ALA A 489 -8.99 -2.51 -42.73
C ALA A 489 -8.76 -2.13 -44.20
N ASN A 490 -9.42 -2.90 -45.08
CA ASN A 490 -9.33 -2.67 -46.53
C ASN A 490 -7.89 -2.64 -47.00
N GLY A 491 -7.09 -3.55 -46.46
CA GLY A 491 -5.69 -3.66 -46.83
C GLY A 491 -4.76 -2.65 -46.17
N LYS A 492 -5.26 -1.82 -45.25
CA LYS A 492 -4.48 -0.73 -44.69
C LYS A 492 -3.99 -1.00 -43.27
N LEU A 493 -4.40 -2.09 -42.63
CA LEU A 493 -3.88 -2.48 -41.33
C LEU A 493 -3.01 -3.73 -41.50
N HIS A 494 -1.74 -3.62 -41.16
CA HIS A 494 -0.79 -4.70 -41.31
C HIS A 494 -0.32 -5.14 -39.93
N PHE A 495 -0.47 -6.43 -39.64
CA PHE A 495 -0.09 -6.98 -38.36
C PHE A 495 1.38 -7.36 -38.43
N ALA A 496 2.14 -6.98 -37.41
CA ALA A 496 3.54 -7.34 -37.30
C ALA A 496 3.86 -7.62 -35.83
N GLY A 497 5.14 -7.82 -35.54
CA GLY A 497 5.56 -8.29 -34.25
C GLY A 497 5.97 -9.76 -34.30
N GLU A 498 6.75 -10.17 -33.29
CA GLU A 498 7.35 -11.50 -33.32
C GLU A 498 6.30 -12.61 -33.41
N ALA A 499 5.10 -12.37 -32.91
CA ALA A 499 4.03 -13.35 -33.09
C ALA A 499 3.80 -13.68 -34.55
N LEU A 500 4.15 -12.76 -35.44
CA LEU A 500 3.91 -12.93 -36.87
C LEU A 500 5.19 -13.48 -37.54
N SER A 501 5.56 -14.68 -37.08
CA SER A 501 6.73 -15.37 -37.60
C SER A 501 6.68 -16.82 -37.14
N VAL A 502 7.59 -17.61 -37.68
CA VAL A 502 7.87 -18.95 -37.17
C VAL A 502 9.12 -18.96 -36.29
N ARG A 503 9.56 -17.79 -35.83
CA ARG A 503 10.66 -17.67 -34.90
C ARG A 503 10.17 -16.91 -33.65
N HIS A 504 9.12 -17.43 -33.04
CA HIS A 504 8.60 -16.83 -31.81
C HIS A 504 9.69 -16.77 -30.76
N ALA A 505 9.66 -15.70 -29.96
CA ALA A 505 10.59 -15.50 -28.86
C ALA A 505 12.01 -15.21 -29.37
N TRP A 506 12.13 -14.69 -30.58
CA TRP A 506 13.41 -14.29 -31.13
C TRP A 506 13.28 -12.93 -31.80
N VAL A 507 14.39 -12.20 -31.83
CA VAL A 507 14.40 -10.92 -32.53
C VAL A 507 14.11 -11.14 -34.02
N VAL A 508 14.69 -12.18 -34.62
CA VAL A 508 14.48 -12.41 -36.05
C VAL A 508 12.99 -12.55 -36.35
N GLY A 509 12.23 -13.15 -35.44
CA GLY A 509 10.79 -13.24 -35.64
C GLY A 509 10.16 -11.88 -35.85
N ALA A 510 10.53 -10.92 -35.02
CA ALA A 510 10.02 -9.57 -35.19
C ALA A 510 10.49 -8.96 -36.51
N LEU A 511 11.75 -9.21 -36.87
CA LEU A 511 12.29 -8.66 -38.12
C LEU A 511 11.58 -9.26 -39.32
N ASP A 512 11.38 -10.58 -39.32
CA ASP A 512 10.64 -11.23 -40.39
C ASP A 512 9.25 -10.62 -40.51
N SER A 513 8.60 -10.36 -39.36
CA SER A 513 7.24 -9.83 -39.40
C SER A 513 7.21 -8.43 -40.02
N ALA A 514 8.27 -7.65 -39.80
CA ALA A 514 8.32 -6.32 -40.38
C ALA A 514 8.56 -6.39 -41.89
N TRP A 515 9.44 -7.30 -42.33
CA TRP A 515 9.65 -7.48 -43.76
C TRP A 515 8.33 -7.80 -44.46
N ARG A 516 7.56 -8.73 -43.91
CA ARG A 516 6.32 -9.13 -44.57
C ARG A 516 5.29 -8.01 -44.56
N ALA A 517 5.24 -7.24 -43.46
CA ALA A 517 4.31 -6.11 -43.40
C ALA A 517 4.66 -5.04 -44.43
N VAL A 518 5.94 -4.67 -44.51
CA VAL A 518 6.37 -3.65 -45.46
C VAL A 518 6.23 -4.17 -46.88
N TYR A 519 6.57 -5.43 -47.10
CA TYR A 519 6.39 -6.02 -48.42
C TYR A 519 4.95 -5.87 -48.90
N ASN A 520 3.99 -6.17 -48.02
CA ASN A 520 2.60 -6.06 -48.41
C ASN A 520 2.22 -4.60 -48.65
N TYR A 521 2.74 -3.69 -47.83
CA TYR A 521 2.48 -2.27 -48.03
C TYR A 521 3.01 -1.82 -49.39
N LEU A 522 4.27 -2.13 -49.70
CA LEU A 522 4.83 -1.76 -50.99
C LEU A 522 4.07 -2.43 -52.13
N TYR A 523 3.68 -3.67 -51.94
CA TYR A 523 3.01 -4.41 -53.01
C TYR A 523 1.72 -3.73 -53.42
N VAL A 524 0.99 -3.16 -52.45
CA VAL A 524 -0.31 -2.55 -52.74
C VAL A 524 -0.25 -1.03 -52.92
N THR A 525 0.84 -0.37 -52.55
CA THR A 525 0.91 1.09 -52.64
C THR A 525 1.97 1.61 -53.60
N ASP A 526 3.14 0.99 -53.68
CA ASP A 526 4.23 1.49 -54.52
C ASP A 526 5.15 0.36 -54.93
N PRO A 527 4.72 -0.45 -55.91
CA PRO A 527 5.56 -1.59 -56.34
C PRO A 527 6.89 -1.19 -56.95
N ALA A 528 7.05 0.06 -57.37
CA ALA A 528 8.34 0.46 -57.95
C ALA A 528 9.49 0.36 -56.95
N LYS A 529 9.19 0.31 -55.65
CA LYS A 529 10.24 0.20 -54.64
C LYS A 529 10.62 -1.24 -54.35
N LEU A 530 9.90 -2.22 -54.90
CA LEU A 530 10.20 -3.61 -54.58
C LEU A 530 11.64 -4.01 -54.92
N PRO A 531 12.17 -3.68 -56.10
CA PRO A 531 13.57 -4.08 -56.39
C PRO A 531 14.56 -3.61 -55.32
N LYS A 532 14.50 -2.32 -54.95
CA LYS A 532 15.40 -1.82 -53.92
C LYS A 532 15.09 -2.45 -52.57
N PHE A 533 13.81 -2.65 -52.27
CA PHE A 533 13.43 -3.36 -51.06
C PHE A 533 14.05 -4.74 -51.01
N PHE A 534 13.97 -5.49 -52.13
CA PHE A 534 14.56 -6.81 -52.17
C PHE A 534 16.08 -6.75 -52.00
N GLU A 535 16.74 -5.82 -52.67
CA GLU A 535 18.19 -5.80 -52.64
C GLU A 535 18.70 -5.42 -51.26
N LEU A 536 18.02 -4.50 -50.57
CA LEU A 536 18.50 -4.05 -49.27
C LEU A 536 18.09 -4.99 -48.14
N TRP A 537 16.89 -5.60 -48.22
CA TRP A 537 16.34 -6.31 -47.07
C TRP A 537 15.92 -7.74 -47.38
N GLY A 538 16.32 -8.25 -48.54
CA GLY A 538 16.11 -9.65 -48.87
C GLY A 538 14.95 -9.88 -49.81
N LYS A 539 15.11 -10.87 -50.70
CA LYS A 539 14.05 -11.24 -51.63
C LYS A 539 12.91 -11.95 -50.93
N ASN A 540 13.16 -12.54 -49.77
CA ASN A 540 12.17 -13.27 -49.01
C ASN A 540 12.40 -13.02 -47.54
N ALA A 541 11.37 -13.20 -46.74
CA ALA A 541 11.53 -13.03 -45.29
C ALA A 541 12.46 -14.10 -44.73
N GLU A 542 12.20 -15.36 -45.06
CA GLU A 542 12.86 -16.50 -44.42
C GLU A 542 13.79 -17.26 -45.37
N TRP A 543 13.36 -17.51 -46.60
CA TRP A 543 14.17 -18.31 -47.52
C TRP A 543 15.59 -17.78 -47.56
N PHE A 544 16.56 -18.71 -47.52
CA PHE A 544 17.96 -18.33 -47.47
C PHE A 544 18.40 -17.63 -48.76
N GLU A 545 19.57 -17.01 -48.69
CA GLU A 545 20.19 -16.27 -49.78
C GLU A 545 21.52 -15.70 -49.28
N GLN A 546 22.58 -15.86 -50.06
CA GLN A 546 23.90 -15.39 -49.64
C GLN A 546 23.94 -13.86 -49.58
N GLU B 12 0.71 -36.89 21.22
CA GLU B 12 0.17 -36.80 19.85
C GLU B 12 -0.40 -35.41 19.61
N ARG B 13 -0.01 -34.81 18.48
CA ARG B 13 -0.42 -33.44 18.16
C ARG B 13 -0.19 -33.20 16.68
N VAL B 14 -1.27 -32.95 15.95
CA VAL B 14 -1.20 -32.82 14.49
C VAL B 14 -1.05 -31.37 14.11
N GLY B 15 0.03 -31.05 13.39
CA GLY B 15 0.19 -29.74 12.82
C GLY B 15 -0.53 -29.62 11.48
N ILE B 16 -1.51 -28.73 11.39
CA ILE B 16 -2.27 -28.50 10.17
C ILE B 16 -1.75 -27.21 9.55
N LEU B 17 -1.22 -27.30 8.34
CA LEU B 17 -0.63 -26.16 7.65
C LEU B 17 -1.66 -25.58 6.70
N GLY B 18 -2.11 -24.35 7.00
CA GLY B 18 -3.07 -23.67 6.17
C GLY B 18 -4.46 -23.67 6.77
N ALA B 19 -5.01 -22.47 7.01
CA ALA B 19 -6.35 -22.31 7.55
C ALA B 19 -7.38 -22.05 6.44
N GLY B 20 -7.20 -22.68 5.29
CA GLY B 20 -8.24 -22.74 4.28
C GLY B 20 -9.27 -23.79 4.67
N ILE B 21 -10.21 -24.04 3.76
CA ILE B 21 -11.29 -24.96 4.10
C ILE B 21 -10.77 -26.38 4.29
N GLY B 22 -9.73 -26.76 3.56
CA GLY B 22 -9.19 -28.09 3.76
C GLY B 22 -8.58 -28.29 5.14
N GLY B 23 -7.84 -27.29 5.62
CA GLY B 23 -7.26 -27.39 6.94
C GLY B 23 -8.29 -27.25 8.05
N LEU B 24 -9.27 -26.35 7.85
CA LEU B 24 -10.34 -26.22 8.83
C LEU B 24 -11.18 -27.49 8.90
N TYR B 25 -11.45 -28.10 7.75
CA TYR B 25 -12.18 -29.37 7.75
C TYR B 25 -11.38 -30.45 8.46
N SER B 26 -10.08 -30.54 8.16
CA SER B 26 -9.22 -31.48 8.86
C SER B 26 -9.30 -31.26 10.36
N ALA B 27 -9.28 -30.00 10.79
CA ALA B 27 -9.38 -29.72 12.22
C ALA B 27 -10.72 -30.15 12.77
N LEU B 28 -11.81 -29.93 12.03
CA LEU B 28 -13.11 -30.37 12.49
C LEU B 28 -13.11 -31.88 12.74
N ILE B 29 -12.56 -32.65 11.80
CA ILE B 29 -12.53 -34.10 11.97
C ILE B 29 -11.72 -34.47 13.20
N LEU B 30 -10.52 -33.89 13.34
CA LEU B 30 -9.67 -34.25 14.47
C LEU B 30 -10.34 -33.86 15.79
N GLN B 31 -10.98 -32.69 15.84
CA GLN B 31 -11.69 -32.29 17.05
CA GLN B 31 -11.68 -32.29 17.05
C GLN B 31 -12.79 -33.28 17.40
N SER B 32 -13.55 -33.74 16.38
CA SER B 32 -14.63 -34.68 16.64
C SER B 32 -14.11 -36.01 17.14
N LEU B 33 -12.82 -36.32 16.94
CA LEU B 33 -12.22 -37.56 17.39
C LEU B 33 -11.29 -37.36 18.58
N ASP B 34 -11.28 -36.16 19.17
CA ASP B 34 -10.47 -35.87 20.35
C ASP B 34 -8.98 -36.04 20.07
N VAL B 35 -8.53 -35.53 18.94
CA VAL B 35 -7.12 -35.54 18.56
C VAL B 35 -6.60 -34.11 18.66
N PRO B 36 -5.58 -33.85 19.46
CA PRO B 36 -5.03 -32.49 19.53
C PRO B 36 -4.48 -32.06 18.17
N PHE B 37 -4.64 -30.78 17.86
CA PHE B 37 -4.14 -30.24 16.62
C PHE B 37 -3.80 -28.77 16.82
N GLU B 38 -3.10 -28.21 15.84
CA GLU B 38 -2.80 -26.79 15.80
C GLU B 38 -2.76 -26.38 14.34
N ILE B 39 -3.39 -25.25 14.01
CA ILE B 39 -3.46 -24.75 12.65
C ILE B 39 -2.46 -23.61 12.50
N ILE B 40 -1.58 -23.72 11.52
CA ILE B 40 -0.61 -22.68 11.19
C ILE B 40 -1.05 -22.01 9.91
N GLU B 41 -1.19 -20.68 9.95
CA GLU B 41 -1.72 -19.88 8.86
C GLU B 41 -0.80 -18.72 8.57
N ALA B 42 -0.46 -18.52 7.29
CA ALA B 42 0.48 -17.46 6.93
C ALA B 42 -0.12 -16.07 7.08
N SER B 43 -1.39 -15.91 6.72
CA SER B 43 -1.99 -14.59 6.67
C SER B 43 -2.68 -14.26 7.99
N ASN B 44 -3.40 -13.15 8.02
CA ASN B 44 -4.18 -12.72 9.18
C ASN B 44 -5.64 -13.13 9.07
N ARG B 45 -5.98 -13.99 8.11
CA ARG B 45 -7.36 -14.36 7.83
C ARG B 45 -7.45 -15.87 7.62
N VAL B 46 -8.65 -16.41 7.87
CA VAL B 46 -8.97 -17.78 7.57
C VAL B 46 -9.87 -17.81 6.34
N GLY B 47 -9.87 -18.95 5.65
CA GLY B 47 -10.73 -19.20 4.51
C GLY B 47 -9.98 -19.46 3.21
N GLY B 48 -8.77 -18.93 3.10
CA GLY B 48 -7.98 -19.16 1.91
C GLY B 48 -8.69 -18.67 0.68
N ARG B 49 -8.92 -19.58 -0.27
CA ARG B 49 -9.59 -19.23 -1.51
C ARG B 49 -11.10 -19.10 -1.35
N LEU B 50 -11.61 -19.19 -0.14
CA LEU B 50 -12.93 -18.62 0.20
C LEU B 50 -12.63 -17.21 0.69
N PHE B 51 -12.83 -16.23 -0.19
CA PHE B 51 -12.34 -14.87 0.01
C PHE B 51 -13.44 -13.93 -0.47
N THR B 52 -14.09 -13.25 0.47
CA THR B 52 -15.21 -12.36 0.17
C THR B 52 -14.75 -10.92 0.33
N HIS B 53 -14.86 -10.13 -0.74
CA HIS B 53 -14.55 -8.71 -0.71
C HIS B 53 -15.84 -7.91 -0.57
N LYS B 54 -15.95 -7.12 0.49
CA LYS B 54 -17.07 -6.21 0.68
C LYS B 54 -16.60 -4.81 0.30
N PHE B 55 -17.38 -4.13 -0.53
CA PHE B 55 -17.05 -2.79 -0.98
C PHE B 55 -17.33 -1.76 0.10
N PRO B 56 -16.36 -0.92 0.45
CA PRO B 56 -16.62 0.12 1.46
C PRO B 56 -17.71 1.05 0.97
N ASN B 57 -18.51 1.54 1.89
CA ASN B 57 -19.60 2.48 1.61
C ASN B 57 -20.77 1.83 0.89
N GLY B 58 -20.74 0.51 0.70
CA GLY B 58 -21.81 -0.18 0.02
C GLY B 58 -22.78 -0.81 1.03
N GLY B 59 -23.81 -1.46 0.49
CA GLY B 59 -24.83 -2.04 1.32
C GLY B 59 -24.53 -3.46 1.77
N LYS B 60 -25.52 -4.06 2.41
CA LYS B 60 -25.33 -5.37 3.00
C LYS B 60 -24.83 -6.38 1.97
N TYR B 61 -25.42 -6.36 0.77
CA TYR B 61 -25.11 -7.34 -0.25
C TYR B 61 -24.14 -6.80 -1.30
N ASP B 62 -23.46 -5.70 -1.00
CA ASP B 62 -22.45 -5.16 -1.92
C ASP B 62 -21.08 -5.76 -1.60
N TYR B 63 -21.05 -7.08 -1.76
CA TYR B 63 -19.83 -7.87 -1.69
C TYR B 63 -19.79 -8.76 -2.93
N TYR B 64 -18.65 -9.37 -3.17
CA TYR B 64 -18.57 -10.44 -4.15
C TYR B 64 -17.49 -11.40 -3.69
N ASP B 65 -17.64 -12.65 -4.10
CA ASP B 65 -16.70 -13.70 -3.73
C ASP B 65 -15.58 -13.73 -4.76
N VAL B 66 -14.37 -13.46 -4.29
CA VAL B 66 -13.20 -13.43 -5.16
C VAL B 66 -12.81 -14.84 -5.55
N GLY B 67 -13.07 -15.81 -4.66
CA GLY B 67 -12.82 -17.21 -4.93
C GLY B 67 -14.13 -17.98 -5.02
N ALA B 68 -14.33 -18.94 -4.11
CA ALA B 68 -15.51 -19.79 -4.19
C ALA B 68 -16.79 -18.97 -3.99
N MET B 69 -17.79 -19.24 -4.82
CA MET B 69 -19.02 -18.48 -4.82
C MET B 69 -20.29 -19.28 -5.07
N ARG B 70 -20.20 -20.52 -5.56
CA ARG B 70 -21.39 -21.29 -5.91
C ARG B 70 -21.17 -22.78 -5.66
N TYR B 71 -22.22 -23.45 -5.23
CA TYR B 71 -22.11 -24.84 -4.79
C TYR B 71 -23.23 -25.68 -5.39
N PRO B 72 -22.92 -26.55 -6.36
CA PRO B 72 -23.96 -27.41 -6.97
C PRO B 72 -24.21 -28.65 -6.11
N LEU B 73 -25.00 -28.46 -5.05
CA LEU B 73 -25.22 -29.50 -4.07
C LEU B 73 -26.30 -30.47 -4.53
N PRO B 74 -26.33 -31.67 -3.97
CA PRO B 74 -27.47 -32.56 -4.19
C PRO B 74 -28.71 -32.04 -3.48
N LYS B 75 -29.85 -32.63 -3.83
CA LYS B 75 -31.09 -32.31 -3.15
C LYS B 75 -30.95 -32.59 -1.66
N SER B 76 -31.72 -31.86 -0.85
CA SER B 76 -31.68 -32.01 0.59
C SER B 76 -33.08 -31.87 1.16
N ASP B 77 -33.30 -32.46 2.34
CA ASP B 77 -34.58 -32.36 3.00
C ASP B 77 -34.60 -31.16 3.96
N ASP B 78 -35.73 -31.00 4.66
CA ASP B 78 -35.89 -29.86 5.55
C ASP B 78 -34.90 -29.88 6.70
N LYS B 79 -34.35 -31.05 7.01
CA LYS B 79 -33.43 -31.22 8.13
C LYS B 79 -31.97 -31.11 7.74
N GLY B 80 -31.69 -30.88 6.47
CA GLY B 80 -30.33 -30.78 6.01
C GLY B 80 -29.68 -32.10 5.64
N ASN B 81 -30.46 -33.16 5.48
CA ASN B 81 -29.94 -34.41 4.95
C ASN B 81 -29.86 -34.31 3.43
N TYR B 82 -28.69 -34.61 2.90
CA TYR B 82 -28.42 -34.48 1.46
C TYR B 82 -28.45 -35.84 0.79
N GLN B 83 -28.99 -35.89 -0.42
CA GLN B 83 -28.94 -37.08 -1.23
C GLN B 83 -27.51 -37.37 -1.65
N PRO B 84 -27.22 -38.62 -2.03
CA PRO B 84 -25.88 -38.93 -2.54
C PRO B 84 -25.55 -38.06 -3.75
N GLY B 85 -24.29 -37.69 -3.86
CA GLY B 85 -23.87 -36.84 -4.97
C GLY B 85 -22.45 -36.40 -4.79
N VAL B 86 -21.94 -35.77 -5.86
CA VAL B 86 -20.55 -35.33 -5.87
C VAL B 86 -20.29 -34.36 -4.72
N MET B 87 -21.23 -33.46 -4.45
CA MET B 87 -21.03 -32.42 -3.45
C MET B 87 -21.77 -32.71 -2.15
N GLN B 88 -22.14 -33.98 -1.92
CA GLN B 88 -22.83 -34.32 -0.68
C GLN B 88 -22.00 -33.93 0.54
N ARG B 89 -20.69 -34.17 0.48
CA ARG B 89 -19.83 -33.88 1.61
C ARG B 89 -19.86 -32.40 1.97
N VAL B 90 -19.98 -31.52 0.97
CA VAL B 90 -20.08 -30.10 1.25
C VAL B 90 -21.41 -29.79 1.94
N GLY B 91 -22.50 -30.34 1.41
CA GLY B 91 -23.80 -30.14 2.04
C GLY B 91 -23.83 -30.61 3.48
N GLN B 92 -23.24 -31.77 3.75
CA GLN B 92 -23.18 -32.29 5.10
C GLN B 92 -22.39 -31.35 6.02
N LEU B 93 -21.35 -30.72 5.47
CA LEU B 93 -20.58 -29.76 6.25
C LEU B 93 -21.44 -28.58 6.68
N PHE B 94 -22.20 -28.01 5.72
CA PHE B 94 -23.13 -26.93 6.07
C PHE B 94 -24.06 -27.36 7.19
N THR B 95 -24.69 -28.53 7.04
CA THR B 95 -25.61 -29.00 8.06
C THR B 95 -24.90 -29.21 9.39
N TYR B 96 -23.72 -29.81 9.35
CA TYR B 96 -22.94 -30.04 10.58
C TYR B 96 -22.71 -28.73 11.33
N LEU B 97 -22.48 -27.64 10.61
CA LEU B 97 -22.19 -26.35 11.21
C LEU B 97 -23.45 -25.54 11.51
N GLY B 98 -24.63 -26.10 11.26
CA GLY B 98 -25.85 -25.35 11.48
C GLY B 98 -26.09 -24.26 10.47
N MET B 99 -25.60 -24.43 9.24
CA MET B 99 -25.71 -23.41 8.20
C MET B 99 -26.72 -23.77 7.11
N HIS B 100 -27.39 -24.92 7.21
CA HIS B 100 -28.21 -25.37 6.10
C HIS B 100 -29.26 -24.34 5.71
N LYS B 101 -29.91 -23.73 6.70
CA LYS B 101 -30.93 -22.72 6.43
C LYS B 101 -30.34 -21.38 5.99
N GLN B 102 -29.06 -21.15 6.17
CA GLN B 102 -28.40 -19.96 5.67
C GLN B 102 -27.99 -20.08 4.20
N LEU B 103 -28.23 -21.23 3.58
CA LEU B 103 -27.95 -21.39 2.16
C LEU B 103 -29.09 -20.79 1.36
N ILE B 104 -28.76 -19.92 0.41
CA ILE B 104 -29.74 -19.24 -0.41
C ILE B 104 -29.55 -19.69 -1.85
N PRO B 105 -30.56 -19.51 -2.70
CA PRO B 105 -30.44 -19.96 -4.09
C PRO B 105 -29.33 -19.24 -4.82
N TYR B 106 -28.59 -19.99 -5.62
CA TYR B 106 -27.67 -19.44 -6.61
C TYR B 106 -28.25 -19.74 -7.99
N TYR B 107 -28.44 -18.70 -8.80
CA TYR B 107 -29.05 -18.84 -10.12
C TYR B 107 -27.94 -18.98 -11.16
N PHE B 108 -27.66 -20.22 -11.58
CA PHE B 108 -26.69 -20.44 -12.64
C PHE B 108 -27.13 -19.75 -13.93
N LYS B 109 -28.41 -19.78 -14.22
CA LYS B 109 -29.03 -19.01 -15.30
C LYS B 109 -29.91 -17.94 -14.67
N SER B 110 -30.18 -16.89 -15.43
CA SER B 110 -31.01 -15.81 -14.91
C SER B 110 -32.38 -16.32 -14.48
N ASN B 111 -32.85 -15.81 -13.35
CA ASN B 111 -34.18 -16.15 -12.87
C ASN B 111 -35.27 -15.44 -13.64
N LYS B 112 -34.93 -14.40 -14.42
CA LYS B 112 -35.91 -13.68 -15.23
C LYS B 112 -35.63 -13.95 -16.71
N SER B 113 -35.23 -12.92 -17.45
CA SER B 113 -34.88 -13.11 -18.85
C SER B 113 -33.48 -13.69 -18.96
N PRO B 114 -33.19 -14.45 -20.02
CA PRO B 114 -31.90 -15.13 -20.11
C PRO B 114 -30.74 -14.16 -20.31
N GLY B 115 -29.56 -14.61 -19.89
CA GLY B 115 -28.36 -13.82 -20.07
C GLY B 115 -27.99 -13.69 -21.53
N PHE B 116 -26.96 -12.89 -21.78
CA PHE B 116 -26.54 -12.57 -23.14
C PHE B 116 -25.38 -13.45 -23.58
N GLN B 117 -25.30 -13.66 -24.89
CA GLN B 117 -24.13 -14.23 -25.54
C GLN B 117 -23.67 -13.23 -26.58
N TYR B 118 -22.36 -12.95 -26.59
CA TYR B 118 -21.79 -11.99 -27.53
C TYR B 118 -20.51 -12.59 -28.10
N PHE B 119 -20.61 -13.16 -29.30
CA PHE B 119 -19.50 -13.83 -29.95
C PHE B 119 -19.42 -13.39 -31.40
N ASN B 120 -18.20 -13.10 -31.85
CA ASN B 120 -17.94 -12.71 -33.23
C ASN B 120 -18.81 -11.51 -33.62
N GLY B 121 -19.01 -10.61 -32.67
CA GLY B 121 -19.80 -9.41 -32.93
C GLY B 121 -21.29 -9.62 -33.01
N VAL B 122 -21.78 -10.82 -32.75
CA VAL B 122 -23.20 -11.14 -32.81
C VAL B 122 -23.72 -11.27 -31.38
N ARG B 123 -24.80 -10.55 -31.09
CA ARG B 123 -25.40 -10.53 -29.76
C ARG B 123 -26.71 -11.30 -29.80
N ALA B 124 -26.97 -12.08 -28.76
CA ALA B 124 -28.21 -12.83 -28.65
C ALA B 124 -28.42 -13.22 -27.20
N ARG B 125 -29.65 -13.61 -26.90
CA ARG B 125 -29.97 -14.17 -25.59
C ARG B 125 -29.63 -15.66 -25.55
N ILE B 126 -29.26 -16.13 -24.37
CA ILE B 126 -29.06 -17.57 -24.18
C ILE B 126 -30.35 -18.29 -24.53
N GLY B 127 -30.24 -19.28 -25.42
CA GLY B 127 -31.37 -20.07 -25.83
C GLY B 127 -32.02 -19.65 -27.13
N GLU B 128 -31.63 -18.51 -27.71
CA GLU B 128 -32.24 -18.05 -28.95
C GLU B 128 -31.71 -18.76 -30.19
N GLY B 129 -30.71 -19.62 -30.05
CA GLY B 129 -30.27 -20.40 -31.18
C GLY B 129 -29.44 -19.67 -32.20
N SER B 130 -28.79 -18.57 -31.82
CA SER B 130 -27.92 -17.89 -32.77
C SER B 130 -26.71 -18.76 -33.10
N SER B 131 -26.21 -18.63 -34.33
CA SER B 131 -25.00 -19.30 -34.76
C SER B 131 -23.76 -18.42 -34.65
N PHE B 132 -23.95 -17.14 -34.29
CA PHE B 132 -22.85 -16.21 -34.05
C PHE B 132 -21.86 -16.20 -35.21
N ASP B 133 -22.40 -16.11 -36.43
CA ASP B 133 -21.60 -16.00 -37.64
C ASP B 133 -20.71 -17.22 -37.87
N ALA B 134 -21.03 -18.35 -37.22
CA ALA B 134 -20.21 -19.54 -37.40
C ALA B 134 -20.06 -19.97 -38.86
N PRO B 135 -21.06 -19.82 -39.74
CA PRO B 135 -20.81 -20.18 -41.15
C PRO B 135 -19.63 -19.46 -41.75
N ALA B 136 -19.46 -18.17 -41.46
CA ALA B 136 -18.30 -17.44 -41.97
C ALA B 136 -17.00 -17.98 -41.39
N LEU B 137 -17.05 -18.62 -40.23
CA LEU B 137 -15.88 -19.27 -39.64
C LEU B 137 -15.58 -20.60 -40.29
N GLY B 138 -16.46 -21.10 -41.17
CA GLY B 138 -16.27 -22.40 -41.78
C GLY B 138 -16.89 -23.56 -41.04
N ILE B 139 -17.83 -23.31 -40.13
CA ILE B 139 -18.56 -24.35 -39.45
C ILE B 139 -19.79 -24.69 -40.30
N ASN B 140 -19.85 -25.90 -40.82
CA ASN B 140 -20.96 -26.21 -41.72
C ASN B 140 -22.27 -26.26 -40.95
N SER B 141 -23.38 -26.27 -41.70
CA SER B 141 -24.69 -26.15 -41.07
C SER B 141 -25.04 -27.36 -40.23
N SER B 142 -24.55 -28.55 -40.60
CA SER B 142 -24.87 -29.74 -39.83
C SER B 142 -24.31 -29.64 -38.40
N LEU B 143 -23.04 -29.19 -38.27
CA LEU B 143 -22.46 -29.04 -36.95
C LEU B 143 -23.19 -27.96 -36.15
N ILE B 144 -23.55 -26.86 -36.81
CA ILE B 144 -24.26 -25.79 -36.14
C ILE B 144 -25.59 -26.28 -35.61
N ASP B 145 -26.32 -27.07 -36.41
CA ASP B 145 -27.63 -27.58 -36.01
C ASP B 145 -27.51 -28.46 -34.76
N ILE B 146 -26.48 -29.29 -34.70
CA ILE B 146 -26.28 -30.16 -33.54
C ILE B 146 -25.94 -29.32 -32.32
N GLY B 147 -25.01 -28.38 -32.48
CA GLY B 147 -24.65 -27.51 -31.36
C GLY B 147 -23.46 -28.02 -30.58
N VAL B 148 -22.74 -27.07 -29.98
CA VAL B 148 -21.53 -27.39 -29.23
C VAL B 148 -21.85 -28.25 -28.02
N THR B 149 -22.93 -27.92 -27.31
CA THR B 149 -23.28 -28.64 -26.09
C THR B 149 -23.46 -30.13 -26.35
N LYS B 150 -24.24 -30.49 -27.38
CA LYS B 150 -24.49 -31.90 -27.64
C LYS B 150 -23.23 -32.61 -28.13
N ILE B 151 -22.42 -31.93 -28.94
CA ILE B 151 -21.19 -32.55 -29.44
C ILE B 151 -20.25 -32.85 -28.27
N VAL B 152 -20.01 -31.86 -27.41
CA VAL B 152 -19.11 -32.07 -26.29
C VAL B 152 -19.66 -33.15 -25.35
N ASN B 153 -20.97 -33.13 -25.11
CA ASN B 153 -21.56 -34.13 -24.23
CA ASN B 153 -21.56 -34.13 -24.23
C ASN B 153 -21.42 -35.54 -24.79
N ASP B 154 -21.46 -35.68 -26.12
CA ASP B 154 -21.31 -36.98 -26.74
C ASP B 154 -19.90 -37.53 -26.55
N ALA B 155 -18.89 -36.65 -26.59
CA ALA B 155 -17.52 -37.09 -26.41
C ALA B 155 -17.20 -37.35 -24.94
N VAL B 156 -17.70 -36.50 -24.06
CA VAL B 156 -17.40 -36.59 -22.64
C VAL B 156 -18.30 -37.57 -21.92
N GLY B 157 -19.54 -37.71 -22.38
CA GLY B 157 -20.54 -38.52 -21.73
C GLY B 157 -20.09 -39.91 -21.35
N PRO B 158 -19.55 -40.67 -22.31
CA PRO B 158 -19.13 -42.03 -22.00
C PRO B 158 -18.14 -42.10 -20.84
N PHE B 159 -17.13 -41.23 -20.83
CA PHE B 159 -16.18 -41.22 -19.73
C PHE B 159 -16.85 -40.84 -18.42
N ALA B 160 -17.73 -39.83 -18.46
CA ALA B 160 -18.38 -39.37 -17.24
C ALA B 160 -19.30 -40.43 -16.65
N GLN B 161 -20.02 -41.14 -17.51
CA GLN B 161 -20.95 -42.15 -17.02
C GLN B 161 -20.23 -43.28 -16.31
N ALA B 162 -19.06 -43.67 -16.82
CA ALA B 162 -18.30 -44.73 -16.16
C ALA B 162 -17.78 -44.27 -14.80
N LEU B 163 -17.39 -43.01 -14.70
CA LEU B 163 -16.94 -42.47 -13.40
C LEU B 163 -18.13 -42.32 -12.45
N PHE B 164 -19.26 -41.86 -12.99
CA PHE B 164 -20.51 -41.85 -12.24
CA PHE B 164 -20.51 -41.85 -12.22
C PHE B 164 -20.81 -43.23 -11.67
N ASP B 165 -20.67 -44.26 -12.51
CA ASP B 165 -20.93 -45.62 -12.06
C ASP B 165 -19.96 -46.04 -10.96
N ASP B 166 -18.69 -45.62 -11.07
CA ASP B 166 -17.73 -45.88 -10.00
C ASP B 166 -18.25 -45.37 -8.66
N LEU B 167 -18.67 -44.10 -8.62
CA LEU B 167 -19.19 -43.52 -7.39
C LEU B 167 -20.41 -44.25 -6.88
N GLN B 168 -21.26 -44.69 -7.81
CA GLN B 168 -22.52 -45.30 -7.43
C GLN B 168 -22.37 -46.76 -7.03
N LYS B 169 -21.59 -47.53 -7.77
CA LYS B 169 -21.43 -48.95 -7.55
C LYS B 169 -20.20 -49.27 -6.71
N HIS B 170 -19.41 -48.27 -6.35
CA HIS B 170 -18.19 -48.46 -5.55
C HIS B 170 -17.19 -49.34 -6.31
N THR B 171 -16.79 -48.85 -7.48
CA THR B 171 -15.81 -49.52 -8.33
C THR B 171 -14.80 -48.50 -8.80
N THR B 172 -13.76 -48.99 -9.48
CA THR B 172 -12.72 -48.13 -10.04
C THR B 172 -12.44 -48.40 -11.50
N THR B 173 -13.23 -49.27 -12.15
CA THR B 173 -13.01 -49.54 -13.56
C THR B 173 -13.19 -48.29 -14.40
N GLY B 174 -14.16 -47.46 -14.04
CA GLY B 174 -14.33 -46.21 -14.76
C GLY B 174 -13.09 -45.35 -14.71
N TRP B 175 -12.45 -45.27 -13.54
CA TRP B 175 -11.23 -44.51 -13.42
C TRP B 175 -10.09 -45.16 -14.20
N ASP B 176 -10.01 -46.50 -14.17
CA ASP B 176 -8.99 -47.18 -14.95
C ASP B 176 -9.13 -46.86 -16.43
N ASP B 177 -10.36 -46.80 -16.93
CA ASP B 177 -10.55 -46.45 -18.33
C ASP B 177 -10.18 -44.99 -18.59
N MET B 178 -10.58 -44.09 -17.69
CA MET B 178 -10.14 -42.71 -17.82
C MET B 178 -8.62 -42.63 -17.90
N MET B 179 -7.92 -43.41 -17.06
CA MET B 179 -6.46 -43.25 -16.99
C MET B 179 -5.76 -43.80 -18.24
N LYS B 180 -6.32 -44.82 -18.92
CA LYS B 180 -5.78 -45.22 -20.22
C LYS B 180 -5.89 -44.14 -21.27
N ASN B 181 -6.81 -43.19 -21.10
CA ASN B 181 -6.94 -42.07 -22.02
C ASN B 181 -6.45 -40.76 -21.41
N ASP B 182 -5.74 -40.83 -20.28
CA ASP B 182 -5.32 -39.61 -19.59
C ASP B 182 -4.21 -38.88 -20.33
N ALA B 183 -3.49 -39.56 -21.22
CA ALA B 183 -2.48 -38.89 -22.03
C ALA B 183 -3.09 -37.94 -23.06
N TYR B 184 -4.40 -38.03 -23.29
CA TYR B 184 -5.06 -37.10 -24.18
C TYR B 184 -5.31 -35.76 -23.49
N SER B 185 -5.04 -34.68 -24.21
CA SER B 185 -5.76 -33.44 -23.93
C SER B 185 -7.14 -33.53 -24.58
N THR B 186 -8.04 -32.64 -24.20
CA THR B 186 -9.34 -32.61 -24.86
C THR B 186 -9.17 -32.39 -26.35
N ARG B 187 -8.25 -31.52 -26.74
CA ARG B 187 -8.02 -31.23 -28.15
C ARG B 187 -7.48 -32.45 -28.88
N SER B 188 -6.45 -33.09 -28.34
CA SER B 188 -5.87 -34.23 -29.04
C SER B 188 -6.85 -35.40 -29.08
N TYR B 189 -7.71 -35.50 -28.05
CA TYR B 189 -8.77 -36.50 -28.11
C TYR B 189 -9.70 -36.23 -29.30
N PHE B 190 -10.14 -34.97 -29.44
CA PHE B 190 -10.99 -34.61 -30.58
C PHE B 190 -10.23 -34.75 -31.91
N SER B 191 -8.93 -34.47 -31.91
CA SER B 191 -8.21 -34.45 -33.18
C SER B 191 -7.81 -35.84 -33.67
N PHE B 192 -7.61 -36.79 -32.75
CA PHE B 192 -7.04 -38.07 -33.11
C PHE B 192 -7.85 -39.29 -32.68
N LYS B 193 -8.91 -39.11 -31.91
CA LYS B 193 -9.65 -40.27 -31.40
C LYS B 193 -11.16 -40.13 -31.56
N TYR B 194 -11.74 -39.05 -31.05
CA TYR B 194 -13.19 -38.94 -31.09
C TYR B 194 -13.72 -39.05 -32.51
N LEU B 195 -14.79 -39.82 -32.68
CA LEU B 195 -15.53 -39.88 -33.93
C LEU B 195 -16.98 -39.58 -33.61
N PRO B 196 -17.65 -38.71 -34.36
CA PRO B 196 -19.01 -38.30 -33.98
C PRO B 196 -19.98 -39.47 -33.95
N SER B 197 -20.98 -39.34 -33.07
CA SER B 197 -22.03 -40.35 -32.99
C SER B 197 -22.65 -40.56 -34.37
N PRO B 198 -22.83 -41.81 -34.81
CA PRO B 198 -23.51 -42.03 -36.10
C PRO B 198 -24.84 -41.30 -36.23
N SER B 199 -25.55 -41.11 -35.11
CA SER B 199 -26.85 -40.44 -35.18
C SER B 199 -26.73 -39.00 -35.65
N PHE B 200 -25.55 -38.38 -35.52
CA PHE B 200 -25.36 -37.01 -35.96
C PHE B 200 -25.39 -36.88 -37.48
N GLY B 201 -25.22 -37.97 -38.21
CA GLY B 201 -25.19 -37.90 -39.66
C GLY B 201 -24.01 -37.14 -40.22
N LEU B 202 -22.93 -37.00 -39.46
CA LEU B 202 -21.73 -36.33 -39.91
C LEU B 202 -20.77 -37.33 -40.53
N PRO B 203 -19.76 -36.86 -41.25
CA PRO B 203 -18.72 -37.79 -41.74
C PRO B 203 -18.03 -38.47 -40.57
N SER B 204 -17.68 -39.74 -40.77
CA SER B 204 -16.97 -40.53 -39.75
C SER B 204 -15.48 -40.17 -39.79
N GLU B 205 -15.19 -38.94 -39.38
CA GLU B 205 -13.83 -38.42 -39.37
CA GLU B 205 -13.83 -38.42 -39.37
C GLU B 205 -13.65 -37.53 -38.14
N HIS B 206 -12.40 -37.38 -37.72
CA HIS B 206 -12.11 -36.53 -36.60
C HIS B 206 -12.35 -35.07 -36.98
N PHE B 207 -12.83 -34.30 -36.00
CA PHE B 207 -13.08 -32.89 -36.24
C PHE B 207 -11.77 -32.20 -36.62
N SER B 208 -11.90 -31.15 -37.44
CA SER B 208 -10.76 -30.31 -37.75
C SER B 208 -10.46 -29.36 -36.59
N THR B 209 -9.26 -28.78 -36.61
CA THR B 209 -8.90 -27.82 -35.58
C THR B 209 -9.86 -26.64 -35.57
N ARG B 210 -10.29 -26.19 -36.74
CA ARG B 210 -11.24 -25.07 -36.80
C ARG B 210 -12.50 -25.40 -36.02
N VAL B 211 -13.03 -26.62 -36.18
CA VAL B 211 -14.22 -27.03 -35.46
C VAL B 211 -13.94 -27.20 -33.98
N ILE B 212 -12.77 -27.78 -33.65
CA ILE B 212 -12.43 -27.97 -32.24
C ILE B 212 -12.30 -26.62 -31.56
N ASN B 213 -11.69 -25.64 -32.23
CA ASN B 213 -11.58 -24.32 -31.64
C ASN B 213 -12.95 -23.64 -31.50
N TRP B 214 -13.88 -23.97 -32.40
CA TRP B 214 -15.25 -23.51 -32.24
C TRP B 214 -15.89 -24.10 -30.98
N LEU B 215 -15.66 -25.39 -30.73
CA LEU B 215 -16.15 -26.00 -29.50
C LEU B 215 -15.61 -25.31 -28.26
N GLU B 216 -14.28 -25.13 -28.19
CA GLU B 216 -13.68 -24.53 -27.02
C GLU B 216 -14.24 -23.14 -26.77
N THR B 217 -14.45 -22.37 -27.86
CA THR B 217 -14.94 -21.01 -27.74
C THR B 217 -16.23 -20.93 -26.95
N PHE B 218 -17.19 -21.80 -27.27
CA PHE B 218 -18.50 -21.77 -26.62
C PHE B 218 -18.60 -22.71 -25.44
N ASP B 219 -17.74 -23.72 -25.34
CA ASP B 219 -17.80 -24.69 -24.26
C ASP B 219 -17.05 -24.24 -23.02
N LYS B 220 -15.85 -23.69 -23.17
CA LYS B 220 -15.04 -23.35 -22.00
C LYS B 220 -14.30 -22.04 -22.19
N SER B 221 -12.98 -22.06 -22.05
CA SER B 221 -12.15 -20.85 -22.06
C SER B 221 -10.97 -21.07 -22.97
N THR B 222 -10.30 -19.98 -23.32
CA THR B 222 -9.21 -20.06 -24.29
C THR B 222 -8.05 -20.86 -23.69
N GLY B 223 -7.74 -22.00 -24.30
CA GLY B 223 -6.68 -22.88 -23.86
C GLY B 223 -7.14 -24.04 -23.01
N TRP B 224 -8.42 -24.09 -22.62
CA TRP B 224 -8.91 -25.18 -21.79
C TRP B 224 -8.65 -26.53 -22.42
N TYR B 225 -8.87 -26.66 -23.73
CA TYR B 225 -8.78 -27.96 -24.39
C TYR B 225 -7.36 -28.49 -24.50
N ASP B 226 -6.34 -27.66 -24.22
CA ASP B 226 -4.96 -28.15 -24.19
C ASP B 226 -4.59 -28.75 -22.84
N ARG B 227 -5.47 -28.65 -21.85
CA ARG B 227 -5.28 -29.34 -20.59
C ARG B 227 -5.80 -30.77 -20.73
N GLY B 228 -5.70 -31.54 -19.64
CA GLY B 228 -6.03 -32.95 -19.70
C GLY B 228 -7.50 -33.18 -20.01
N LEU B 229 -7.75 -34.18 -20.87
CA LEU B 229 -9.11 -34.63 -21.10
C LEU B 229 -9.77 -35.05 -19.81
N THR B 230 -9.02 -35.64 -18.90
CA THR B 230 -9.60 -36.09 -17.64
C THR B 230 -10.21 -34.92 -16.88
N GLU B 231 -9.55 -33.75 -16.92
CA GLU B 231 -10.12 -32.59 -16.23
C GLU B 231 -11.44 -32.15 -16.85
N THR B 232 -11.53 -32.20 -18.18
CA THR B 232 -12.81 -31.89 -18.82
C THR B 232 -13.89 -32.85 -18.35
N VAL B 233 -13.55 -34.13 -18.22
CA VAL B 233 -14.56 -35.10 -17.77
C VAL B 233 -14.91 -34.84 -16.32
N LEU B 234 -13.91 -34.62 -15.47
CA LEU B 234 -14.16 -34.44 -14.05
C LEU B 234 -14.93 -33.16 -13.77
N GLU B 235 -14.62 -32.08 -14.50
CA GLU B 235 -15.31 -30.81 -14.26
C GLU B 235 -16.73 -30.85 -14.82
N ALA B 236 -16.95 -31.59 -15.92
CA ALA B 236 -18.30 -31.79 -16.39
C ALA B 236 -19.16 -32.47 -15.32
N ILE B 237 -18.59 -33.47 -14.65
CA ILE B 237 -19.31 -34.14 -13.57
C ILE B 237 -19.59 -33.16 -12.43
N ALA B 238 -18.58 -32.39 -12.02
CA ALA B 238 -18.76 -31.48 -10.90
C ALA B 238 -19.81 -30.41 -11.20
N PHE B 239 -19.78 -29.83 -12.41
CA PHE B 239 -20.77 -28.85 -12.79
C PHE B 239 -22.14 -29.45 -13.02
N GLY B 240 -22.25 -30.78 -13.08
CA GLY B 240 -23.51 -31.39 -13.41
C GLY B 240 -23.88 -31.30 -14.88
N GLU B 241 -22.91 -31.09 -15.77
CA GLU B 241 -23.16 -31.02 -17.21
C GLU B 241 -23.18 -32.40 -17.86
N VAL B 242 -23.79 -33.38 -17.22
CA VAL B 242 -23.83 -34.73 -17.76
C VAL B 242 -24.70 -35.64 -16.89
N GLU B 246 -30.96 -34.03 -9.73
CA GLU B 246 -30.06 -33.01 -10.28
C GLU B 246 -29.39 -32.26 -9.13
N VAL B 247 -28.92 -31.05 -9.39
CA VAL B 247 -28.20 -30.27 -8.40
C VAL B 247 -29.04 -29.07 -7.97
N ASP B 248 -28.83 -28.67 -6.72
CA ASP B 248 -29.41 -27.46 -6.13
C ASP B 248 -28.27 -26.46 -6.03
N TRP B 249 -28.23 -25.50 -6.96
CA TRP B 249 -27.20 -24.47 -6.89
C TRP B 249 -27.47 -23.56 -5.72
N ARG B 250 -26.46 -23.41 -4.84
CA ARG B 250 -26.57 -22.60 -3.65
C ARG B 250 -25.35 -21.70 -3.50
N CYS B 251 -25.54 -20.58 -2.81
CA CYS B 251 -24.46 -19.73 -2.35
C CYS B 251 -24.73 -19.40 -0.88
N ILE B 252 -23.75 -18.74 -0.25
CA ILE B 252 -23.77 -18.53 1.20
C ILE B 252 -24.14 -17.08 1.46
N ASP B 253 -25.19 -16.87 2.23
CA ASP B 253 -25.67 -15.54 2.54
C ASP B 253 -24.59 -14.76 3.29
N GLY B 254 -24.15 -13.65 2.68
CA GLY B 254 -23.06 -12.85 3.22
C GLY B 254 -21.71 -13.16 2.65
N GLY B 255 -21.61 -14.12 1.74
CA GLY B 255 -20.37 -14.47 1.10
C GLY B 255 -19.78 -15.76 1.66
N SER B 256 -18.94 -16.40 0.84
CA SER B 256 -18.38 -17.69 1.25
C SER B 256 -17.53 -17.58 2.51
N HIS B 257 -17.09 -16.38 2.89
CA HIS B 257 -16.28 -16.24 4.08
C HIS B 257 -17.00 -16.72 5.34
N VAL B 258 -18.34 -16.71 5.34
CA VAL B 258 -19.09 -17.15 6.49
C VAL B 258 -18.77 -18.60 6.84
N LEU B 259 -18.52 -19.44 5.83
CA LEU B 259 -18.23 -20.84 6.10
C LEU B 259 -16.96 -21.01 6.92
N PRO B 260 -15.79 -20.53 6.47
CA PRO B 260 -14.59 -20.67 7.32
C PRO B 260 -14.67 -19.88 8.61
N ASP B 261 -15.31 -18.71 8.61
CA ASP B 261 -15.48 -17.96 9.85
C ASP B 261 -16.27 -18.78 10.87
N THR B 262 -17.31 -19.47 10.41
CA THR B 262 -18.14 -20.25 11.33
C THR B 262 -17.37 -21.45 11.89
N ILE B 263 -16.56 -22.10 11.06
CA ILE B 263 -15.76 -23.21 11.55
C ILE B 263 -14.75 -22.72 12.58
N ALA B 264 -14.03 -21.64 12.25
CA ALA B 264 -13.03 -21.10 13.17
C ALA B 264 -13.65 -20.72 14.50
N ALA B 265 -14.83 -20.09 14.46
CA ALA B 265 -15.51 -19.74 15.71
C ALA B 265 -15.87 -20.99 16.50
N PHE B 266 -16.36 -22.03 15.82
CA PHE B 266 -16.66 -23.28 16.51
C PHE B 266 -15.41 -23.87 17.15
N LEU B 267 -14.29 -23.85 16.42
CA LEU B 267 -13.06 -24.44 16.96
C LEU B 267 -12.47 -23.60 18.08
N HIS B 268 -12.74 -22.29 18.12
CA HIS B 268 -12.07 -21.46 19.12
C HIS B 268 -12.72 -21.56 20.49
N LYS B 269 -13.91 -22.15 20.58
CA LYS B 269 -14.56 -22.31 21.88
C LYS B 269 -13.92 -23.41 22.70
N LYS B 270 -13.46 -24.48 22.04
CA LYS B 270 -12.82 -25.61 22.70
C LYS B 270 -11.41 -25.23 23.16
N ALA B 274 -4.82 -23.17 19.62
CA ALA B 274 -5.85 -22.81 18.63
C ALA B 274 -5.20 -22.62 17.25
N PHE B 275 -5.22 -21.39 16.75
CA PHE B 275 -4.57 -21.05 15.49
C PHE B 275 -3.30 -20.26 15.73
N VAL B 276 -2.27 -20.55 14.95
CA VAL B 276 -1.06 -19.75 14.88
C VAL B 276 -1.18 -18.90 13.63
N MET B 277 -1.58 -17.64 13.79
CA MET B 277 -1.80 -16.77 12.64
C MET B 277 -0.55 -15.96 12.32
N ASN B 278 -0.51 -15.45 11.09
CA ASN B 278 0.59 -14.60 10.64
C ASN B 278 1.94 -15.31 10.77
N ALA B 279 1.95 -16.60 10.45
CA ALA B 279 3.15 -17.42 10.53
C ALA B 279 3.26 -18.22 9.24
N SER B 280 4.12 -17.75 8.34
CA SER B 280 4.33 -18.43 7.05
CA SER B 280 4.33 -18.42 7.06
C SER B 280 5.28 -19.61 7.24
N VAL B 281 4.86 -20.77 6.74
CA VAL B 281 5.70 -21.96 6.82
C VAL B 281 6.85 -21.82 5.82
N THR B 282 8.08 -22.05 6.29
CA THR B 282 9.26 -22.03 5.45
C THR B 282 10.01 -23.34 5.40
N ALA B 283 9.76 -24.27 6.33
CA ALA B 283 10.47 -25.55 6.32
C ALA B 283 9.61 -26.61 6.98
N ILE B 284 9.63 -27.82 6.42
CA ILE B 284 8.94 -28.97 6.97
C ILE B 284 9.86 -30.16 6.85
N GLY B 285 10.07 -30.87 7.95
CA GLY B 285 10.90 -32.05 7.93
C GLY B 285 10.95 -32.72 9.29
N LEU B 286 11.38 -33.96 9.28
CA LEU B 286 11.59 -34.69 10.53
C LEU B 286 12.70 -34.01 11.33
N GLU B 287 12.52 -33.99 12.66
CA GLU B 287 13.58 -33.48 13.52
C GLU B 287 14.88 -34.26 13.32
N ASN B 288 14.78 -35.58 13.27
CA ASN B 288 15.92 -36.45 13.01
C ASN B 288 15.45 -37.59 12.11
N PRO B 289 15.75 -37.54 10.81
CA PRO B 289 15.22 -38.57 9.90
C PRO B 289 15.73 -39.98 10.19
N ASN B 290 16.79 -40.13 10.98
CA ASN B 290 17.31 -41.45 11.30
C ASN B 290 16.63 -42.11 12.48
N LYS B 291 15.84 -41.38 13.26
CA LYS B 291 15.12 -41.93 14.40
C LYS B 291 13.69 -42.24 13.99
N GLU B 292 13.22 -43.43 14.36
CA GLU B 292 11.87 -43.85 13.99
C GLU B 292 10.81 -43.01 14.68
N ASP B 293 11.00 -42.69 15.95
CA ASP B 293 10.02 -41.91 16.70
C ASP B 293 10.21 -40.41 16.49
N SER B 294 11.01 -40.00 15.52
CA SER B 294 11.28 -38.58 15.34
C SER B 294 9.99 -37.81 15.11
N PRO B 295 9.78 -36.70 15.81
CA PRO B 295 8.63 -35.85 15.52
C PRO B 295 8.88 -35.01 14.26
N MET B 296 7.80 -34.41 13.77
CA MET B 296 7.92 -33.46 12.68
C MET B 296 8.26 -32.08 13.24
N VAL B 297 9.02 -31.33 12.46
CA VAL B 297 9.35 -29.94 12.78
C VAL B 297 8.83 -29.09 11.63
N VAL B 298 8.05 -28.07 11.99
CA VAL B 298 7.57 -27.06 11.04
C VAL B 298 8.16 -25.73 11.48
N VAL B 299 8.86 -25.05 10.56
CA VAL B 299 9.37 -23.72 10.81
C VAL B 299 8.37 -22.73 10.21
N ALA B 300 7.78 -21.91 11.05
CA ALA B 300 6.77 -20.95 10.62
C ALA B 300 6.94 -19.67 11.42
N GLY B 301 6.98 -18.54 10.71
CA GLY B 301 7.21 -17.27 11.37
C GLY B 301 8.53 -17.22 12.11
N GLY B 302 9.52 -17.97 11.64
CA GLY B 302 10.82 -17.98 12.29
C GLY B 302 10.92 -18.84 13.53
N GLN B 303 9.87 -19.59 13.87
CA GLN B 303 9.84 -20.40 15.06
C GLN B 303 9.66 -21.87 14.70
N LYS B 304 10.36 -22.75 15.41
CA LYS B 304 10.24 -24.19 15.23
C LYS B 304 9.08 -24.70 16.06
N ARG B 305 8.22 -25.50 15.45
CA ARG B 305 7.08 -26.12 16.12
C ARG B 305 7.13 -27.61 15.86
N LYS B 306 6.92 -28.40 16.90
CA LYS B 306 7.02 -29.86 16.81
C LYS B 306 5.64 -30.48 16.81
N TYR B 307 5.46 -31.51 15.98
CA TYR B 307 4.20 -32.25 15.88
C TYR B 307 4.51 -33.72 15.67
N SER B 308 3.55 -34.57 16.05
CA SER B 308 3.70 -35.99 15.74
C SER B 308 3.50 -36.24 14.26
N HIS B 309 2.44 -35.68 13.69
CA HIS B 309 2.17 -35.73 12.27
C HIS B 309 1.79 -34.34 11.78
N VAL B 310 1.97 -34.12 10.47
CA VAL B 310 1.65 -32.86 9.82
C VAL B 310 0.70 -33.15 8.67
N ILE B 311 -0.41 -32.41 8.62
CA ILE B 311 -1.31 -32.40 7.48
C ILE B 311 -1.12 -31.07 6.78
N SER B 312 -0.57 -31.11 5.57
CA SER B 312 -0.37 -29.91 4.77
C SER B 312 -1.54 -29.71 3.82
N THR B 313 -2.10 -28.50 3.82
CA THR B 313 -3.06 -28.09 2.81
C THR B 313 -2.50 -26.99 1.91
N LEU B 314 -1.19 -26.78 1.94
CA LEU B 314 -0.57 -25.77 1.11
C LEU B 314 -0.63 -26.19 -0.36
N PRO B 315 -0.94 -25.26 -1.26
CA PRO B 315 -0.87 -25.59 -2.70
C PRO B 315 0.47 -26.17 -3.07
N LEU B 316 0.48 -27.03 -4.08
CA LEU B 316 1.72 -27.63 -4.55
C LEU B 316 2.78 -26.59 -4.90
N PRO B 317 2.49 -25.54 -5.67
CA PRO B 317 3.54 -24.54 -5.93
C PRO B 317 4.06 -23.88 -4.66
N VAL B 318 3.21 -23.74 -3.64
CA VAL B 318 3.69 -23.20 -2.38
C VAL B 318 4.65 -24.17 -1.71
N LEU B 319 4.31 -25.46 -1.72
CA LEU B 319 5.23 -26.46 -1.16
C LEU B 319 6.58 -26.41 -1.86
N ARG B 320 6.61 -26.01 -3.14
CA ARG B 320 7.88 -25.89 -3.85
C ARG B 320 8.71 -24.72 -3.34
N THR B 321 8.12 -23.79 -2.59
CA THR B 321 8.87 -22.71 -1.97
C THR B 321 9.23 -23.00 -0.52
N VAL B 322 8.85 -24.16 0.00
CA VAL B 322 9.15 -24.57 1.37
C VAL B 322 10.33 -25.53 1.34
N ASP B 323 11.22 -25.39 2.32
CA ASP B 323 12.34 -26.31 2.44
C ASP B 323 11.82 -27.66 2.95
N LEU B 324 11.75 -28.64 2.05
CA LEU B 324 11.27 -29.97 2.39
C LEU B 324 12.42 -30.95 2.64
N LYS B 325 13.64 -30.46 2.82
CA LYS B 325 14.71 -31.31 3.30
C LYS B 325 14.31 -31.92 4.63
N ASN B 326 14.55 -33.22 4.77
CA ASN B 326 14.22 -34.03 5.93
C ASN B 326 12.77 -34.47 5.95
N SER B 327 11.97 -34.14 4.94
CA SER B 327 10.65 -34.77 4.77
C SER B 327 10.72 -36.00 3.88
N LYS B 328 11.87 -36.29 3.27
CA LYS B 328 12.11 -37.56 2.61
C LYS B 328 11.03 -37.89 1.58
N LEU B 329 10.70 -36.92 0.74
CA LEU B 329 9.84 -37.21 -0.40
C LEU B 329 10.55 -38.17 -1.35
N ASP B 330 9.83 -39.15 -1.88
CA ASP B 330 10.44 -39.99 -2.88
C ASP B 330 10.47 -39.24 -4.21
N ILE B 331 11.22 -39.79 -5.17
CA ILE B 331 11.49 -39.06 -6.40
C ILE B 331 10.22 -38.76 -7.17
N VAL B 332 9.20 -39.61 -7.05
CA VAL B 332 7.94 -39.33 -7.75
C VAL B 332 7.20 -38.20 -7.05
N GLN B 333 7.15 -38.21 -5.72
CA GLN B 333 6.49 -37.14 -4.98
C GLN B 333 7.12 -35.78 -5.29
N SER B 334 8.45 -35.72 -5.28
CA SER B 334 9.10 -34.44 -5.56
C SER B 334 8.88 -33.99 -7.01
N ASN B 335 8.84 -34.94 -7.95
CA ASN B 335 8.44 -34.58 -9.32
C ASN B 335 7.01 -34.08 -9.36
N ALA B 336 6.12 -34.70 -8.60
CA ALA B 336 4.70 -34.34 -8.64
C ALA B 336 4.50 -32.90 -8.18
N LEU B 337 5.22 -32.46 -7.15
CA LEU B 337 5.06 -31.10 -6.66
C LEU B 337 5.32 -30.08 -7.76
N ARG B 338 6.25 -30.38 -8.67
CA ARG B 338 6.60 -29.45 -9.73
C ARG B 338 5.67 -29.55 -10.93
N LYS B 339 5.37 -30.77 -11.35
CA LYS B 339 4.75 -31.01 -12.65
C LYS B 339 3.22 -30.98 -12.61
N LEU B 340 2.59 -31.45 -11.54
CA LEU B 340 1.13 -31.42 -11.46
C LEU B 340 0.62 -29.99 -11.70
N GLN B 341 -0.07 -29.76 -12.80
CA GLN B 341 -0.26 -28.42 -13.30
C GLN B 341 -1.38 -27.69 -12.59
N TYR B 342 -1.17 -26.40 -12.36
CA TYR B 342 -2.15 -25.47 -11.85
C TYR B 342 -2.68 -24.58 -12.99
N GLY B 343 -3.87 -24.03 -12.77
CA GLY B 343 -4.48 -23.13 -13.71
C GLY B 343 -4.74 -21.76 -13.11
N PRO B 344 -4.79 -20.74 -13.96
CA PRO B 344 -4.97 -19.37 -13.48
C PRO B 344 -6.43 -18.96 -13.50
N SER B 345 -6.73 -17.88 -12.80
CA SER B 345 -8.05 -17.28 -12.85
C SER B 345 -7.98 -15.86 -12.30
N ILE B 346 -8.87 -15.01 -12.80
CA ILE B 346 -9.03 -13.65 -12.31
C ILE B 346 -10.51 -13.35 -12.18
N LYS B 347 -10.82 -12.43 -11.28
CA LYS B 347 -12.17 -11.89 -11.16
C LYS B 347 -12.06 -10.37 -11.02
N ILE B 348 -13.07 -9.68 -11.53
CA ILE B 348 -13.17 -8.23 -11.40
C ILE B 348 -14.58 -7.92 -10.90
N GLY B 349 -14.67 -7.36 -9.70
CA GLY B 349 -15.93 -6.93 -9.14
C GLY B 349 -16.07 -5.43 -9.24
N ILE B 350 -17.28 -4.98 -9.58
CA ILE B 350 -17.56 -3.57 -9.76
C ILE B 350 -18.82 -3.24 -8.97
N LEU B 351 -18.71 -2.28 -8.06
CA LEU B 351 -19.87 -1.72 -7.39
C LEU B 351 -20.47 -0.64 -8.28
N PHE B 352 -21.74 -0.78 -8.61
CA PHE B 352 -22.47 0.24 -9.36
C PHE B 352 -23.42 0.97 -8.41
N LYS B 353 -24.03 2.04 -8.93
CA LYS B 353 -25.01 2.79 -8.15
C LYS B 353 -26.36 2.09 -8.06
N GLU B 354 -26.59 1.09 -8.90
CA GLU B 354 -27.86 0.39 -8.96
C GLU B 354 -27.64 -0.92 -9.69
N PRO B 355 -28.54 -1.89 -9.54
CA PRO B 355 -28.42 -3.14 -10.31
C PRO B 355 -29.02 -2.97 -11.71
N TRP B 356 -28.29 -2.19 -12.53
CA TRP B 356 -28.81 -1.82 -13.85
C TRP B 356 -29.15 -3.04 -14.70
N TRP B 357 -28.46 -4.17 -14.47
CA TRP B 357 -28.77 -5.39 -15.21
C TRP B 357 -30.17 -5.89 -14.91
N THR B 358 -30.75 -5.50 -13.78
CA THR B 358 -32.08 -5.92 -13.37
C THR B 358 -33.16 -4.90 -13.72
N THR B 359 -32.86 -3.61 -13.56
CA THR B 359 -33.86 -2.57 -13.71
C THR B 359 -33.66 -1.69 -14.94
N GLY B 360 -32.52 -1.79 -15.61
CA GLY B 360 -32.18 -0.88 -16.68
C GLY B 360 -32.63 -1.37 -18.05
N GLN B 361 -32.26 -0.59 -19.06
CA GLN B 361 -32.57 -0.91 -20.44
C GLN B 361 -31.38 -0.52 -21.31
N ASP B 362 -31.28 -1.16 -22.47
CA ASP B 362 -30.14 -0.95 -23.36
C ASP B 362 -30.36 0.33 -24.17
N LYS B 363 -29.48 0.59 -25.13
CA LYS B 363 -29.54 1.85 -25.87
C LYS B 363 -30.77 1.95 -26.77
N ASN B 364 -31.50 0.85 -26.99
CA ASN B 364 -32.71 0.86 -27.81
C ASN B 364 -33.97 0.75 -26.97
N GLY B 365 -33.85 0.83 -25.64
CA GLY B 365 -35.01 0.77 -24.78
C GLY B 365 -35.44 -0.62 -24.34
N GLU B 366 -34.71 -1.67 -24.71
CA GLU B 366 -35.05 -3.03 -24.31
CA GLU B 366 -35.05 -3.03 -24.31
C GLU B 366 -34.47 -3.32 -22.93
N LYS B 367 -35.30 -3.82 -22.04
CA LYS B 367 -34.88 -4.10 -20.67
C LYS B 367 -34.00 -5.33 -20.60
N PHE B 368 -32.91 -5.24 -19.84
CA PHE B 368 -32.06 -6.40 -19.64
C PHE B 368 -32.81 -7.49 -18.91
N ASP B 369 -33.50 -7.13 -17.82
CA ASP B 369 -34.36 -8.05 -17.07
C ASP B 369 -33.57 -9.27 -16.60
N LEU B 370 -32.39 -9.03 -16.04
CA LEU B 370 -31.51 -10.08 -15.56
C LEU B 370 -31.51 -10.11 -14.03
N VAL B 371 -31.72 -11.31 -13.48
CA VAL B 371 -31.66 -11.54 -12.04
C VAL B 371 -30.78 -12.77 -11.85
N GLY B 372 -29.60 -12.57 -11.27
CA GLY B 372 -28.66 -13.68 -11.22
C GLY B 372 -28.27 -14.13 -12.64
N GLY B 373 -27.78 -15.34 -12.73
CA GLY B 373 -27.38 -15.88 -14.01
C GLY B 373 -26.04 -15.30 -14.47
N GLN B 374 -25.77 -15.52 -15.76
CA GLN B 374 -24.48 -15.18 -16.34
C GLN B 374 -24.67 -14.78 -17.79
N SER B 375 -23.72 -13.99 -18.29
CA SER B 375 -23.57 -13.70 -19.71
C SER B 375 -22.19 -14.13 -20.15
N TYR B 376 -22.06 -14.45 -21.44
CA TYR B 376 -20.83 -14.99 -22.01
C TYR B 376 -20.46 -14.23 -23.27
N THR B 377 -19.16 -14.11 -23.51
CA THR B 377 -18.65 -13.38 -24.66
C THR B 377 -17.23 -13.85 -24.96
N ASP B 378 -16.84 -13.68 -26.23
CA ASP B 378 -15.44 -13.92 -26.59
C ASP B 378 -14.57 -12.69 -26.37
N LEU B 379 -15.17 -11.59 -25.90
CA LEU B 379 -14.39 -10.42 -25.52
C LEU B 379 -13.55 -10.74 -24.29
N PRO B 380 -12.52 -9.93 -24.03
CA PRO B 380 -11.59 -10.24 -22.92
C PRO B 380 -12.23 -10.59 -21.59
N ILE B 381 -13.37 -9.98 -21.23
CA ILE B 381 -13.96 -10.30 -19.94
C ILE B 381 -14.55 -11.70 -19.90
N ARG B 382 -14.91 -12.27 -21.05
CA ARG B 382 -15.35 -13.66 -21.19
C ARG B 382 -16.67 -14.00 -20.48
N THR B 383 -16.74 -13.78 -19.17
CA THR B 383 -17.90 -14.17 -18.39
C THR B 383 -18.30 -13.05 -17.43
N VAL B 384 -19.59 -12.74 -17.40
CA VAL B 384 -20.18 -11.79 -16.47
C VAL B 384 -21.14 -12.56 -15.58
N VAL B 385 -21.07 -12.32 -14.27
CA VAL B 385 -21.89 -13.04 -13.31
C VAL B 385 -22.70 -12.03 -12.50
N TYR B 386 -24.03 -12.09 -12.66
CA TYR B 386 -24.90 -11.21 -11.88
C TYR B 386 -25.22 -11.84 -10.52
N PRO B 387 -25.29 -11.03 -9.47
CA PRO B 387 -25.44 -11.61 -8.13
C PRO B 387 -26.81 -12.25 -7.92
N SER B 388 -26.80 -13.39 -7.24
CA SER B 388 -28.02 -14.04 -6.79
C SER B 388 -28.39 -13.71 -5.35
N TYR B 389 -27.42 -13.25 -4.55
CA TYR B 389 -27.67 -12.91 -3.16
C TYR B 389 -28.36 -11.55 -3.04
N GLY B 390 -29.41 -11.49 -2.22
CA GLY B 390 -30.10 -10.26 -1.90
C GLY B 390 -31.12 -9.79 -2.91
N VAL B 391 -31.37 -10.56 -3.98
CA VAL B 391 -32.16 -10.06 -5.09
C VAL B 391 -33.59 -9.71 -4.67
N ASN B 392 -34.12 -10.40 -3.65
CA ASN B 392 -35.50 -10.21 -3.24
C ASN B 392 -35.64 -9.33 -2.00
N THR B 393 -34.54 -8.83 -1.45
CA THR B 393 -34.62 -7.97 -0.28
C THR B 393 -34.92 -6.54 -0.72
N ASN B 394 -35.06 -5.64 0.26
CA ASN B 394 -35.31 -4.24 -0.02
C ASN B 394 -34.04 -3.48 -0.37
N ALA B 395 -32.88 -4.12 -0.31
CA ALA B 395 -31.59 -3.54 -0.72
C ALA B 395 -30.83 -4.56 -1.56
N PRO B 396 -31.27 -4.79 -2.80
CA PRO B 396 -30.56 -5.75 -3.65
C PRO B 396 -29.12 -5.32 -3.88
N SER B 397 -28.30 -6.30 -4.26
CA SER B 397 -26.90 -6.02 -4.52
C SER B 397 -26.73 -5.07 -5.70
N ASN B 398 -25.82 -4.12 -5.57
CA ASN B 398 -25.39 -3.27 -6.67
C ASN B 398 -24.04 -3.70 -7.23
N THR B 399 -23.56 -4.87 -6.84
CA THR B 399 -22.22 -5.32 -7.16
C THR B 399 -22.27 -6.38 -8.26
N LEU B 400 -21.46 -6.19 -9.28
CA LEU B 400 -21.40 -7.09 -10.43
C LEU B 400 -20.02 -7.73 -10.50
N ILE B 401 -19.99 -9.00 -10.86
CA ILE B 401 -18.75 -9.65 -11.28
C ILE B 401 -18.63 -9.36 -12.76
N ALA B 402 -17.87 -8.32 -13.12
CA ALA B 402 -17.77 -7.87 -14.49
C ALA B 402 -16.90 -8.79 -15.34
N SER B 403 -16.02 -9.56 -14.71
CA SER B 403 -15.15 -10.47 -15.45
C SER B 403 -14.75 -11.64 -14.57
N TYR B 404 -14.82 -12.84 -15.13
CA TYR B 404 -14.38 -14.06 -14.46
C TYR B 404 -13.78 -14.94 -15.56
N CYS B 405 -12.44 -15.08 -15.54
CA CYS B 405 -11.70 -15.70 -16.62
C CYS B 405 -10.90 -16.92 -16.16
N TRP B 406 -10.58 -17.78 -17.12
CA TRP B 406 -9.76 -18.95 -16.92
C TRP B 406 -8.65 -18.97 -17.97
N THR B 407 -7.69 -19.89 -17.77
CA THR B 407 -6.65 -20.19 -18.75
C THR B 407 -6.11 -18.93 -19.43
N ASN B 408 -5.99 -18.94 -20.76
CA ASN B 408 -5.30 -17.85 -21.45
C ASN B 408 -5.99 -16.51 -21.18
N ASP B 409 -7.32 -16.50 -21.12
CA ASP B 409 -8.03 -15.25 -20.90
C ASP B 409 -7.62 -14.63 -19.57
N ALA B 410 -7.46 -15.46 -18.55
CA ALA B 410 -7.04 -14.97 -17.24
C ALA B 410 -5.58 -14.58 -17.24
N GLU B 411 -4.73 -15.34 -17.93
CA GLU B 411 -3.32 -14.97 -18.03
C GLU B 411 -3.14 -13.60 -18.65
N ARG B 412 -3.84 -13.35 -19.77
CA ARG B 412 -3.71 -12.06 -20.44
C ARG B 412 -4.25 -10.94 -19.56
N MET B 413 -5.47 -11.10 -19.04
CA MET B 413 -6.06 -10.04 -18.22
C MET B 413 -5.24 -9.78 -16.96
N GLY B 414 -4.54 -10.80 -16.46
CA GLY B 414 -3.77 -10.63 -15.24
C GLY B 414 -2.72 -9.55 -15.33
N SER B 415 -2.23 -9.26 -16.54
CA SER B 415 -1.21 -8.23 -16.70
C SER B 415 -1.74 -6.85 -16.35
N LEU B 416 -3.06 -6.65 -16.40
CA LEU B 416 -3.68 -5.36 -16.12
C LEU B 416 -4.16 -5.23 -14.69
N ILE B 417 -4.03 -6.27 -13.88
CA ILE B 417 -4.54 -6.30 -12.51
C ILE B 417 -3.37 -6.19 -11.55
N GLY B 418 -3.58 -5.44 -10.47
CA GLY B 418 -2.59 -5.34 -9.41
C GLY B 418 -1.30 -4.68 -9.83
N THR B 419 -1.36 -3.77 -10.80
CA THR B 419 -0.15 -3.05 -11.20
C THR B 419 0.21 -1.96 -10.21
N GLY B 420 -0.75 -1.50 -9.41
CA GLY B 420 -0.48 -0.40 -8.51
C GLY B 420 -0.38 0.95 -9.18
N ALA B 421 -0.59 1.02 -10.49
CA ALA B 421 -0.46 2.25 -11.25
C ALA B 421 -1.85 2.69 -11.69
N ALA B 422 -2.20 3.93 -11.36
CA ALA B 422 -3.50 4.46 -11.71
C ALA B 422 -3.76 4.36 -13.21
N THR B 423 -2.74 4.61 -14.04
CA THR B 423 -2.94 4.62 -15.48
C THR B 423 -3.43 3.26 -15.97
N TYR B 424 -2.92 2.17 -15.40
CA TYR B 424 -3.36 0.85 -15.80
C TYR B 424 -4.68 0.49 -15.14
N GLU B 425 -4.93 0.98 -13.93
CA GLU B 425 -6.25 0.79 -13.32
CA GLU B 425 -6.25 0.80 -13.31
C GLU B 425 -7.32 1.44 -14.18
N GLU B 426 -7.02 2.61 -14.76
CA GLU B 426 -7.96 3.26 -15.66
C GLU B 426 -8.11 2.50 -16.96
N GLN B 427 -6.99 2.00 -17.51
CA GLN B 427 -7.09 1.18 -18.70
C GLN B 427 -7.94 -0.06 -18.45
N LEU B 428 -7.74 -0.71 -17.29
CA LEU B 428 -8.52 -1.90 -16.98
C LEU B 428 -10.00 -1.58 -16.89
N GLU B 429 -10.34 -0.52 -16.14
CA GLU B 429 -11.75 -0.15 -15.99
C GLU B 429 -12.38 0.14 -17.34
N HIS B 430 -11.68 0.90 -18.18
CA HIS B 430 -12.26 1.28 -19.47
C HIS B 430 -12.49 0.06 -20.35
N LEU B 431 -11.54 -0.87 -20.36
CA LEU B 431 -11.71 -2.10 -21.12
C LEU B 431 -12.89 -2.91 -20.62
N VAL B 432 -13.00 -3.07 -19.30
CA VAL B 432 -14.08 -3.86 -18.74
C VAL B 432 -15.43 -3.23 -19.07
N LEU B 433 -15.58 -1.92 -18.83
CA LEU B 433 -16.84 -1.26 -19.13
C LEU B 433 -17.16 -1.31 -20.62
N SER B 434 -16.16 -1.14 -21.47
CA SER B 434 -16.39 -1.21 -22.91
C SER B 434 -16.89 -2.60 -23.30
N ASN B 435 -16.23 -3.65 -22.79
CA ASN B 435 -16.70 -5.01 -23.04
C ASN B 435 -18.13 -5.19 -22.53
N LEU B 436 -18.40 -4.73 -21.32
CA LEU B 436 -19.75 -4.83 -20.77
C LEU B 436 -20.74 -4.11 -21.67
N ALA B 437 -20.39 -2.92 -22.14
CA ALA B 437 -21.27 -2.17 -23.00
C ALA B 437 -21.59 -2.94 -24.27
N ALA B 438 -20.56 -3.57 -24.87
CA ALA B 438 -20.79 -4.31 -26.10
C ALA B 438 -21.64 -5.55 -25.84
N VAL B 439 -21.44 -6.21 -24.70
CA VAL B 439 -22.22 -7.41 -24.39
C VAL B 439 -23.70 -7.05 -24.22
N HIS B 440 -23.98 -5.97 -23.50
CA HIS B 440 -25.35 -5.62 -23.15
C HIS B 440 -25.99 -4.64 -24.10
N ASN B 441 -25.25 -4.12 -25.08
CA ASN B 441 -25.75 -3.16 -26.07
C ASN B 441 -26.10 -1.82 -25.43
N THR B 442 -25.19 -1.30 -24.61
CA THR B 442 -25.31 0.05 -24.07
C THR B 442 -24.15 0.89 -24.57
N ASP B 443 -24.19 2.17 -24.25
CA ASP B 443 -23.04 3.04 -24.48
C ASP B 443 -22.06 2.87 -23.33
N TYR B 444 -20.81 3.24 -23.59
CA TYR B 444 -19.82 3.21 -22.51
C TYR B 444 -20.22 4.12 -21.37
N GLN B 445 -20.71 5.33 -21.68
CA GLN B 445 -20.98 6.33 -20.64
C GLN B 445 -22.12 5.90 -19.73
N TYR B 446 -23.09 5.15 -20.26
CA TYR B 446 -24.18 4.65 -19.43
C TYR B 446 -23.65 3.85 -18.25
N LEU B 447 -22.62 3.04 -18.46
CA LEU B 447 -22.07 2.25 -17.37
C LEU B 447 -21.08 3.06 -16.53
N LYS B 448 -20.28 3.92 -17.18
CA LYS B 448 -19.36 4.76 -16.44
C LYS B 448 -20.11 5.66 -15.46
N ASP B 449 -21.21 6.27 -15.89
CA ASP B 449 -22.01 7.12 -15.01
C ASP B 449 -22.51 6.36 -13.79
N ARG B 450 -22.61 5.04 -13.87
CA ARG B 450 -23.13 4.22 -12.77
C ARG B 450 -22.04 3.54 -11.97
N LEU B 451 -20.79 3.67 -12.35
CA LEU B 451 -19.71 2.99 -11.65
C LEU B 451 -19.30 3.73 -10.37
N VAL B 452 -19.09 2.98 -9.31
CA VAL B 452 -18.69 3.53 -8.01
C VAL B 452 -17.28 3.08 -7.63
N ASP B 453 -17.00 1.77 -7.71
CA ASP B 453 -15.74 1.23 -7.23
C ASP B 453 -15.42 -0.06 -7.97
N VAL B 454 -14.13 -0.31 -8.14
CA VAL B 454 -13.64 -1.50 -8.82
C VAL B 454 -12.67 -2.22 -7.89
N HIS B 455 -12.80 -3.55 -7.85
CA HIS B 455 -11.88 -4.43 -7.14
C HIS B 455 -11.57 -5.61 -8.06
N SER B 456 -10.28 -5.94 -8.20
CA SER B 456 -9.86 -6.99 -9.10
C SER B 456 -8.82 -7.87 -8.39
N TRP B 457 -8.74 -9.12 -8.82
CA TRP B 457 -7.90 -10.12 -8.17
C TRP B 457 -7.38 -11.12 -9.18
N ASP B 458 -6.09 -11.42 -9.07
CA ASP B 458 -5.41 -12.37 -9.94
C ASP B 458 -4.86 -13.48 -9.06
N TRP B 459 -5.55 -14.62 -9.04
CA TRP B 459 -5.08 -15.74 -8.24
C TRP B 459 -3.76 -16.31 -8.76
N ASN B 460 -3.34 -15.93 -9.96
CA ASN B 460 -2.03 -16.34 -10.46
C ASN B 460 -0.96 -15.30 -10.19
N HIS B 461 -1.26 -14.30 -9.36
CA HIS B 461 -0.28 -13.33 -8.89
CA HIS B 461 -0.25 -13.35 -8.86
C HIS B 461 -0.53 -13.12 -7.38
N ASN B 462 -0.47 -14.21 -6.63
CA ASN B 462 -0.78 -14.24 -5.21
C ASN B 462 0.15 -15.25 -4.54
N PRO B 463 1.11 -14.80 -3.72
CA PRO B 463 2.05 -15.74 -3.10
C PRO B 463 1.40 -16.87 -2.32
N LEU B 464 0.17 -16.67 -1.86
CA LEU B 464 -0.49 -17.67 -1.03
C LEU B 464 -1.16 -18.79 -1.83
N THR B 465 -1.34 -18.61 -3.14
CA THR B 465 -1.92 -19.64 -3.99
C THR B 465 -1.04 -20.03 -5.16
N MET B 466 -0.33 -19.08 -5.76
CA MET B 466 0.58 -19.34 -6.88
C MET B 466 -0.16 -20.07 -7.99
N GLY B 467 -1.34 -19.55 -8.32
CA GLY B 467 -2.26 -20.19 -9.23
C GLY B 467 -3.65 -20.20 -8.63
N ALA B 468 -4.67 -20.30 -9.49
CA ALA B 468 -6.04 -20.35 -8.98
C ALA B 468 -6.35 -21.71 -8.34
N PHE B 469 -5.97 -22.80 -9.00
CA PHE B 469 -6.29 -24.13 -8.52
C PHE B 469 -5.60 -25.15 -9.41
N ALA B 470 -5.56 -26.40 -8.94
CA ALA B 470 -5.09 -27.48 -9.79
C ALA B 470 -5.90 -27.52 -11.07
N PHE B 471 -5.20 -27.66 -12.19
CA PHE B 471 -5.83 -27.83 -13.50
C PHE B 471 -4.85 -28.69 -14.30
N PHE B 472 -4.96 -29.99 -14.08
CA PHE B 472 -3.93 -30.93 -14.53
C PHE B 472 -3.82 -30.98 -16.05
N GLY B 473 -2.61 -31.11 -16.53
CA GLY B 473 -2.38 -31.39 -17.93
C GLY B 473 -2.51 -32.87 -18.19
N PRO B 474 -2.44 -33.24 -19.47
CA PRO B 474 -2.50 -34.66 -19.82
C PRO B 474 -1.39 -35.44 -19.14
N GLY B 475 -1.75 -36.61 -18.61
CA GLY B 475 -0.79 -37.48 -17.98
C GLY B 475 -0.59 -37.27 -16.49
N ASP B 476 -0.95 -36.10 -15.97
CA ASP B 476 -0.72 -35.82 -14.56
C ASP B 476 -1.46 -36.83 -13.69
N PHE B 477 -2.74 -37.06 -13.97
CA PHE B 477 -3.53 -37.96 -13.13
C PHE B 477 -2.99 -39.39 -13.19
N GLN B 478 -2.61 -39.86 -14.37
CA GLN B 478 -2.18 -41.24 -14.50
CA GLN B 478 -2.17 -41.25 -14.51
C GLN B 478 -0.76 -41.46 -14.00
N ASP B 479 0.10 -40.45 -14.09
CA ASP B 479 1.52 -40.64 -13.79
C ASP B 479 1.92 -40.19 -12.38
N LEU B 480 1.47 -39.03 -11.94
CA LEU B 480 2.02 -38.41 -10.74
C LEU B 480 1.02 -38.22 -9.61
N TYR B 481 -0.28 -38.26 -9.88
CA TYR B 481 -1.28 -37.92 -8.88
C TYR B 481 -1.21 -38.84 -7.66
N THR B 482 -1.09 -40.17 -7.88
CA THR B 482 -1.16 -41.09 -6.75
C THR B 482 0.01 -40.92 -5.79
N SER B 483 1.16 -40.45 -6.26
CA SER B 483 2.33 -40.38 -5.38
C SER B 483 2.08 -39.48 -4.18
N LEU B 484 1.28 -38.43 -4.35
CA LEU B 484 1.06 -37.51 -3.24
C LEU B 484 -0.05 -37.97 -2.31
N ASN B 485 -0.79 -39.01 -2.67
CA ASN B 485 -1.70 -39.64 -1.73
C ASN B 485 -0.96 -40.58 -0.77
N ARG B 486 0.27 -40.93 -1.08
CA ARG B 486 1.11 -41.60 -0.10
C ARG B 486 1.78 -40.54 0.78
N PRO B 487 1.99 -40.83 2.05
CA PRO B 487 2.65 -39.87 2.93
C PRO B 487 4.13 -39.77 2.63
N ALA B 488 4.77 -38.78 3.21
CA ALA B 488 6.21 -38.64 3.24
C ALA B 488 6.68 -38.57 4.69
N ALA B 489 7.99 -38.37 4.87
CA ALA B 489 8.58 -38.17 6.20
C ALA B 489 8.24 -39.33 7.13
N ASN B 490 8.63 -40.53 6.70
CA ASN B 490 8.40 -41.75 7.46
C ASN B 490 6.94 -41.89 7.85
N GLY B 491 6.05 -41.51 6.93
CA GLY B 491 4.63 -41.61 7.15
C GLY B 491 4.02 -40.51 7.97
N LYS B 492 4.79 -39.47 8.33
CA LYS B 492 4.32 -38.43 9.24
C LYS B 492 3.96 -37.12 8.54
N LEU B 493 4.19 -37.01 7.24
CA LEU B 493 3.76 -35.85 6.45
C LEU B 493 2.67 -36.29 5.49
N HIS B 494 1.50 -35.67 5.60
CA HIS B 494 0.35 -36.01 4.76
C HIS B 494 0.00 -34.81 3.90
N PHE B 495 -0.09 -35.04 2.58
CA PHE B 495 -0.40 -33.99 1.64
C PHE B 495 -1.91 -33.89 1.47
N ALA B 496 -2.44 -32.66 1.57
CA ALA B 496 -3.85 -32.41 1.39
C ALA B 496 -4.02 -31.07 0.68
N GLY B 497 -5.26 -30.65 0.56
CA GLY B 497 -5.61 -29.52 -0.29
C GLY B 497 -6.30 -29.99 -1.56
N GLU B 498 -7.03 -29.05 -2.18
CA GLU B 498 -7.88 -29.41 -3.31
C GLU B 498 -7.11 -30.09 -4.43
N ALA B 499 -5.81 -29.84 -4.56
CA ALA B 499 -5.03 -30.52 -5.59
C ALA B 499 -5.07 -32.04 -5.43
N LEU B 500 -5.21 -32.51 -4.20
CA LEU B 500 -5.27 -33.95 -3.91
C LEU B 500 -6.71 -34.45 -3.92
N SER B 501 -7.33 -34.30 -5.09
CA SER B 501 -8.70 -34.75 -5.30
C SER B 501 -8.94 -34.87 -6.81
N VAL B 502 -10.09 -35.45 -7.14
CA VAL B 502 -10.59 -35.42 -8.51
C VAL B 502 -11.68 -34.36 -8.67
N ARG B 503 -11.77 -33.43 -7.73
CA ARG B 503 -12.68 -32.30 -7.81
C ARG B 503 -11.89 -31.00 -7.71
N HIS B 504 -10.90 -30.84 -8.58
CA HIS B 504 -10.10 -29.62 -8.59
C HIS B 504 -10.99 -28.40 -8.79
N ALA B 505 -10.59 -27.28 -8.16
CA ALA B 505 -11.28 -26.02 -8.26
C ALA B 505 -12.65 -26.05 -7.59
N TRP B 506 -12.83 -26.97 -6.64
CA TRP B 506 -14.05 -27.06 -5.85
C TRP B 506 -13.71 -27.23 -4.38
N VAL B 507 -14.61 -26.76 -3.52
CA VAL B 507 -14.45 -26.94 -2.08
C VAL B 507 -14.43 -28.43 -1.75
N VAL B 508 -15.33 -29.21 -2.36
CA VAL B 508 -15.39 -30.64 -2.06
C VAL B 508 -14.04 -31.28 -2.32
N GLY B 509 -13.29 -30.79 -3.31
CA GLY B 509 -11.95 -31.31 -3.55
C GLY B 509 -11.08 -31.17 -2.32
N ALA B 510 -11.12 -30.01 -1.67
CA ALA B 510 -10.33 -29.81 -0.47
C ALA B 510 -10.82 -30.70 0.66
N LEU B 511 -12.15 -30.89 0.76
CA LEU B 511 -12.69 -31.74 1.82
C LEU B 511 -12.28 -33.19 1.62
N ASP B 512 -12.37 -33.70 0.39
CA ASP B 512 -11.92 -35.05 0.11
C ASP B 512 -10.45 -35.24 0.50
N SER B 513 -9.59 -34.26 0.19
CA SER B 513 -8.18 -34.40 0.54
C SER B 513 -7.98 -34.46 2.04
N ALA B 514 -8.80 -33.73 2.80
CA ALA B 514 -8.67 -33.78 4.25
C ALA B 514 -9.14 -35.12 4.81
N TRP B 515 -10.23 -35.64 4.28
CA TRP B 515 -10.69 -36.98 4.67
C TRP B 515 -9.57 -38.01 4.47
N ARG B 516 -8.94 -38.00 3.31
CA ARG B 516 -7.90 -38.99 3.02
C ARG B 516 -6.68 -38.77 3.89
N ALA B 517 -6.32 -37.51 4.15
CA ALA B 517 -5.18 -37.22 5.01
C ALA B 517 -5.44 -37.68 6.44
N VAL B 518 -6.62 -37.36 6.97
CA VAL B 518 -6.93 -37.79 8.34
C VAL B 518 -7.10 -39.30 8.39
N TYR B 519 -7.71 -39.88 7.35
CA TYR B 519 -7.82 -41.33 7.28
C TYR B 519 -6.46 -42.00 7.42
N ASN B 520 -5.48 -41.54 6.63
CA ASN B 520 -4.15 -42.15 6.72
C ASN B 520 -3.53 -41.92 8.08
N TYR B 521 -3.72 -40.71 8.64
CA TYR B 521 -3.19 -40.40 9.96
C TYR B 521 -3.73 -41.37 11.01
N LEU B 522 -5.05 -41.54 11.05
CA LEU B 522 -5.65 -42.46 12.01
C LEU B 522 -5.19 -43.90 11.76
N TYR B 523 -5.02 -44.27 10.48
CA TYR B 523 -4.65 -45.63 10.13
C TYR B 523 -3.32 -46.03 10.75
N VAL B 524 -2.36 -45.11 10.81
CA VAL B 524 -1.03 -45.45 11.29
C VAL B 524 -0.81 -45.11 12.76
N THR B 525 -1.67 -44.32 13.38
CA THR B 525 -1.48 -43.91 14.76
C THR B 525 -2.50 -44.48 15.73
N ASP B 526 -3.78 -44.58 15.34
CA ASP B 526 -4.83 -45.04 16.23
C ASP B 526 -5.95 -45.65 15.42
N PRO B 527 -5.73 -46.84 14.85
CA PRO B 527 -6.77 -47.44 14.00
C PRO B 527 -8.07 -47.75 14.73
N ALA B 528 -8.05 -47.81 16.06
CA ALA B 528 -9.29 -48.06 16.80
C ALA B 528 -10.31 -46.95 16.61
N LYS B 529 -9.87 -45.76 16.17
CA LYS B 529 -10.80 -44.68 15.92
C LYS B 529 -11.41 -44.72 14.52
N LEU B 530 -10.97 -45.64 13.66
CA LEU B 530 -11.50 -45.68 12.31
C LEU B 530 -13.01 -45.87 12.28
N PRO B 531 -13.60 -46.79 13.07
CA PRO B 531 -15.07 -46.93 13.03
C PRO B 531 -15.82 -45.63 13.28
N LYS B 532 -15.43 -44.86 14.30
CA LYS B 532 -16.08 -43.58 14.55
C LYS B 532 -15.78 -42.58 13.43
N PHE B 533 -14.55 -42.58 12.93
CA PHE B 533 -14.22 -41.74 11.78
C PHE B 533 -15.14 -42.04 10.61
N PHE B 534 -15.32 -43.33 10.29
CA PHE B 534 -16.23 -43.71 9.20
C PHE B 534 -17.66 -43.24 9.51
N GLU B 535 -18.11 -43.41 10.74
CA GLU B 535 -19.49 -43.09 11.09
C GLU B 535 -19.77 -41.61 10.95
N LEU B 536 -18.84 -40.76 11.37
CA LEU B 536 -19.06 -39.32 11.36
C LEU B 536 -18.76 -38.69 10.00
N TRP B 537 -17.77 -39.22 9.28
CA TRP B 537 -17.27 -38.54 8.09
C TRP B 537 -17.23 -39.43 6.85
N GLY B 538 -17.84 -40.61 6.90
CA GLY B 538 -18.01 -41.42 5.71
C GLY B 538 -17.00 -42.54 5.62
N LYS B 539 -17.45 -43.68 5.08
CA LYS B 539 -16.58 -44.83 4.86
C LYS B 539 -15.59 -44.58 3.72
N ASN B 540 -15.88 -43.66 2.82
CA ASN B 540 -15.01 -43.37 1.69
C ASN B 540 -15.04 -41.87 1.42
N ALA B 541 -13.98 -41.38 0.79
CA ALA B 541 -13.94 -39.97 0.43
C ALA B 541 -14.99 -39.64 -0.63
N GLU B 542 -15.02 -40.43 -1.71
CA GLU B 542 -15.80 -40.12 -2.90
C GLU B 542 -17.01 -41.03 -3.09
N TRP B 543 -16.86 -42.34 -2.89
CA TRP B 543 -17.95 -43.29 -3.12
C TRP B 543 -19.22 -42.83 -2.41
N PHE B 544 -20.33 -42.90 -3.12
CA PHE B 544 -21.61 -42.45 -2.57
C PHE B 544 -22.04 -43.33 -1.40
N GLU B 545 -23.09 -42.90 -0.72
CA GLU B 545 -23.61 -43.62 0.43
C GLU B 545 -24.73 -44.58 0.02
N GLY C 11 -39.54 39.82 10.05
CA GLY C 11 -38.70 39.90 11.23
C GLY C 11 -37.41 39.13 11.08
N GLU C 12 -36.74 39.32 9.94
CA GLU C 12 -35.49 38.64 9.66
C GLU C 12 -34.30 39.49 10.10
N ARG C 13 -33.35 38.84 10.77
CA ARG C 13 -32.14 39.51 11.23
C ARG C 13 -31.10 38.43 11.49
N VAL C 14 -30.01 38.45 10.72
CA VAL C 14 -29.02 37.38 10.77
C VAL C 14 -27.91 37.79 11.73
N GLY C 15 -27.71 36.99 12.77
CA GLY C 15 -26.58 37.18 13.65
C GLY C 15 -25.33 36.53 13.08
N ILE C 16 -24.31 37.33 12.81
CA ILE C 16 -23.05 36.84 12.27
C ILE C 16 -22.04 36.82 13.42
N LEU C 17 -21.55 35.63 13.76
CA LEU C 17 -20.63 35.46 14.89
C LEU C 17 -19.21 35.48 14.36
N GLY C 18 -18.46 36.51 14.72
CA GLY C 18 -17.08 36.64 14.30
C GLY C 18 -16.91 37.64 13.19
N ALA C 19 -16.07 38.66 13.42
CA ALA C 19 -15.78 39.69 12.44
C ALA C 19 -14.50 39.40 11.65
N GLY C 20 -14.22 38.13 11.38
CA GLY C 20 -13.18 37.78 10.44
C GLY C 20 -13.67 37.95 9.02
N ILE C 21 -12.84 37.50 8.08
CA ILE C 21 -13.16 37.71 6.66
C ILE C 21 -14.41 36.93 6.28
N GLY C 22 -14.64 35.77 6.90
CA GLY C 22 -15.85 35.02 6.63
C GLY C 22 -17.10 35.73 7.08
N GLY C 23 -17.07 36.32 8.27
CA GLY C 23 -18.23 37.05 8.76
C GLY C 23 -18.43 38.37 8.05
N LEU C 24 -17.34 39.05 7.70
CA LEU C 24 -17.45 40.28 6.93
C LEU C 24 -17.98 40.00 5.54
N TYR C 25 -17.51 38.92 4.90
CA TYR C 25 -18.01 38.55 3.59
C TYR C 25 -19.49 38.21 3.66
N SER C 26 -19.89 37.45 4.68
CA SER C 26 -21.30 37.17 4.88
C SER C 26 -22.10 38.46 4.99
N ALA C 27 -21.54 39.44 5.71
CA ALA C 27 -22.22 40.73 5.85
C ALA C 27 -22.34 41.45 4.51
N LEU C 28 -21.28 41.40 3.69
CA LEU C 28 -21.36 42.02 2.37
C LEU C 28 -22.48 41.42 1.54
N ILE C 29 -22.59 40.09 1.53
CA ILE C 29 -23.64 39.44 0.75
C ILE C 29 -25.00 39.85 1.27
N LEU C 30 -25.19 39.78 2.59
CA LEU C 30 -26.49 40.11 3.16
C LEU C 30 -26.85 41.56 2.89
N GLN C 31 -25.88 42.48 3.02
CA GLN C 31 -26.15 43.89 2.76
CA GLN C 31 -26.15 43.89 2.76
C GLN C 31 -26.53 44.11 1.31
N SER C 32 -25.78 43.50 0.38
CA SER C 32 -26.10 43.63 -1.04
C SER C 32 -27.50 43.12 -1.35
N LEU C 33 -28.06 42.26 -0.48
CA LEU C 33 -29.39 41.72 -0.67
C LEU C 33 -30.41 42.33 0.29
N ASP C 34 -30.03 43.37 1.03
CA ASP C 34 -30.97 44.06 1.93
C ASP C 34 -31.51 43.13 3.01
N VAL C 35 -30.63 42.32 3.59
CA VAL C 35 -30.97 41.43 4.69
C VAL C 35 -30.37 42.03 5.96
N PRO C 36 -31.17 42.33 6.98
CA PRO C 36 -30.59 42.86 8.22
C PRO C 36 -29.63 41.86 8.85
N PHE C 37 -28.56 42.37 9.46
CA PHE C 37 -27.58 41.52 10.13
C PHE C 37 -26.95 42.30 11.28
N GLU C 38 -26.23 41.57 12.12
CA GLU C 38 -25.43 42.16 13.18
C GLU C 38 -24.23 41.25 13.41
N ILE C 39 -23.04 41.84 13.49
CA ILE C 39 -21.80 41.10 13.66
C ILE C 39 -21.40 41.18 15.12
N ILE C 40 -21.20 40.02 15.75
CA ILE C 40 -20.73 39.93 17.12
C ILE C 40 -19.28 39.46 17.09
N GLU C 41 -18.40 40.22 17.73
CA GLU C 41 -16.97 39.98 17.71
C GLU C 41 -16.45 39.99 19.14
N ALA C 42 -15.64 38.97 19.47
CA ALA C 42 -15.13 38.84 20.83
C ALA C 42 -14.07 39.90 21.13
N SER C 43 -13.25 40.25 20.15
CA SER C 43 -12.10 41.11 20.39
C SER C 43 -12.47 42.56 20.14
N ASN C 44 -11.47 43.44 20.18
CA ASN C 44 -11.64 44.86 19.88
C ASN C 44 -11.26 45.21 18.45
N ARG C 45 -11.03 44.20 17.60
CA ARG C 45 -10.56 44.41 16.24
C ARG C 45 -11.32 43.49 15.29
N VAL C 46 -11.38 43.90 14.02
CA VAL C 46 -11.92 43.09 12.96
C VAL C 46 -10.76 42.55 12.13
N GLY C 47 -11.02 41.43 11.46
CA GLY C 47 -10.06 40.82 10.55
C GLY C 47 -9.67 39.40 10.94
N GLY C 48 -9.77 39.09 12.22
CA GLY C 48 -9.45 37.73 12.65
C GLY C 48 -8.04 37.35 12.25
N ARG C 49 -7.92 36.26 11.48
CA ARG C 49 -6.62 35.76 11.07
C ARG C 49 -6.03 36.55 9.90
N LEU C 50 -6.66 37.64 9.48
CA LEU C 50 -5.99 38.68 8.70
C LEU C 50 -5.49 39.68 9.74
N PHE C 51 -4.20 39.62 10.04
CA PHE C 51 -3.61 40.30 11.19
C PHE C 51 -2.27 40.86 10.75
N THR C 52 -2.18 42.18 10.63
CA THR C 52 -0.97 42.85 10.20
C THR C 52 -0.35 43.53 11.41
N HIS C 53 0.90 43.18 11.71
CA HIS C 53 1.62 43.80 12.81
C HIS C 53 2.53 44.89 12.28
N LYS C 54 2.33 46.10 12.76
CA LYS C 54 3.18 47.24 12.42
C LYS C 54 4.24 47.41 13.49
N PHE C 55 5.50 47.48 13.07
CA PHE C 55 6.57 47.83 14.00
C PHE C 55 6.60 49.35 14.14
N PRO C 56 6.36 49.90 15.34
CA PRO C 56 6.36 51.37 15.45
C PRO C 56 7.71 52.01 15.15
N ASN C 57 8.82 51.36 15.48
CA ASN C 57 10.14 51.94 15.24
C ASN C 57 10.57 51.88 13.78
N GLY C 58 9.73 51.34 12.90
CA GLY C 58 10.06 51.19 11.50
C GLY C 58 9.35 52.21 10.61
N GLY C 59 9.59 52.04 9.31
CA GLY C 59 9.01 52.91 8.29
C GLY C 59 7.67 52.38 7.76
N LYS C 60 7.24 53.00 6.66
CA LYS C 60 5.93 52.70 6.09
C LYS C 60 5.73 51.22 5.82
N TYR C 61 6.74 50.55 5.28
CA TYR C 61 6.64 49.14 4.91
C TYR C 61 7.25 48.21 5.95
N ASP C 62 7.47 48.70 7.16
CA ASP C 62 7.99 47.87 8.26
C ASP C 62 6.83 47.26 9.05
N TYR C 63 6.09 46.42 8.35
CA TYR C 63 5.04 45.58 8.92
C TYR C 63 5.24 44.17 8.40
N TYR C 64 4.54 43.22 9.00
CA TYR C 64 4.45 41.88 8.44
C TYR C 64 3.09 41.30 8.79
N ASP C 65 2.62 40.39 7.95
CA ASP C 65 1.32 39.75 8.14
C ASP C 65 1.50 38.51 9.01
N VAL C 66 0.88 38.53 10.19
CA VAL C 66 0.98 37.41 11.11
C VAL C 66 0.15 36.23 10.61
N GLY C 67 -0.94 36.53 9.89
CA GLY C 67 -1.74 35.50 9.28
C GLY C 67 -1.66 35.55 7.76
N ALA C 68 -2.78 35.80 7.10
CA ALA C 68 -2.80 35.79 5.64
C ALA C 68 -1.89 36.88 5.08
N MET C 69 -1.12 36.51 4.05
CA MET C 69 -0.12 37.40 3.48
C MET C 69 0.05 37.28 1.97
N ARG C 70 -0.44 36.24 1.32
CA ARG C 70 -0.18 36.03 -0.09
C ARG C 70 -1.40 35.39 -0.74
N TYR C 71 -1.66 35.77 -1.98
CA TYR C 71 -2.89 35.37 -2.67
C TYR C 71 -2.58 34.91 -4.09
N PRO C 72 -2.63 33.59 -4.37
CA PRO C 72 -2.38 33.10 -5.73
C PRO C 72 -3.62 33.23 -6.61
N LEU C 73 -3.84 34.44 -7.12
CA LEU C 73 -5.05 34.75 -7.87
C LEU C 73 -4.93 34.33 -9.33
N PRO C 74 -6.06 34.20 -10.02
CA PRO C 74 -6.00 34.01 -11.48
C PRO C 74 -5.53 35.29 -12.16
N LYS C 75 -5.22 35.16 -13.45
CA LYS C 75 -4.89 36.33 -14.24
C LYS C 75 -6.06 37.31 -14.23
N SER C 76 -5.75 38.59 -14.35
CA SER C 76 -6.75 39.64 -14.32
C SER C 76 -6.37 40.74 -15.30
N ASP C 77 -7.36 41.49 -15.74
CA ASP C 77 -7.11 42.65 -16.58
C ASP C 77 -6.98 43.88 -15.70
N ASP C 78 -6.71 45.03 -16.33
CA ASP C 78 -6.58 46.28 -15.61
C ASP C 78 -7.86 46.70 -14.93
N LYS C 79 -8.98 46.12 -15.33
CA LYS C 79 -10.26 46.53 -14.77
C LYS C 79 -10.67 45.65 -13.59
N GLY C 80 -9.85 44.67 -13.22
CA GLY C 80 -10.18 43.79 -12.11
C GLY C 80 -11.04 42.60 -12.48
N ASN C 81 -11.22 42.33 -13.77
CA ASN C 81 -11.92 41.13 -14.19
C ASN C 81 -10.95 39.96 -14.13
N TYR C 82 -11.35 38.90 -13.43
CA TYR C 82 -10.49 37.75 -13.21
C TYR C 82 -10.93 36.57 -14.06
N GLN C 83 -9.96 35.82 -14.56
CA GLN C 83 -10.24 34.55 -15.23
C GLN C 83 -10.73 33.52 -14.20
N PRO C 84 -11.41 32.48 -14.67
CA PRO C 84 -11.81 31.40 -13.75
C PRO C 84 -10.60 30.80 -13.06
N GLY C 85 -10.79 30.39 -11.81
CA GLY C 85 -9.69 29.82 -11.05
C GLY C 85 -10.09 29.58 -9.61
N VAL C 86 -9.19 28.91 -8.89
CA VAL C 86 -9.45 28.53 -7.52
C VAL C 86 -9.72 29.76 -6.66
N MET C 87 -8.98 30.85 -6.89
CA MET C 87 -9.07 32.05 -6.08
C MET C 87 -9.83 33.18 -6.77
N GLN C 88 -10.61 32.86 -7.80
CA GLN C 88 -11.36 33.90 -8.51
C GLN C 88 -12.27 34.66 -7.56
N ARG C 89 -12.92 33.95 -6.63
CA ARG C 89 -13.83 34.60 -5.69
C ARG C 89 -13.09 35.64 -4.85
N VAL C 90 -11.82 35.39 -4.53
CA VAL C 90 -11.03 36.37 -3.78
C VAL C 90 -10.73 37.58 -4.66
N GLY C 91 -10.33 37.33 -5.91
CA GLY C 91 -10.08 38.43 -6.82
C GLY C 91 -11.30 39.31 -7.02
N GLN C 92 -12.46 38.70 -7.21
CA GLN C 92 -13.69 39.48 -7.40
C GLN C 92 -14.02 40.32 -6.18
N LEU C 93 -13.72 39.81 -4.98
CA LEU C 93 -13.96 40.60 -3.78
C LEU C 93 -13.14 41.88 -3.78
N PHE C 94 -11.84 41.75 -4.08
CA PHE C 94 -10.97 42.92 -4.19
C PHE C 94 -11.56 43.93 -5.17
N THR C 95 -11.97 43.45 -6.36
CA THR C 95 -12.53 44.33 -7.37
C THR C 95 -13.82 44.97 -6.87
N TYR C 96 -14.69 44.18 -6.23
CA TYR C 96 -15.93 44.70 -5.68
C TYR C 96 -15.65 45.87 -4.73
N LEU C 97 -14.57 45.78 -3.96
CA LEU C 97 -14.23 46.79 -2.97
C LEU C 97 -13.35 47.90 -3.52
N GLY C 98 -13.05 47.89 -4.82
CA GLY C 98 -12.21 48.92 -5.40
C GLY C 98 -10.76 48.85 -5.00
N MET C 99 -10.25 47.64 -4.73
CA MET C 99 -8.90 47.45 -4.22
C MET C 99 -7.93 46.92 -5.26
N HIS C 100 -8.35 46.79 -6.51
CA HIS C 100 -7.50 46.13 -7.51
C HIS C 100 -6.14 46.80 -7.59
N LYS C 101 -6.10 48.14 -7.51
CA LYS C 101 -4.84 48.85 -7.63
C LYS C 101 -3.98 48.66 -6.38
N GLN C 102 -4.57 48.25 -5.27
CA GLN C 102 -3.84 47.98 -4.04
C GLN C 102 -3.26 46.57 -4.01
N LEU C 103 -3.54 45.73 -5.01
CA LEU C 103 -2.91 44.43 -5.09
C LEU C 103 -1.56 44.60 -5.77
N ILE C 104 -0.49 44.21 -5.08
CA ILE C 104 0.86 44.37 -5.61
C ILE C 104 1.45 42.98 -5.79
N PRO C 105 2.50 42.86 -6.59
CA PRO C 105 3.08 41.53 -6.82
C PRO C 105 3.62 40.92 -5.53
N TYR C 106 3.37 39.63 -5.36
CA TYR C 106 3.99 38.82 -4.34
C TYR C 106 4.96 37.84 -5.02
N TYR C 107 6.21 37.88 -4.62
CA TYR C 107 7.24 37.04 -5.24
C TYR C 107 7.37 35.76 -4.42
N PHE C 108 6.74 34.69 -4.90
CA PHE C 108 6.87 33.40 -4.22
C PHE C 108 8.34 32.96 -4.24
N LYS C 109 9.03 33.21 -5.35
CA LYS C 109 10.47 33.07 -5.47
C LYS C 109 11.10 34.45 -5.55
N SER C 110 12.40 34.54 -5.25
CA SER C 110 13.08 35.83 -5.28
C SER C 110 13.01 36.43 -6.69
N ASN C 111 12.82 37.74 -6.76
CA ASN C 111 12.80 38.45 -8.03
C ASN C 111 14.20 38.63 -8.60
N LYS C 112 15.24 38.45 -7.78
CA LYS C 112 16.61 38.58 -8.23
C LYS C 112 17.30 37.21 -8.13
N SER C 113 18.29 37.06 -7.26
CA SER C 113 18.95 35.78 -7.12
C SER C 113 18.09 34.81 -6.31
N PRO C 114 18.21 33.51 -6.56
CA PRO C 114 17.33 32.55 -5.88
C PRO C 114 17.59 32.49 -4.39
N GLY C 115 16.55 32.09 -3.66
CA GLY C 115 16.66 31.90 -2.22
C GLY C 115 17.57 30.76 -1.86
N PHE C 116 17.79 30.62 -0.55
CA PHE C 116 18.72 29.63 -0.01
C PHE C 116 17.99 28.37 0.46
N GLN C 117 18.70 27.25 0.39
CA GLN C 117 18.30 26.00 1.00
C GLN C 117 19.43 25.55 1.91
N TYR C 118 19.09 25.17 3.15
CA TYR C 118 20.07 24.71 4.11
C TYR C 118 19.53 23.46 4.79
N PHE C 119 20.00 22.29 4.33
CA PHE C 119 19.55 20.99 4.83
C PHE C 119 20.76 20.12 5.11
N ASN C 120 20.75 19.46 6.26
CA ASN C 120 21.83 18.54 6.65
C ASN C 120 23.19 19.23 6.62
N GLY C 121 23.21 20.50 7.02
CA GLY C 121 24.44 21.26 7.05
C GLY C 121 24.96 21.68 5.70
N VAL C 122 24.21 21.42 4.62
CA VAL C 122 24.61 21.76 3.27
C VAL C 122 23.80 22.96 2.80
N ARG C 123 24.50 23.99 2.30
CA ARG C 123 23.88 25.22 1.84
C ARG C 123 23.93 25.29 0.33
N ALA C 124 22.85 25.78 -0.28
CA ALA C 124 22.80 25.93 -1.72
C ALA C 124 21.67 26.88 -2.08
N ARG C 125 21.73 27.40 -3.30
CA ARG C 125 20.64 28.21 -3.83
C ARG C 125 19.55 27.31 -4.40
N ILE C 126 18.31 27.78 -4.29
CA ILE C 126 17.20 27.08 -4.93
C ILE C 126 17.50 26.96 -6.42
N GLY C 127 17.42 25.74 -6.94
CA GLY C 127 17.65 25.49 -8.35
C GLY C 127 19.04 25.02 -8.72
N GLU C 128 19.98 25.00 -7.77
CA GLU C 128 21.34 24.57 -8.06
C GLU C 128 21.49 23.06 -8.10
N GLY C 129 20.44 22.30 -7.79
CA GLY C 129 20.49 20.86 -7.93
C GLY C 129 21.28 20.14 -6.86
N SER C 130 21.43 20.73 -5.68
CA SER C 130 22.12 20.04 -4.60
C SER C 130 21.28 18.87 -4.10
N SER C 131 21.97 17.83 -3.64
CA SER C 131 21.33 16.69 -2.99
C SER C 131 21.35 16.79 -1.47
N PHE C 132 22.00 17.80 -0.91
CA PHE C 132 22.03 18.04 0.53
C PHE C 132 22.43 16.77 1.28
N ASP C 133 23.48 16.12 0.79
CA ASP C 133 24.06 14.95 1.45
C ASP C 133 23.06 13.80 1.56
N ALA C 134 22.02 13.82 0.73
CA ALA C 134 21.02 12.75 0.77
C ALA C 134 21.63 11.35 0.61
N PRO C 135 22.67 11.14 -0.19
CA PRO C 135 23.25 9.78 -0.27
C PRO C 135 23.65 9.24 1.09
N ALA C 136 24.23 10.07 1.96
CA ALA C 136 24.57 9.62 3.31
C ALA C 136 23.33 9.28 4.12
N LEU C 137 22.19 9.86 3.76
CA LEU C 137 20.92 9.53 4.40
C LEU C 137 20.35 8.22 3.90
N GLY C 138 20.93 7.62 2.86
CA GLY C 138 20.39 6.40 2.30
C GLY C 138 19.42 6.58 1.16
N ILE C 139 19.39 7.75 0.54
CA ILE C 139 18.56 8.00 -0.64
C ILE C 139 19.39 7.66 -1.86
N ASN C 140 18.97 6.65 -2.62
CA ASN C 140 19.77 6.20 -3.75
C ASN C 140 19.76 7.24 -4.87
N SER C 141 20.67 7.04 -5.83
CA SER C 141 20.88 8.05 -6.86
C SER C 141 19.68 8.18 -7.79
N SER C 142 18.90 7.12 -7.96
CA SER C 142 17.75 7.17 -8.85
C SER C 142 16.70 8.15 -8.33
N LEU C 143 16.39 8.08 -7.04
CA LEU C 143 15.40 8.99 -6.46
C LEU C 143 15.90 10.42 -6.45
N ILE C 144 17.18 10.63 -6.15
CA ILE C 144 17.74 11.98 -6.14
C ILE C 144 17.61 12.61 -7.51
N ASP C 145 17.95 11.86 -8.56
CA ASP C 145 17.89 12.41 -9.91
C ASP C 145 16.47 12.85 -10.26
N ILE C 146 15.47 12.06 -9.87
CA ILE C 146 14.09 12.45 -10.12
C ILE C 146 13.73 13.67 -9.30
N GLY C 147 14.07 13.67 -8.02
CA GLY C 147 13.81 14.81 -7.16
C GLY C 147 12.50 14.68 -6.43
N VAL C 148 12.44 15.33 -5.25
CA VAL C 148 11.25 15.24 -4.42
C VAL C 148 10.04 15.84 -5.14
N THR C 149 10.23 16.98 -5.80
CA THR C 149 9.11 17.66 -6.44
C THR C 149 8.40 16.76 -7.44
N LYS C 150 9.16 16.13 -8.34
CA LYS C 150 8.55 15.31 -9.37
C LYS C 150 7.89 14.08 -8.77
N ILE C 151 8.50 13.48 -7.75
CA ILE C 151 7.93 12.31 -7.11
C ILE C 151 6.57 12.66 -6.49
N VAL C 152 6.54 13.74 -5.69
CA VAL C 152 5.29 14.11 -5.03
C VAL C 152 4.23 14.47 -6.06
N ASN C 153 4.62 15.16 -7.13
CA ASN C 153 3.67 15.53 -8.16
C ASN C 153 3.06 14.28 -8.82
N ASP C 154 3.89 13.26 -9.04
CA ASP C 154 3.39 12.03 -9.64
C ASP C 154 2.34 11.37 -8.76
N ALA C 155 2.52 11.45 -7.44
CA ALA C 155 1.55 10.88 -6.51
C ALA C 155 0.33 11.77 -6.35
N VAL C 156 0.52 13.08 -6.30
CA VAL C 156 -0.59 13.99 -6.06
C VAL C 156 -1.31 14.36 -7.35
N GLY C 157 -0.59 14.41 -8.47
CA GLY C 157 -1.13 14.85 -9.73
C GLY C 157 -2.46 14.26 -10.13
N PRO C 158 -2.56 12.93 -10.16
CA PRO C 158 -3.84 12.32 -10.60
C PRO C 158 -5.04 12.79 -9.79
N PHE C 159 -4.92 12.83 -8.47
CA PHE C 159 -6.03 13.31 -7.66
C PHE C 159 -6.32 14.77 -7.94
N ALA C 160 -5.28 15.60 -8.01
CA ALA C 160 -5.47 17.04 -8.17
C ALA C 160 -6.12 17.35 -9.52
N GLN C 161 -5.74 16.63 -10.57
CA GLN C 161 -6.30 16.89 -11.88
C GLN C 161 -7.79 16.56 -11.90
N ALA C 162 -8.19 15.48 -11.24
CA ALA C 162 -9.61 15.12 -11.21
C ALA C 162 -10.42 16.16 -10.44
N LEU C 163 -9.85 16.71 -9.37
CA LEU C 163 -10.56 17.76 -8.63
C LEU C 163 -10.61 19.06 -9.43
N PHE C 164 -9.53 19.37 -10.15
CA PHE C 164 -9.54 20.56 -10.99
C PHE C 164 -10.54 20.40 -12.14
N ASP C 165 -10.69 19.17 -12.65
CA ASP C 165 -11.71 18.92 -13.66
C ASP C 165 -13.11 19.09 -13.09
N ASP C 166 -13.31 18.71 -11.83
CA ASP C 166 -14.59 18.96 -11.16
C ASP C 166 -14.95 20.43 -11.23
N LEU C 167 -14.01 21.30 -10.83
CA LEU C 167 -14.29 22.73 -10.80
C LEU C 167 -14.58 23.25 -12.20
N GLN C 168 -13.87 22.75 -13.21
CA GLN C 168 -13.97 23.28 -14.56
C GLN C 168 -15.18 22.71 -15.30
N LYS C 169 -15.43 21.41 -15.17
CA LYS C 169 -16.52 20.75 -15.87
C LYS C 169 -17.80 20.67 -15.05
N HIS C 170 -17.79 21.14 -13.80
CA HIS C 170 -18.95 21.12 -12.91
C HIS C 170 -19.39 19.68 -12.61
N THR C 171 -18.48 18.92 -12.04
CA THR C 171 -18.74 17.55 -11.64
C THR C 171 -18.24 17.32 -10.22
N THR C 172 -18.53 16.14 -9.68
CA THR C 172 -18.08 15.75 -8.36
C THR C 172 -17.41 14.37 -8.36
N THR C 173 -17.18 13.78 -9.53
CA THR C 173 -16.51 12.48 -9.57
C THR C 173 -15.10 12.57 -9.02
N GLY C 174 -14.40 13.68 -9.28
CA GLY C 174 -13.07 13.85 -8.71
C GLY C 174 -13.08 13.80 -7.20
N TRP C 175 -14.08 14.43 -6.58
CA TRP C 175 -14.19 14.38 -5.12
C TRP C 175 -14.55 12.98 -4.63
N ASP C 176 -15.47 12.31 -5.33
CA ASP C 176 -15.83 10.95 -4.95
C ASP C 176 -14.61 10.03 -4.95
N ASP C 177 -13.74 10.18 -5.95
CA ASP C 177 -12.54 9.36 -6.01
C ASP C 177 -11.56 9.74 -4.91
N MET C 178 -11.38 11.04 -4.67
CA MET C 178 -10.56 11.48 -3.54
C MET C 178 -11.08 10.91 -2.24
N MET C 179 -12.40 10.91 -2.05
CA MET C 179 -12.96 10.41 -0.79
C MET C 179 -12.79 8.90 -0.64
N LYS C 180 -12.73 8.14 -1.75
CA LYS C 180 -12.42 6.72 -1.63
C LYS C 180 -11.02 6.51 -1.06
N ASN C 181 -10.15 7.50 -1.17
CA ASN C 181 -8.78 7.43 -0.66
C ASN C 181 -8.55 8.31 0.56
N ASP C 182 -9.62 8.84 1.16
CA ASP C 182 -9.46 9.82 2.24
C ASP C 182 -8.97 9.20 3.53
N ALA C 183 -9.11 7.87 3.69
CA ALA C 183 -8.59 7.22 4.89
C ALA C 183 -7.07 7.18 4.89
N TYR C 184 -6.43 7.48 3.77
CA TYR C 184 -4.98 7.54 3.72
C TYR C 184 -4.46 8.87 4.26
N SER C 185 -3.40 8.78 5.06
CA SER C 185 -2.52 9.91 5.21
C SER C 185 -1.59 9.97 4.00
N THR C 186 -0.89 11.10 3.84
CA THR C 186 0.09 11.15 2.78
C THR C 186 1.15 10.06 2.98
N ARG C 187 1.56 9.83 4.22
CA ARG C 187 2.56 8.80 4.49
C ARG C 187 2.02 7.41 4.19
N SER C 188 0.82 7.10 4.69
CA SER C 188 0.27 5.76 4.49
C SER C 188 -0.05 5.52 3.02
N TYR C 189 -0.35 6.57 2.26
CA TYR C 189 -0.51 6.41 0.82
C TYR C 189 0.80 5.99 0.18
N PHE C 190 1.91 6.67 0.54
CA PHE C 190 3.21 6.31 -0.02
C PHE C 190 3.65 4.94 0.44
N SER C 191 3.33 4.56 1.69
CA SER C 191 3.87 3.33 2.25
C SER C 191 3.11 2.10 1.79
N PHE C 192 1.81 2.22 1.48
CA PHE C 192 1.00 1.03 1.25
C PHE C 192 0.26 1.03 -0.08
N LYS C 193 0.29 2.11 -0.87
CA LYS C 193 -0.47 2.08 -2.12
C LYS C 193 0.38 2.61 -3.29
N TYR C 194 0.92 3.82 -3.13
CA TYR C 194 1.60 4.45 -4.26
C TYR C 194 2.74 3.59 -4.77
N LEU C 195 2.81 3.45 -6.09
CA LEU C 195 3.94 2.85 -6.76
C LEU C 195 4.40 3.83 -7.83
N PRO C 196 5.70 4.11 -7.96
CA PRO C 196 6.14 5.14 -8.90
C PRO C 196 5.77 4.78 -10.32
N SER C 197 5.43 5.80 -11.10
CA SER C 197 5.01 5.60 -12.50
C SER C 197 6.06 4.79 -13.23
N PRO C 198 5.66 3.93 -14.18
CA PRO C 198 6.66 3.10 -14.86
C PRO C 198 7.79 3.90 -15.51
N SER C 199 7.51 5.13 -15.94
CA SER C 199 8.53 5.91 -16.64
C SER C 199 9.72 6.26 -15.73
N PHE C 200 9.54 6.26 -14.42
CA PHE C 200 10.66 6.57 -13.54
C PHE C 200 11.70 5.45 -13.53
N GLY C 201 11.35 4.26 -13.97
CA GLY C 201 12.28 3.15 -13.94
C GLY C 201 12.70 2.72 -12.55
N LEU C 202 11.88 3.00 -11.54
CA LEU C 202 12.18 2.60 -10.17
C LEU C 202 11.59 1.23 -9.90
N PRO C 203 12.04 0.57 -8.82
CA PRO C 203 11.44 -0.71 -8.46
C PRO C 203 9.95 -0.57 -8.17
N SER C 204 9.20 -1.62 -8.52
CA SER C 204 7.76 -1.67 -8.27
C SER C 204 7.51 -2.02 -6.80
N GLU C 205 7.99 -1.13 -5.93
CA GLU C 205 7.90 -1.31 -4.49
CA GLU C 205 7.90 -1.31 -4.49
C GLU C 205 7.53 0.02 -3.85
N HIS C 206 6.76 -0.06 -2.77
CA HIS C 206 6.40 1.14 -2.05
C HIS C 206 7.64 1.76 -1.42
N PHE C 207 7.66 3.10 -1.37
CA PHE C 207 8.80 3.80 -0.79
C PHE C 207 8.98 3.40 0.69
N SER C 208 10.23 3.40 1.12
CA SER C 208 10.55 3.16 2.51
C SER C 208 10.27 4.41 3.34
N THR C 209 10.20 4.21 4.65
CA THR C 209 10.01 5.33 5.56
C THR C 209 11.13 6.35 5.40
N ARG C 210 12.36 5.88 5.24
CA ARG C 210 13.50 6.78 5.06
C ARG C 210 13.27 7.70 3.86
N VAL C 211 12.81 7.12 2.74
CA VAL C 211 12.55 7.90 1.54
C VAL C 211 11.35 8.82 1.73
N ILE C 212 10.31 8.33 2.40
CA ILE C 212 9.11 9.14 2.60
C ILE C 212 9.44 10.36 3.47
N ASN C 213 10.24 10.17 4.51
CA ASN C 213 10.62 11.29 5.36
C ASN C 213 11.49 12.28 4.59
N TRP C 214 12.27 11.79 3.62
CA TRP C 214 13.03 12.66 2.75
C TRP C 214 12.11 13.54 1.91
N LEU C 215 11.03 12.95 1.39
CA LEU C 215 10.02 13.73 0.67
C LEU C 215 9.43 14.82 1.57
N GLU C 216 8.98 14.44 2.77
CA GLU C 216 8.35 15.42 3.65
C GLU C 216 9.32 16.56 4.00
N THR C 217 10.60 16.22 4.22
CA THR C 217 11.60 17.22 4.61
C THR C 217 11.64 18.37 3.63
N PHE C 218 11.66 18.06 2.33
CA PHE C 218 11.77 19.07 1.29
C PHE C 218 10.44 19.52 0.73
N ASP C 219 9.40 18.72 0.87
CA ASP C 219 8.10 19.06 0.29
C ASP C 219 7.26 19.93 1.23
N LYS C 220 7.23 19.61 2.52
CA LYS C 220 6.35 20.31 3.44
C LYS C 220 7.02 20.59 4.78
N SER C 221 6.41 20.13 5.86
CA SER C 221 6.83 20.44 7.23
C SER C 221 6.82 19.17 8.05
N THR C 222 7.49 19.20 9.19
CA THR C 222 7.65 17.99 10.00
C THR C 222 6.31 17.55 10.54
N GLY C 223 5.84 16.38 10.10
CA GLY C 223 4.55 15.85 10.50
C GLY C 223 3.44 16.09 9.52
N TRP C 224 3.68 16.86 8.45
CA TRP C 224 2.62 17.11 7.48
C TRP C 224 2.06 15.82 6.91
N TYR C 225 2.94 14.86 6.61
CA TYR C 225 2.51 13.66 5.90
C TYR C 225 1.66 12.72 6.75
N ASP C 226 1.58 12.94 8.06
CA ASP C 226 0.69 12.14 8.88
C ASP C 226 -0.73 12.70 8.90
N ARG C 227 -0.95 13.85 8.29
CA ARG C 227 -2.29 14.38 8.10
C ARG C 227 -2.91 13.75 6.86
N GLY C 228 -4.13 14.16 6.54
CA GLY C 228 -4.86 13.52 5.46
C GLY C 228 -4.18 13.73 4.12
N LEU C 229 -4.17 12.67 3.31
CA LEU C 229 -3.74 12.79 1.93
C LEU C 229 -4.56 13.83 1.19
N THR C 230 -5.85 13.92 1.51
CA THR C 230 -6.71 14.87 0.81
C THR C 230 -6.22 16.30 1.00
N GLU C 231 -5.73 16.63 2.20
CA GLU C 231 -5.21 17.98 2.43
C GLU C 231 -3.98 18.23 1.55
N THR C 232 -3.13 17.23 1.39
CA THR C 232 -1.98 17.39 0.50
C THR C 232 -2.45 17.71 -0.93
N VAL C 233 -3.51 17.04 -1.38
CA VAL C 233 -4.02 17.28 -2.72
C VAL C 233 -4.66 18.66 -2.83
N LEU C 234 -5.50 19.00 -1.83
CA LEU C 234 -6.22 20.27 -1.89
C LEU C 234 -5.27 21.47 -1.80
N GLU C 235 -4.23 21.38 -0.97
CA GLU C 235 -3.32 22.51 -0.82
C GLU C 235 -2.42 22.65 -2.04
N ALA C 236 -2.07 21.55 -2.70
CA ALA C 236 -1.34 21.65 -3.96
C ALA C 236 -2.16 22.43 -4.99
N ILE C 237 -3.47 22.18 -5.05
CA ILE C 237 -4.32 22.93 -5.96
C ILE C 237 -4.32 24.41 -5.58
N ALA C 238 -4.47 24.69 -4.28
CA ALA C 238 -4.53 26.08 -3.82
C ALA C 238 -3.27 26.85 -4.19
N PHE C 239 -2.10 26.22 -4.03
CA PHE C 239 -0.84 26.84 -4.40
C PHE C 239 -0.66 26.98 -5.90
N GLY C 240 -1.57 26.43 -6.70
CA GLY C 240 -1.45 26.47 -8.15
C GLY C 240 -0.48 25.51 -8.77
N GLU C 241 -0.12 24.42 -8.07
CA GLU C 241 0.74 23.38 -8.62
C GLU C 241 -0.14 22.38 -9.38
N VAL C 242 -0.41 22.71 -10.64
CA VAL C 242 -1.28 21.88 -11.47
C VAL C 242 -1.29 22.38 -12.91
N GLU C 246 -1.53 28.89 -14.58
CA GLU C 246 -0.74 30.07 -14.27
C GLU C 246 -1.45 30.96 -13.26
N VAL C 247 -0.80 31.20 -12.13
CA VAL C 247 -1.37 31.99 -11.05
C VAL C 247 -0.63 33.32 -10.98
N ASP C 248 -1.34 34.36 -10.55
CA ASP C 248 -0.79 35.68 -10.34
C ASP C 248 -0.68 35.91 -8.83
N TRP C 249 0.52 35.72 -8.30
CA TRP C 249 0.75 35.91 -6.87
C TRP C 249 0.66 37.37 -6.49
N ARG C 250 -0.19 37.69 -5.52
CA ARG C 250 -0.40 39.06 -5.09
C ARG C 250 -0.41 39.17 -3.58
N CYS C 251 -0.04 40.36 -3.09
CA CYS C 251 -0.25 40.73 -1.70
C CYS C 251 -0.90 42.11 -1.69
N ILE C 252 -1.29 42.57 -0.51
CA ILE C 252 -2.08 43.79 -0.36
C ILE C 252 -1.16 44.89 0.14
N ASP C 253 -1.09 45.98 -0.63
CA ASP C 253 -0.23 47.11 -0.26
C ASP C 253 -0.69 47.66 1.09
N GLY C 254 0.21 47.63 2.07
CA GLY C 254 -0.10 48.03 3.42
C GLY C 254 -0.47 46.89 4.35
N GLY C 255 -0.52 45.66 3.86
CA GLY C 255 -0.83 44.52 4.69
C GLY C 255 -2.25 44.01 4.47
N SER C 256 -2.44 42.74 4.82
CA SER C 256 -3.74 42.11 4.60
C SER C 256 -4.84 42.78 5.43
N HIS C 257 -4.49 43.51 6.48
CA HIS C 257 -5.50 44.19 7.28
C HIS C 257 -6.34 45.17 6.46
N VAL C 258 -5.81 45.67 5.35
CA VAL C 258 -6.56 46.62 4.53
C VAL C 258 -7.86 45.98 4.03
N LEU C 259 -7.84 44.68 3.75
CA LEU C 259 -9.04 44.03 3.21
C LEU C 259 -10.21 44.10 4.19
N PRO C 260 -10.11 43.55 5.41
CA PRO C 260 -11.23 43.68 6.34
C PRO C 260 -11.53 45.12 6.75
N ASP C 261 -10.50 45.96 6.86
CA ASP C 261 -10.75 47.37 7.15
C ASP C 261 -11.60 48.01 6.07
N THR C 262 -11.31 47.67 4.82
CA THR C 262 -12.07 48.24 3.71
C THR C 262 -13.50 47.71 3.70
N ILE C 263 -13.69 46.43 4.05
CA ILE C 263 -15.04 45.89 4.13
C ILE C 263 -15.82 46.58 5.24
N ALA C 264 -15.20 46.71 6.42
CA ALA C 264 -15.88 47.37 7.53
C ALA C 264 -16.28 48.79 7.16
N ALA C 265 -15.37 49.52 6.52
CA ALA C 265 -15.70 50.88 6.09
C ALA C 265 -16.85 50.87 5.09
N PHE C 266 -16.84 49.93 4.15
CA PHE C 266 -17.92 49.84 3.17
C PHE C 266 -19.25 49.57 3.86
N LEU C 267 -19.27 48.68 4.85
CA LEU C 267 -20.51 48.36 5.54
C LEU C 267 -21.01 49.51 6.41
N HIS C 268 -20.11 50.37 6.88
CA HIS C 268 -20.44 51.46 7.80
C HIS C 268 -20.99 52.70 7.08
N LYS C 269 -21.46 52.58 5.85
CA LYS C 269 -21.98 53.73 5.10
C LYS C 269 -23.31 54.20 5.70
N ASN C 273 -25.33 51.24 10.64
CA ASN C 273 -24.85 49.89 10.90
C ASN C 273 -23.65 49.92 11.83
N ALA C 274 -23.49 48.91 12.68
CA ALA C 274 -22.28 48.78 13.46
C ALA C 274 -22.05 47.32 13.82
N PHE C 275 -20.95 47.08 14.53
CA PHE C 275 -20.56 45.77 15.03
C PHE C 275 -20.68 45.76 16.55
N VAL C 276 -20.98 44.59 17.11
CA VAL C 276 -20.96 44.41 18.56
C VAL C 276 -19.57 43.88 18.92
N MET C 277 -18.70 44.78 19.37
CA MET C 277 -17.32 44.43 19.66
C MET C 277 -17.15 44.06 21.13
N ASN C 278 -16.08 43.32 21.41
CA ASN C 278 -15.73 42.94 22.78
C ASN C 278 -16.88 42.21 23.47
N ALA C 279 -17.49 41.28 22.73
CA ALA C 279 -18.62 40.48 23.23
C ALA C 279 -18.36 39.03 22.84
N SER C 280 -17.70 38.28 23.72
CA SER C 280 -17.38 36.89 23.43
CA SER C 280 -17.38 36.89 23.42
C SER C 280 -18.63 36.03 23.54
N VAL C 281 -18.90 35.24 22.50
CA VAL C 281 -20.04 34.33 22.52
C VAL C 281 -19.80 33.22 23.52
N THR C 282 -20.78 32.98 24.39
CA THR C 282 -20.70 31.90 25.36
C THR C 282 -21.80 30.86 25.21
N ALA C 283 -22.88 31.16 24.48
CA ALA C 283 -23.96 30.21 24.31
C ALA C 283 -24.70 30.51 23.01
N ILE C 284 -25.10 29.46 22.31
CA ILE C 284 -25.89 29.57 21.08
C ILE C 284 -26.98 28.51 21.12
N GLY C 285 -28.22 28.92 20.93
CA GLY C 285 -29.32 27.96 20.90
C GLY C 285 -30.64 28.64 20.64
N LEU C 286 -31.61 27.82 20.25
CA LEU C 286 -32.98 28.29 20.08
C LEU C 286 -33.54 28.76 21.41
N GLU C 287 -34.30 29.85 21.37
CA GLU C 287 -34.94 30.33 22.60
C GLU C 287 -35.84 29.25 23.19
N ASN C 288 -36.62 28.57 22.34
CA ASN C 288 -37.45 27.45 22.76
C ASN C 288 -37.38 26.40 21.67
N PRO C 289 -36.57 25.36 21.83
CA PRO C 289 -36.39 24.38 20.74
C PRO C 289 -37.66 23.62 20.37
N ASN C 290 -38.70 23.69 21.20
CA ASN C 290 -39.95 23.00 20.91
C ASN C 290 -40.90 23.83 20.06
N LYS C 291 -40.63 25.11 19.85
CA LYS C 291 -41.46 25.98 19.04
C LYS C 291 -40.86 26.07 17.64
N GLU C 292 -41.71 25.94 16.62
CA GLU C 292 -41.23 25.92 15.25
C GLU C 292 -40.64 27.26 14.83
N ASP C 293 -41.29 28.34 15.19
CA ASP C 293 -40.87 29.68 14.85
C ASP C 293 -39.87 30.28 15.85
N SER C 294 -39.33 29.47 16.75
CA SER C 294 -38.46 29.97 17.80
C SER C 294 -37.26 30.70 17.19
N PRO C 295 -36.93 31.88 17.68
CA PRO C 295 -35.69 32.54 17.22
C PRO C 295 -34.46 31.91 17.84
N MET C 296 -33.32 32.28 17.29
CA MET C 296 -32.04 31.94 17.89
C MET C 296 -31.69 32.95 18.97
N VAL C 297 -31.01 32.49 20.01
CA VAL C 297 -30.51 33.34 21.08
C VAL C 297 -29.00 33.19 21.14
N VAL C 298 -28.29 34.32 21.10
CA VAL C 298 -26.84 34.34 21.25
C VAL C 298 -26.53 35.10 22.52
N VAL C 299 -25.81 34.46 23.44
CA VAL C 299 -25.30 35.08 24.65
C VAL C 299 -23.87 35.48 24.38
N ALA C 300 -23.59 36.78 24.44
CA ALA C 300 -22.27 37.32 24.18
C ALA C 300 -22.05 38.51 25.11
N GLY C 301 -20.93 38.51 25.81
CA GLY C 301 -20.67 39.57 26.78
C GLY C 301 -21.70 39.65 27.88
N GLY C 302 -22.32 38.53 28.22
CA GLY C 302 -23.32 38.50 29.28
C GLY C 302 -24.69 38.98 28.89
N GLN C 303 -24.92 39.26 27.61
CA GLN C 303 -26.19 39.79 27.14
C GLN C 303 -26.80 38.84 26.11
N LYS C 304 -28.12 38.69 26.19
CA LYS C 304 -28.86 37.85 25.24
C LYS C 304 -29.25 38.68 24.03
N ARG C 305 -28.98 38.15 22.84
CA ARG C 305 -29.35 38.78 21.59
C ARG C 305 -30.13 37.78 20.74
N LYS C 306 -31.24 38.22 20.18
CA LYS C 306 -32.13 37.36 19.43
C LYS C 306 -31.98 37.60 17.93
N TYR C 307 -32.00 36.52 17.17
CA TYR C 307 -31.87 36.58 15.72
C TYR C 307 -32.77 35.51 15.10
N SER C 308 -33.17 35.75 13.86
CA SER C 308 -33.93 34.73 13.13
C SER C 308 -33.03 33.55 12.76
N HIS C 309 -31.85 33.84 12.20
CA HIS C 309 -30.84 32.85 11.88
C HIS C 309 -29.50 33.36 12.35
N VAL C 310 -28.58 32.44 12.57
CA VAL C 310 -27.21 32.75 12.99
C VAL C 310 -26.24 32.09 12.03
N ILE C 311 -25.29 32.85 11.53
CA ILE C 311 -24.17 32.33 10.75
C ILE C 311 -22.93 32.41 11.65
N SER C 312 -22.42 31.25 12.04
CA SER C 312 -21.22 31.20 12.87
C SER C 312 -19.98 31.05 12.00
N THR C 313 -18.99 31.91 12.23
CA THR C 313 -17.67 31.75 11.63
C THR C 313 -16.62 31.41 12.68
N LEU C 314 -17.05 31.02 13.88
CA LEU C 314 -16.10 30.67 14.92
C LEU C 314 -15.37 29.38 14.54
N PRO C 315 -14.06 29.31 14.77
CA PRO C 315 -13.35 28.03 14.57
C PRO C 315 -14.04 26.92 15.34
N LEU C 316 -13.96 25.70 14.80
CA LEU C 316 -14.58 24.56 15.46
C LEU C 316 -14.15 24.40 16.91
N PRO C 317 -12.85 24.49 17.24
CA PRO C 317 -12.46 24.36 18.65
C PRO C 317 -13.08 25.41 19.54
N VAL C 318 -13.36 26.60 19.00
CA VAL C 318 -14.05 27.65 19.76
C VAL C 318 -15.50 27.24 20.01
N LEU C 319 -16.16 26.67 19.01
CA LEU C 319 -17.52 26.18 19.23
C LEU C 319 -17.57 25.14 20.36
N ARG C 320 -16.48 24.38 20.54
CA ARG C 320 -16.42 23.41 21.62
C ARG C 320 -16.35 24.08 22.99
N THR C 321 -16.03 25.38 23.05
CA THR C 321 -16.06 26.14 24.30
C THR C 321 -17.36 26.93 24.48
N VAL C 322 -18.28 26.84 23.54
CA VAL C 322 -19.56 27.53 23.61
C VAL C 322 -20.65 26.54 23.98
N ASP C 323 -21.58 26.96 24.83
CA ASP C 323 -22.72 26.13 25.20
C ASP C 323 -23.67 26.04 24.01
N LEU C 324 -23.66 24.91 23.32
CA LEU C 324 -24.51 24.67 22.16
C LEU C 324 -25.73 23.85 22.51
N LYS C 325 -26.05 23.71 23.79
CA LYS C 325 -27.32 23.16 24.19
C LYS C 325 -28.44 24.03 23.63
N ASN C 326 -29.47 23.39 23.10
CA ASN C 326 -30.64 24.01 22.46
C ASN C 326 -30.32 24.40 21.02
N SER C 327 -29.12 24.12 20.52
CA SER C 327 -28.85 24.19 19.09
C SER C 327 -29.07 22.84 18.39
N LYS C 328 -29.32 21.78 19.15
CA LYS C 328 -29.79 20.51 18.61
C LYS C 328 -28.88 20.01 17.49
N LEU C 329 -27.57 20.04 17.75
CA LEU C 329 -26.64 19.40 16.82
C LEU C 329 -26.89 17.90 16.83
N ASP C 330 -26.88 17.29 15.65
CA ASP C 330 -26.98 15.83 15.62
C ASP C 330 -25.65 15.22 16.03
N ILE C 331 -25.67 13.91 16.30
CA ILE C 331 -24.52 13.24 16.89
C ILE C 331 -23.30 13.33 15.97
N VAL C 332 -23.52 13.38 14.66
CA VAL C 332 -22.39 13.49 13.75
C VAL C 332 -21.79 14.89 13.82
N GLN C 333 -22.65 15.91 13.86
CA GLN C 333 -22.17 17.29 13.95
C GLN C 333 -21.36 17.52 15.22
N SER C 334 -21.85 17.03 16.36
CA SER C 334 -21.12 17.26 17.60
C SER C 334 -19.80 16.50 17.62
N ASN C 335 -19.75 15.30 17.05
CA ASN C 335 -18.47 14.62 16.87
C ASN C 335 -17.55 15.43 15.96
N ALA C 336 -18.11 16.00 14.90
CA ALA C 336 -17.29 16.73 13.94
C ALA C 336 -16.58 17.91 14.59
N LEU C 337 -17.28 18.62 15.48
CA LEU C 337 -16.66 19.77 16.14
C LEU C 337 -15.40 19.35 16.88
N ARG C 338 -15.39 18.15 17.46
CA ARG C 338 -14.26 17.69 18.24
C ARG C 338 -13.17 17.10 17.36
N LYS C 339 -13.54 16.28 16.38
CA LYS C 339 -12.58 15.44 15.68
C LYS C 339 -11.97 16.12 14.45
N LEU C 340 -12.73 16.94 13.72
CA LEU C 340 -12.18 17.61 12.54
C LEU C 340 -10.94 18.40 12.95
N GLN C 341 -9.77 17.95 12.49
CA GLN C 341 -8.51 18.36 13.09
C GLN C 341 -8.06 19.75 12.61
N TYR C 342 -7.47 20.51 13.52
CA TYR C 342 -6.81 21.76 13.22
C TYR C 342 -5.30 21.57 13.22
N GLY C 343 -4.61 22.49 12.56
CA GLY C 343 -3.17 22.48 12.52
C GLY C 343 -2.59 23.75 13.12
N PRO C 344 -1.34 23.65 13.60
CA PRO C 344 -0.71 24.80 14.24
C PRO C 344 0.15 25.60 13.27
N SER C 345 0.50 26.80 13.70
CA SER C 345 1.45 27.62 12.95
C SER C 345 1.96 28.74 13.84
N ILE C 346 3.22 29.14 13.62
CA ILE C 346 3.82 30.28 14.27
C ILE C 346 4.51 31.13 13.21
N LYS C 347 4.64 32.41 13.50
CA LYS C 347 5.44 33.32 12.69
C LYS C 347 6.26 34.19 13.62
N ILE C 348 7.45 34.56 13.17
CA ILE C 348 8.34 35.46 13.91
C ILE C 348 8.79 36.54 12.95
N GLY C 349 8.40 37.77 13.24
CA GLY C 349 8.82 38.92 12.45
C GLY C 349 9.91 39.69 13.17
N ILE C 350 10.91 40.14 12.40
CA ILE C 350 12.04 40.87 12.94
C ILE C 350 12.22 42.14 12.12
N LEU C 351 12.20 43.29 12.79
CA LEU C 351 12.57 44.55 12.16
C LEU C 351 14.08 44.69 12.22
N PHE C 352 14.72 44.87 11.06
CA PHE C 352 16.14 45.14 10.98
C PHE C 352 16.39 46.60 10.62
N LYS C 353 17.66 47.01 10.69
CA LYS C 353 18.06 48.35 10.31
C LYS C 353 18.16 48.54 8.80
N GLU C 354 18.13 47.47 8.03
CA GLU C 354 18.30 47.54 6.58
C GLU C 354 17.83 46.23 5.99
N PRO C 355 17.51 46.21 4.70
CA PRO C 355 17.16 44.91 4.06
C PRO C 355 18.42 44.17 3.65
N TRP C 356 19.15 43.69 4.67
CA TRP C 356 20.45 43.07 4.42
C TRP C 356 20.34 41.91 3.45
N TRP C 357 19.19 41.22 3.42
CA TRP C 357 19.00 40.14 2.48
C TRP C 357 19.06 40.63 1.04
N THR C 358 18.83 41.92 0.81
CA THR C 358 18.86 42.50 -0.52
C THR C 358 20.17 43.19 -0.84
N THR C 359 20.76 43.91 0.12
CA THR C 359 21.94 44.72 -0.14
C THR C 359 23.20 44.18 0.49
N GLY C 360 23.10 43.18 1.37
CA GLY C 360 24.25 42.71 2.13
C GLY C 360 25.00 41.58 1.45
N GLN C 361 26.04 41.11 2.15
CA GLN C 361 26.87 40.01 1.69
C GLN C 361 27.22 39.12 2.87
N ASP C 362 27.53 37.86 2.56
CA ASP C 362 27.79 36.87 3.59
C ASP C 362 29.24 37.02 4.09
N LYS C 363 29.67 36.09 4.94
CA LYS C 363 30.99 36.18 5.56
C LYS C 363 32.12 35.97 4.55
N ASN C 364 31.82 35.52 3.34
CA ASN C 364 32.82 35.36 2.29
C ASN C 364 32.70 36.41 1.19
N GLY C 365 31.87 37.43 1.39
CA GLY C 365 31.75 38.51 0.44
C GLY C 365 30.71 38.31 -0.63
N GLU C 366 30.00 37.18 -0.65
CA GLU C 366 29.00 36.92 -1.68
C GLU C 366 27.69 37.60 -1.33
N LYS C 367 27.16 38.35 -2.29
CA LYS C 367 25.91 39.08 -2.05
C LYS C 367 24.72 38.13 -2.03
N PHE C 368 23.83 38.34 -1.05
CA PHE C 368 22.60 37.55 -0.99
C PHE C 368 21.73 37.82 -2.20
N ASP C 369 21.52 39.10 -2.53
CA ASP C 369 20.80 39.50 -3.73
C ASP C 369 19.39 38.90 -3.77
N LEU C 370 18.70 39.00 -2.65
CA LEU C 370 17.35 38.46 -2.51
C LEU C 370 16.35 39.60 -2.49
N VAL C 371 15.29 39.47 -3.30
CA VAL C 371 14.17 40.41 -3.31
C VAL C 371 12.90 39.57 -3.29
N GLY C 372 12.15 39.65 -2.19
CA GLY C 372 11.04 38.76 -2.05
C GLY C 372 11.54 37.32 -2.01
N GLY C 373 10.62 36.40 -2.30
CA GLY C 373 10.96 35.00 -2.30
C GLY C 373 11.09 34.43 -0.88
N GLN C 374 11.66 33.23 -0.82
CA GLN C 374 11.72 32.48 0.43
C GLN C 374 13.01 31.66 0.46
N SER C 375 13.44 31.37 1.68
CA SER C 375 14.51 30.41 1.93
C SER C 375 13.96 29.30 2.82
N TYR C 376 14.56 28.12 2.71
CA TYR C 376 14.07 26.92 3.39
C TYR C 376 15.23 26.23 4.08
N THR C 377 14.94 25.62 5.22
CA THR C 377 15.96 24.93 6.00
C THR C 377 15.28 23.88 6.87
N ASP C 378 16.05 22.88 7.26
CA ASP C 378 15.59 21.91 8.25
C ASP C 378 15.85 22.38 9.68
N LEU C 379 16.44 23.57 9.85
CA LEU C 379 16.60 24.16 11.17
C LEU C 379 15.24 24.58 11.72
N PRO C 380 15.15 24.80 13.04
CA PRO C 380 13.85 25.11 13.66
C PRO C 380 13.04 26.21 12.97
N ILE C 381 13.68 27.21 12.38
CA ILE C 381 12.91 28.27 11.74
C ILE C 381 12.23 27.78 10.45
N ARG C 382 12.77 26.74 9.82
CA ARG C 382 12.18 26.07 8.67
C ARG C 382 12.03 26.94 7.43
N THR C 383 11.31 28.07 7.53
CA THR C 383 11.02 28.90 6.37
C THR C 383 11.26 30.37 6.68
N VAL C 384 11.95 31.05 5.77
CA VAL C 384 12.19 32.49 5.84
C VAL C 384 11.52 33.14 4.65
N VAL C 385 10.79 34.23 4.89
CA VAL C 385 10.04 34.92 3.84
C VAL C 385 10.51 36.36 3.78
N TYR C 386 11.08 36.75 2.65
CA TYR C 386 11.50 38.14 2.45
C TYR C 386 10.35 38.95 1.88
N PRO C 387 10.18 40.19 2.32
CA PRO C 387 8.99 40.95 1.91
C PRO C 387 9.04 41.34 0.44
N SER C 388 7.89 41.25 -0.22
CA SER C 388 7.72 41.72 -1.58
C SER C 388 7.15 43.12 -1.65
N TYR C 389 6.49 43.57 -0.59
CA TYR C 389 5.89 44.89 -0.55
C TYR C 389 6.96 45.95 -0.32
N GLY C 390 6.91 47.01 -1.14
CA GLY C 390 7.78 48.15 -1.00
C GLY C 390 9.16 48.01 -1.59
N VAL C 391 9.45 46.90 -2.27
CA VAL C 391 10.83 46.63 -2.67
C VAL C 391 11.36 47.70 -3.63
N ASN C 392 10.48 48.33 -4.39
CA ASN C 392 10.90 49.28 -5.41
C ASN C 392 10.77 50.74 -4.98
N THR C 393 10.34 51.02 -3.76
CA THR C 393 10.24 52.39 -3.28
C THR C 393 11.61 52.86 -2.79
N ASN C 394 11.69 54.13 -2.39
CA ASN C 394 12.93 54.65 -1.83
C ASN C 394 13.10 54.28 -0.36
N ALA C 395 12.09 53.66 0.25
CA ALA C 395 12.15 53.19 1.62
C ALA C 395 11.63 51.75 1.63
N PRO C 396 12.40 50.82 1.08
CA PRO C 396 11.98 49.41 1.11
C PRO C 396 11.86 48.89 2.53
N SER C 397 11.12 47.79 2.67
CA SER C 397 10.88 47.20 3.98
C SER C 397 12.19 46.70 4.58
N ASN C 398 12.36 46.94 5.88
CA ASN C 398 13.43 46.36 6.66
C ASN C 398 12.97 45.20 7.53
N THR C 399 11.75 44.70 7.31
CA THR C 399 11.12 43.72 8.17
C THR C 399 11.15 42.35 7.50
N LEU C 400 11.60 41.35 8.24
CA LEU C 400 11.75 39.99 7.74
C LEU C 400 10.83 39.05 8.53
N ILE C 401 10.22 38.10 7.83
CA ILE C 401 9.57 36.97 8.49
C ILE C 401 10.69 35.96 8.69
N ALA C 402 11.28 35.98 9.88
CA ALA C 402 12.44 35.16 10.17
C ALA C 402 12.08 33.68 10.34
N SER C 403 10.81 33.39 10.65
CA SER C 403 10.39 32.00 10.82
C SER C 403 8.90 31.88 10.55
N TYR C 404 8.54 30.86 9.79
CA TYR C 404 7.15 30.54 9.50
C TYR C 404 7.05 29.02 9.49
N CYS C 405 6.47 28.44 10.53
CA CYS C 405 6.47 27.01 10.76
C CYS C 405 5.05 26.44 10.76
N TRP C 406 4.98 25.14 10.47
CA TRP C 406 3.75 24.36 10.52
C TRP C 406 3.96 23.11 11.38
N THR C 407 2.87 22.41 11.65
CA THR C 407 2.88 21.09 12.29
C THR C 407 3.91 20.99 13.40
N ASN C 408 4.72 19.93 13.41
CA ASN C 408 5.61 19.71 14.55
C ASN C 408 6.55 20.89 14.77
N ASP C 409 7.06 21.50 13.69
CA ASP C 409 8.01 22.59 13.84
C ASP C 409 7.36 23.76 14.58
N ALA C 410 6.08 24.03 14.27
CA ALA C 410 5.37 25.12 14.94
C ALA C 410 5.02 24.73 16.37
N GLU C 411 4.66 23.47 16.60
CA GLU C 411 4.36 23.01 17.95
C GLU C 411 5.57 23.18 18.86
N ARG C 412 6.75 22.78 18.39
CA ARG C 412 7.94 22.90 19.19
C ARG C 412 8.29 24.36 19.43
N MET C 413 8.33 25.16 18.38
CA MET C 413 8.72 26.56 18.53
C MET C 413 7.75 27.32 19.41
N GLY C 414 6.48 26.91 19.42
CA GLY C 414 5.49 27.62 20.21
C GLY C 414 5.84 27.70 21.69
N SER C 415 6.62 26.75 22.20
CA SER C 415 6.97 26.78 23.61
C SER C 415 7.86 27.97 23.97
N LEU C 416 8.54 28.56 22.99
CA LEU C 416 9.41 29.70 23.21
C LEU C 416 8.72 31.04 22.91
N ILE C 417 7.47 31.02 22.47
CA ILE C 417 6.74 32.21 22.06
C ILE C 417 5.66 32.51 23.10
N GLY C 418 5.48 33.79 23.38
CA GLY C 418 4.42 34.21 24.29
C GLY C 418 4.57 33.70 25.71
N THR C 419 5.81 33.49 26.17
CA THR C 419 6.02 33.07 27.54
C THR C 419 5.88 34.21 28.54
N GLY C 420 6.06 35.44 28.07
CA GLY C 420 6.05 36.60 28.95
C GLY C 420 7.33 36.80 29.75
N ALA C 421 8.34 35.98 29.53
CA ALA C 421 9.59 36.05 30.28
C ALA C 421 10.69 36.55 29.36
N ALA C 422 11.35 37.63 29.76
CA ALA C 422 12.43 38.18 28.95
C ALA C 422 13.50 37.14 28.67
N THR C 423 13.76 36.23 29.62
CA THR C 423 14.80 35.22 29.41
CA THR C 423 14.79 35.21 29.41
C THR C 423 14.48 34.37 28.17
N TYR C 424 13.24 33.92 28.04
CA TYR C 424 12.87 33.09 26.90
C TYR C 424 12.72 33.92 25.63
N GLU C 425 12.30 35.19 25.76
CA GLU C 425 12.28 36.06 24.59
CA GLU C 425 12.28 36.06 24.59
C GLU C 425 13.68 36.23 24.01
N GLU C 426 14.69 36.35 24.88
CA GLU C 426 16.06 36.49 24.42
C GLU C 426 16.60 35.17 23.88
N GLN C 427 16.23 34.06 24.51
CA GLN C 427 16.62 32.76 23.96
C GLN C 427 16.04 32.56 22.56
N LEU C 428 14.77 32.95 22.37
CA LEU C 428 14.14 32.79 21.06
C LEU C 428 14.88 33.61 20.01
N GLU C 429 15.15 34.88 20.31
CA GLU C 429 15.84 35.72 19.33
C GLU C 429 17.18 35.13 18.96
N HIS C 430 17.94 34.66 19.96
CA HIS C 430 19.26 34.12 19.67
C HIS C 430 19.16 32.88 18.80
N LEU C 431 18.18 32.01 19.08
CA LEU C 431 17.98 30.83 18.25
C LEU C 431 17.66 31.24 16.82
N VAL C 432 16.75 32.20 16.66
CA VAL C 432 16.34 32.62 15.32
C VAL C 432 17.52 33.21 14.57
N LEU C 433 18.26 34.10 15.21
CA LEU C 433 19.40 34.72 14.53
C LEU C 433 20.46 33.68 14.19
N SER C 434 20.71 32.73 15.10
CA SER C 434 21.67 31.67 14.79
C SER C 434 21.22 30.87 13.58
N ASN C 435 19.93 30.47 13.56
CA ASN C 435 19.41 29.77 12.38
C ASN C 435 19.56 30.62 11.13
N LEU C 436 19.18 31.89 11.21
CA LEU C 436 19.33 32.79 10.07
C LEU C 436 20.78 32.88 9.61
N ALA C 437 21.71 32.97 10.57
CA ALA C 437 23.12 33.07 10.21
C ALA C 437 23.58 31.84 9.46
N ALA C 438 23.17 30.65 9.90
CA ALA C 438 23.59 29.42 9.23
C ALA C 438 22.97 29.29 7.84
N VAL C 439 21.73 29.75 7.67
CA VAL C 439 21.08 29.65 6.37
C VAL C 439 21.81 30.52 5.35
N HIS C 440 22.16 31.75 5.74
CA HIS C 440 22.75 32.72 4.82
C HIS C 440 24.27 32.75 4.88
N ASN C 441 24.88 31.99 5.78
CA ASN C 441 26.34 31.91 5.89
C ASN C 441 26.92 33.24 6.39
N THR C 442 26.33 33.78 7.44
CA THR C 442 26.86 34.96 8.12
C THR C 442 27.21 34.61 9.56
N ASP C 443 27.82 35.56 10.25
CA ASP C 443 28.04 35.42 11.67
C ASP C 443 26.79 35.85 12.43
N TYR C 444 26.69 35.39 13.68
CA TYR C 444 25.56 35.81 14.51
C TYR C 444 25.55 37.32 14.70
N GLN C 445 26.73 37.90 14.96
CA GLN C 445 26.78 39.32 15.30
C GLN C 445 26.41 40.19 14.10
N TYR C 446 26.67 39.72 12.88
CA TYR C 446 26.26 40.47 11.70
C TYR C 446 24.75 40.74 11.73
N LEU C 447 23.96 39.75 12.14
CA LEU C 447 22.51 39.93 12.19
C LEU C 447 22.07 40.62 13.48
N LYS C 448 22.71 40.27 14.61
CA LYS C 448 22.35 40.93 15.87
C LYS C 448 22.60 42.43 15.79
N ASP C 449 23.73 42.84 15.21
CA ASP C 449 24.03 44.26 15.07
C ASP C 449 22.96 44.99 14.26
N ARG C 450 22.20 44.28 13.44
CA ARG C 450 21.18 44.88 12.59
C ARG C 450 19.77 44.69 13.13
N LEU C 451 19.61 43.96 14.23
CA LEU C 451 18.28 43.71 14.78
C LEU C 451 17.80 44.90 15.58
N VAL C 452 16.53 45.26 15.41
CA VAL C 452 15.88 46.35 16.13
C VAL C 452 14.76 45.83 17.02
N ASP C 453 13.82 45.08 16.43
CA ASP C 453 12.66 44.60 17.17
C ASP C 453 12.26 43.22 16.69
N VAL C 454 11.63 42.46 17.58
CA VAL C 454 11.13 41.13 17.28
C VAL C 454 9.68 41.06 17.73
N HIS C 455 8.83 40.47 16.88
CA HIS C 455 7.43 40.17 17.20
C HIS C 455 7.16 38.73 16.79
N SER C 456 6.57 37.95 17.68
CA SER C 456 6.35 36.54 17.45
C SER C 456 4.93 36.17 17.83
N TRP C 457 4.39 35.17 17.16
CA TRP C 457 3.00 34.81 17.32
C TRP C 457 2.80 33.31 17.15
N ASP C 458 2.01 32.73 18.04
CA ASP C 458 1.68 31.31 18.04
C ASP C 458 0.16 31.17 17.90
N TRP C 459 -0.31 30.84 16.70
CA TRP C 459 -1.75 30.68 16.50
C TRP C 459 -2.32 29.47 17.22
N ASN C 460 -1.48 28.55 17.71
CA ASN C 460 -1.93 27.44 18.53
C ASN C 460 -1.90 27.76 20.02
N HIS C 461 -1.66 29.02 20.38
CA HIS C 461 -1.82 29.49 21.75
CA HIS C 461 -1.78 29.50 21.75
C HIS C 461 -2.49 30.86 21.68
N ASN C 462 -3.71 30.85 21.20
CA ASN C 462 -4.51 32.05 20.97
C ASN C 462 -5.96 31.66 21.16
N PRO C 463 -6.58 32.08 22.27
CA PRO C 463 -7.96 31.63 22.54
C PRO C 463 -8.95 31.94 21.43
N LEU C 464 -8.67 32.92 20.57
CA LEU C 464 -9.64 33.29 19.55
C LEU C 464 -9.57 32.38 18.32
N THR C 465 -8.51 31.60 18.16
CA THR C 465 -8.38 30.67 17.05
C THR C 465 -8.20 29.24 17.51
N MET C 466 -7.48 29.00 18.61
CA MET C 466 -7.27 27.66 19.15
C MET C 466 -6.71 26.74 18.08
N GLY C 467 -5.69 27.22 17.38
CA GLY C 467 -5.12 26.56 16.24
C GLY C 467 -4.95 27.55 15.11
N ALA C 468 -4.06 27.25 14.16
CA ALA C 468 -3.87 28.16 13.03
C ALA C 468 -5.03 28.06 12.06
N PHE C 469 -5.44 26.84 11.71
CA PHE C 469 -6.48 26.65 10.72
C PHE C 469 -6.79 25.15 10.66
N ALA C 470 -7.89 24.84 10.00
CA ALA C 470 -8.22 23.45 9.71
C ALA C 470 -7.08 22.78 8.97
N PHE C 471 -6.72 21.58 9.41
CA PHE C 471 -5.73 20.74 8.74
C PHE C 471 -6.16 19.30 9.03
N PHE C 472 -7.09 18.81 8.21
CA PHE C 472 -7.80 17.57 8.52
C PHE C 472 -6.87 16.36 8.50
N GLY C 473 -7.12 15.44 9.42
CA GLY C 473 -6.48 14.15 9.38
C GLY C 473 -7.21 13.20 8.46
N PRO C 474 -6.61 12.03 8.25
CA PRO C 474 -7.27 11.02 7.41
C PRO C 474 -8.66 10.69 7.93
N GLY C 475 -9.62 10.59 7.00
CA GLY C 475 -10.98 10.24 7.33
C GLY C 475 -11.90 11.40 7.62
N ASP C 476 -11.34 12.56 7.99
CA ASP C 476 -12.17 13.70 8.38
C ASP C 476 -13.08 14.14 7.24
N PHE C 477 -12.55 14.32 6.04
CA PHE C 477 -13.38 14.81 4.94
C PHE C 477 -14.48 13.81 4.58
N GLN C 478 -14.15 12.53 4.53
CA GLN C 478 -15.11 11.53 4.08
C GLN C 478 -16.17 11.22 5.13
N ASP C 479 -15.83 11.34 6.42
CA ASP C 479 -16.70 10.89 7.50
C ASP C 479 -17.49 12.02 8.15
N LEU C 480 -16.84 13.14 8.49
CA LEU C 480 -17.44 14.14 9.35
C LEU C 480 -17.63 15.50 8.70
N TYR C 481 -16.94 15.79 7.59
CA TYR C 481 -16.99 17.14 7.01
C TYR C 481 -18.40 17.51 6.56
N THR C 482 -19.11 16.59 5.89
CA THR C 482 -20.40 16.98 5.34
C THR C 482 -21.40 17.33 6.43
N SER C 483 -21.27 16.76 7.62
CA SER C 483 -22.28 16.98 8.66
C SER C 483 -22.43 18.46 9.02
N LEU C 484 -21.35 19.22 8.98
CA LEU C 484 -21.40 20.63 9.36
C LEU C 484 -21.82 21.54 8.21
N ASN C 485 -21.89 21.03 6.98
CA ASN C 485 -22.52 21.78 5.90
C ASN C 485 -24.05 21.71 5.99
N ARG C 486 -24.58 20.79 6.79
CA ARG C 486 -26.00 20.83 7.13
C ARG C 486 -26.19 21.80 8.30
N PRO C 487 -27.31 22.53 8.32
CA PRO C 487 -27.54 23.44 9.44
C PRO C 487 -27.90 22.66 10.71
N ALA C 488 -27.88 23.36 11.82
CA ALA C 488 -28.37 22.86 13.09
C ALA C 488 -29.49 23.79 13.58
N ALA C 489 -30.00 23.48 14.76
CA ALA C 489 -31.00 24.33 15.41
C ALA C 489 -32.20 24.57 14.49
N ASN C 490 -32.81 23.47 14.06
CA ASN C 490 -33.99 23.53 13.19
C ASN C 490 -33.74 24.37 11.95
N GLY C 491 -32.53 24.25 11.40
CA GLY C 491 -32.15 24.99 10.21
C GLY C 491 -31.73 26.43 10.44
N LYS C 492 -31.66 26.87 11.69
CA LYS C 492 -31.40 28.27 12.00
C LYS C 492 -29.97 28.55 12.44
N LEU C 493 -29.15 27.53 12.63
CA LEU C 493 -27.73 27.69 12.91
C LEU C 493 -26.94 27.19 11.71
N HIS C 494 -26.14 28.07 11.12
CA HIS C 494 -25.34 27.74 9.95
C HIS C 494 -23.86 27.84 10.31
N PHE C 495 -23.12 26.77 10.05
CA PHE C 495 -21.69 26.74 10.36
C PHE C 495 -20.91 27.29 9.18
N ALA C 496 -20.00 28.22 9.46
CA ALA C 496 -19.16 28.81 8.44
C ALA C 496 -17.76 29.02 9.02
N GLY C 497 -16.91 29.66 8.22
CA GLY C 497 -15.50 29.76 8.52
C GLY C 497 -14.68 28.85 7.62
N GLU C 498 -13.38 29.15 7.53
CA GLU C 498 -12.54 28.46 6.57
C GLU C 498 -12.57 26.94 6.76
N ALA C 499 -12.86 26.46 7.97
CA ALA C 499 -12.89 25.03 8.20
C ALA C 499 -13.92 24.33 7.33
N LEU C 500 -15.01 25.01 7.00
CA LEU C 500 -16.07 24.43 6.18
C LEU C 500 -15.86 24.76 4.71
N SER C 501 -14.74 24.27 4.19
CA SER C 501 -14.37 24.43 2.81
C SER C 501 -13.33 23.38 2.47
N VAL C 502 -13.02 23.26 1.19
CA VAL C 502 -11.92 22.44 0.73
C VAL C 502 -10.69 23.29 0.42
N ARG C 503 -10.67 24.54 0.90
CA ARG C 503 -9.51 25.40 0.80
C ARG C 503 -9.09 25.83 2.20
N HIS C 504 -8.82 24.87 3.09
CA HIS C 504 -8.38 25.20 4.43
C HIS C 504 -7.13 26.07 4.38
N ALA C 505 -7.03 27.00 5.34
CA ALA C 505 -5.89 27.89 5.47
C ALA C 505 -5.80 28.92 4.34
N TRP C 506 -6.93 29.23 3.71
CA TRP C 506 -6.99 30.26 2.67
C TRP C 506 -8.19 31.15 2.92
N VAL C 507 -8.08 32.41 2.48
CA VAL C 507 -9.20 33.33 2.57
C VAL C 507 -10.38 32.79 1.78
N VAL C 508 -10.11 32.24 0.58
CA VAL C 508 -11.20 31.73 -0.24
C VAL C 508 -11.99 30.67 0.51
N GLY C 509 -11.32 29.89 1.35
CA GLY C 509 -12.04 28.91 2.16
C GLY C 509 -13.12 29.56 2.99
N ALA C 510 -12.78 30.66 3.65
CA ALA C 510 -13.78 31.39 4.44
C ALA C 510 -14.87 31.97 3.53
N LEU C 511 -14.48 32.49 2.36
CA LEU C 511 -15.48 33.06 1.46
C LEU C 511 -16.43 31.98 0.94
N ASP C 512 -15.89 30.82 0.55
CA ASP C 512 -16.74 29.71 0.14
C ASP C 512 -17.72 29.33 1.25
N SER C 513 -17.25 29.29 2.49
CA SER C 513 -18.11 28.88 3.59
C SER C 513 -19.25 29.87 3.79
N ALA C 514 -18.97 31.16 3.57
CA ALA C 514 -20.01 32.17 3.70
C ALA C 514 -21.04 32.06 2.59
N TRP C 515 -20.58 31.83 1.34
CA TRP C 515 -21.49 31.62 0.23
C TRP C 515 -22.46 30.49 0.54
N ARG C 516 -21.93 29.37 1.04
CA ARG C 516 -22.80 28.23 1.31
C ARG C 516 -23.75 28.51 2.46
N ALA C 517 -23.27 29.22 3.49
CA ALA C 517 -24.12 29.54 4.62
C ALA C 517 -25.26 30.47 4.21
N VAL C 518 -24.94 31.54 3.46
CA VAL C 518 -25.98 32.47 3.04
C VAL C 518 -26.93 31.80 2.06
N TYR C 519 -26.39 30.99 1.14
CA TYR C 519 -27.24 30.27 0.20
C TYR C 519 -28.29 29.45 0.93
N ASN C 520 -27.88 28.66 1.93
CA ASN C 520 -28.84 27.89 2.70
C ASN C 520 -29.84 28.81 3.38
N TYR C 521 -29.36 29.89 4.00
CA TYR C 521 -30.26 30.84 4.64
C TYR C 521 -31.32 31.36 3.66
N LEU C 522 -30.88 31.84 2.49
CA LEU C 522 -31.84 32.34 1.51
C LEU C 522 -32.78 31.25 1.05
N TYR C 523 -32.26 30.04 0.87
CA TYR C 523 -33.08 28.94 0.36
C TYR C 523 -34.26 28.66 1.28
N VAL C 524 -34.08 28.78 2.59
CA VAL C 524 -35.14 28.43 3.53
C VAL C 524 -35.98 29.62 4.00
N THR C 525 -35.51 30.85 3.81
CA THR C 525 -36.22 32.02 4.32
C THR C 525 -36.79 32.92 3.24
N ASP C 526 -36.07 33.14 2.14
CA ASP C 526 -36.53 34.01 1.06
C ASP C 526 -35.89 33.60 -0.24
N PRO C 527 -36.34 32.50 -0.83
CA PRO C 527 -35.73 32.02 -2.09
C PRO C 527 -35.85 33.02 -3.24
N ALA C 528 -36.72 34.03 -3.13
CA ALA C 528 -36.89 34.98 -4.24
C ALA C 528 -35.61 35.79 -4.48
N LYS C 529 -34.71 35.87 -3.51
CA LYS C 529 -33.45 36.57 -3.70
C LYS C 529 -32.37 35.75 -4.36
N LEU C 530 -32.60 34.45 -4.55
CA LEU C 530 -31.57 33.60 -5.12
C LEU C 530 -31.06 34.12 -6.44
N PRO C 531 -31.91 34.55 -7.38
CA PRO C 531 -31.38 35.06 -8.67
C PRO C 531 -30.36 36.16 -8.50
N LYS C 532 -30.66 37.17 -7.67
CA LYS C 532 -29.71 38.25 -7.44
C LYS C 532 -28.49 37.74 -6.68
N PHE C 533 -28.71 36.87 -5.70
CA PHE C 533 -27.58 36.25 -5.00
C PHE C 533 -26.64 35.56 -5.98
N PHE C 534 -27.21 34.76 -6.89
CA PHE C 534 -26.38 34.09 -7.90
C PHE C 534 -25.67 35.11 -8.78
N GLU C 535 -26.37 36.17 -9.20
CA GLU C 535 -25.77 37.10 -10.14
C GLU C 535 -24.62 37.86 -9.49
N LEU C 536 -24.76 38.24 -8.23
CA LEU C 536 -23.73 39.03 -7.57
C LEU C 536 -22.59 38.17 -7.03
N TRP C 537 -22.88 36.95 -6.57
CA TRP C 537 -21.90 36.18 -5.82
C TRP C 537 -21.69 34.77 -6.37
N GLY C 538 -22.22 34.46 -7.54
CA GLY C 538 -21.90 33.21 -8.19
C GLY C 538 -22.99 32.17 -8.02
N LYS C 539 -23.17 31.35 -9.06
CA LYS C 539 -24.14 30.27 -9.02
C LYS C 539 -23.68 29.13 -8.12
N ASN C 540 -22.38 29.02 -7.86
CA ASN C 540 -21.83 27.97 -7.03
C ASN C 540 -20.69 28.54 -6.20
N ALA C 541 -20.41 27.89 -5.08
CA ALA C 541 -19.30 28.33 -4.25
C ALA C 541 -17.98 28.12 -4.97
N GLU C 542 -17.75 26.92 -5.48
CA GLU C 542 -16.45 26.50 -6.02
C GLU C 542 -16.43 26.36 -7.52
N TRP C 543 -17.46 25.76 -8.12
CA TRP C 543 -17.45 25.53 -9.56
C TRP C 543 -17.16 26.82 -10.33
N PHE C 544 -16.26 26.71 -11.31
CA PHE C 544 -15.94 27.84 -12.15
C PHE C 544 -17.16 28.26 -12.98
N GLU C 545 -17.07 29.41 -13.62
CA GLU C 545 -18.14 29.89 -14.48
C GLU C 545 -17.56 30.38 -15.80
N GLN C 546 -18.44 30.47 -16.79
CA GLN C 546 -18.07 30.74 -18.17
C GLN C 546 -19.08 31.65 -18.85
N GLY D 11 41.26 11.00 33.79
CA GLY D 11 40.53 12.24 33.97
C GLY D 11 39.08 12.12 33.54
N GLU D 12 38.39 11.10 34.02
CA GLU D 12 37.00 10.85 33.65
C GLU D 12 36.06 11.65 34.54
N ARG D 13 35.07 12.29 33.91
CA ARG D 13 34.05 13.04 34.64
C ARG D 13 32.88 13.24 33.67
N VAL D 14 31.73 12.68 34.01
CA VAL D 14 30.57 12.68 33.12
C VAL D 14 29.68 13.88 33.44
N GLY D 15 29.48 14.74 32.44
CA GLY D 15 28.53 15.82 32.56
C GLY D 15 27.13 15.34 32.23
N ILE D 16 26.21 15.44 33.19
CA ILE D 16 24.84 15.00 33.01
C ILE D 16 23.98 16.25 32.81
N LEU D 17 23.33 16.33 31.65
CA LEU D 17 22.53 17.50 31.29
C LEU D 17 21.08 17.22 31.65
N GLY D 18 20.57 17.96 32.63
CA GLY D 18 19.20 17.82 33.07
C GLY D 18 19.06 17.05 34.36
N ALA D 19 18.48 17.66 35.38
CA ALA D 19 18.26 17.01 36.67
C ALA D 19 16.86 16.41 36.78
N GLY D 20 16.32 15.91 35.69
CA GLY D 20 15.10 15.11 35.75
C GLY D 20 15.41 13.71 36.24
N ILE D 21 14.39 12.86 36.19
CA ILE D 21 14.55 11.51 36.74
C ILE D 21 15.59 10.73 35.94
N GLY D 22 15.70 11.00 34.64
CA GLY D 22 16.70 10.32 33.84
C GLY D 22 18.12 10.70 34.24
N GLY D 23 18.37 11.98 34.44
CA GLY D 23 19.70 12.42 34.82
C GLY D 23 20.05 12.05 36.25
N LEU D 24 19.06 12.10 37.14
CA LEU D 24 19.28 11.68 38.52
C LEU D 24 19.57 10.20 38.61
N TYR D 25 18.83 9.38 37.85
CA TYR D 25 19.09 7.94 37.81
C TYR D 25 20.48 7.66 37.26
N SER D 26 20.87 8.38 36.20
CA SER D 26 22.22 8.26 35.67
C SER D 26 23.25 8.56 36.75
N ALA D 27 23.00 9.61 37.54
CA ALA D 27 23.93 9.96 38.61
C ALA D 27 24.00 8.88 39.67
N LEU D 28 22.85 8.29 40.02
CA LEU D 28 22.87 7.19 40.99
C LEU D 28 23.72 6.04 40.49
N ILE D 29 23.55 5.65 39.23
CA ILE D 29 24.33 4.55 38.68
C ILE D 29 25.82 4.87 38.73
N LEU D 30 26.19 6.07 38.24
CA LEU D 30 27.61 6.43 38.20
C LEU D 30 28.21 6.49 39.60
N GLN D 31 27.47 7.07 40.55
CA GLN D 31 27.99 7.14 41.92
CA GLN D 31 28.00 7.15 41.91
C GLN D 31 28.26 5.76 42.48
N SER D 32 27.34 4.81 42.25
CA SER D 32 27.52 3.46 42.73
C SER D 32 28.73 2.78 42.11
N LEU D 33 29.23 3.30 40.99
CA LEU D 33 30.39 2.78 40.30
C LEU D 33 31.61 3.66 40.48
N ASP D 34 31.53 4.67 41.35
CA ASP D 34 32.66 5.56 41.64
C ASP D 34 33.16 6.28 40.39
N VAL D 35 32.22 6.76 39.58
CA VAL D 35 32.52 7.55 38.39
C VAL D 35 32.17 8.99 38.69
N PRO D 36 33.12 9.92 38.62
CA PRO D 36 32.78 11.33 38.87
C PRO D 36 31.76 11.84 37.86
N PHE D 37 30.88 12.71 38.34
CA PHE D 37 29.86 13.29 37.48
C PHE D 37 29.51 14.68 37.97
N GLU D 38 28.79 15.41 37.15
CA GLU D 38 28.24 16.72 37.51
C GLU D 38 26.93 16.89 36.74
N ILE D 39 25.90 17.36 37.44
CA ILE D 39 24.58 17.55 36.86
C ILE D 39 24.39 19.03 36.57
N ILE D 40 24.06 19.35 35.33
CA ILE D 40 23.77 20.72 34.90
C ILE D 40 22.27 20.80 34.66
N GLU D 41 21.61 21.75 35.32
CA GLU D 41 20.16 21.89 35.28
C GLU D 41 19.81 23.34 34.96
N ALA D 42 18.88 23.52 34.01
CA ALA D 42 18.52 24.87 33.59
C ALA D 42 17.73 25.60 34.66
N SER D 43 16.84 24.90 35.36
CA SER D 43 15.91 25.54 36.27
C SER D 43 16.48 25.56 37.68
N ASN D 44 15.67 26.01 38.63
CA ASN D 44 16.03 26.05 40.05
C ASN D 44 15.52 24.84 40.82
N ARG D 45 15.04 23.81 40.13
CA ARG D 45 14.43 22.67 40.78
C ARG D 45 14.91 21.40 40.11
N VAL D 46 14.85 20.30 40.86
CA VAL D 46 15.09 18.97 40.32
C VAL D 46 13.76 18.27 40.16
N GLY D 47 13.70 17.29 39.26
CA GLY D 47 12.52 16.48 39.04
C GLY D 47 11.95 16.59 37.63
N GLY D 48 12.17 17.72 36.98
CA GLY D 48 11.71 17.87 35.60
C GLY D 48 10.21 17.62 35.50
N ARG D 49 9.84 16.62 34.68
CA ARG D 49 8.42 16.34 34.48
C ARG D 49 7.80 15.54 35.63
N LEU D 50 8.57 15.28 36.69
CA LEU D 50 7.98 14.94 37.99
C LEU D 50 7.80 16.27 38.73
N PHE D 51 6.58 16.77 38.73
CA PHE D 51 6.28 18.15 39.13
C PHE D 51 5.01 18.11 39.95
N THR D 52 5.13 18.37 41.24
CA THR D 52 4.00 18.35 42.18
C THR D 52 3.67 19.80 42.55
N HIS D 53 2.43 20.21 42.29
CA HIS D 53 1.96 21.53 42.66
C HIS D 53 1.20 21.46 43.96
N LYS D 54 1.65 22.23 44.96
CA LYS D 54 0.98 22.36 46.24
C LYS D 54 0.13 23.62 46.23
N PHE D 55 -1.13 23.49 46.61
CA PHE D 55 -2.01 24.66 46.76
C PHE D 55 -1.72 25.33 48.09
N PRO D 56 -1.35 26.61 48.12
CA PRO D 56 -0.94 27.23 49.40
C PRO D 56 -2.02 27.28 50.47
N ASN D 57 -3.28 27.43 50.09
CA ASN D 57 -4.35 27.54 51.07
C ASN D 57 -4.92 26.19 51.50
N GLY D 58 -4.35 25.08 51.02
CA GLY D 58 -4.89 23.76 51.30
C GLY D 58 -4.15 23.01 52.39
N GLY D 59 -4.62 21.77 52.62
CA GLY D 59 -4.05 20.90 53.62
C GLY D 59 -2.95 20.02 53.06
N LYS D 60 -2.58 19.02 53.87
CA LYS D 60 -1.43 18.17 53.55
C LYS D 60 -1.56 17.53 52.18
N TYR D 61 -2.74 17.00 51.86
CA TYR D 61 -2.95 16.29 50.60
C TYR D 61 -3.60 17.16 49.54
N ASP D 62 -3.55 18.48 49.71
CA ASP D 62 -4.06 19.40 48.70
C ASP D 62 -2.94 19.76 47.71
N TYR D 63 -2.47 18.72 47.03
CA TYR D 63 -1.55 18.83 45.92
C TYR D 63 -2.08 17.98 44.77
N TYR D 64 -1.49 18.18 43.59
CA TYR D 64 -1.74 17.27 42.47
C TYR D 64 -0.47 17.21 41.64
N ASP D 65 -0.28 16.09 40.95
CA ASP D 65 0.91 15.89 40.13
C ASP D 65 0.64 16.42 38.73
N VAL D 66 1.40 17.44 38.33
CA VAL D 66 1.24 18.03 37.01
C VAL D 66 1.80 17.10 35.95
N GLY D 67 2.80 16.30 36.31
CA GLY D 67 3.35 15.31 35.42
C GLY D 67 3.07 13.90 35.91
N ALA D 68 4.13 13.15 36.22
CA ALA D 68 3.96 11.76 36.62
C ALA D 68 3.17 11.67 37.92
N MET D 69 2.22 10.73 37.96
CA MET D 69 1.33 10.59 39.11
C MET D 69 0.95 9.15 39.44
N ARG D 70 1.18 8.18 38.57
CA ARG D 70 0.73 6.82 38.81
C ARG D 70 1.72 5.84 38.21
N TYR D 71 1.92 4.71 38.88
CA TYR D 71 2.96 3.75 38.52
C TYR D 71 2.39 2.33 38.53
N PRO D 72 2.19 1.72 37.36
CA PRO D 72 1.67 0.32 37.32
C PRO D 72 2.78 -0.70 37.52
N LEU D 73 3.15 -0.88 38.79
CA LEU D 73 4.29 -1.70 39.16
C LEU D 73 3.91 -3.18 39.24
N PRO D 74 4.89 -4.07 39.18
CA PRO D 74 4.60 -5.48 39.46
C PRO D 74 4.30 -5.68 40.94
N LYS D 75 3.76 -6.84 41.26
CA LYS D 75 3.54 -7.18 42.66
C LYS D 75 4.86 -7.20 43.41
N SER D 76 4.79 -6.91 44.70
CA SER D 76 5.97 -6.83 45.54
C SER D 76 5.66 -7.35 46.93
N ASP D 77 6.70 -7.78 47.63
CA ASP D 77 6.56 -8.19 49.02
C ASP D 77 6.82 -6.99 49.93
N ASP D 78 6.74 -7.22 51.25
CA ASP D 78 6.88 -6.13 52.21
C ASP D 78 8.29 -5.55 52.24
N LYS D 79 9.29 -6.27 51.74
CA LYS D 79 10.67 -5.80 51.73
C LYS D 79 11.06 -5.07 50.45
N GLY D 80 10.13 -4.91 49.51
CA GLY D 80 10.42 -4.21 48.28
C GLY D 80 11.00 -5.04 47.16
N ASN D 81 10.92 -6.36 47.25
CA ASN D 81 11.31 -7.21 46.13
C ASN D 81 10.17 -7.28 45.13
N TYR D 82 10.45 -6.95 43.88
CA TYR D 82 9.43 -6.87 42.85
C TYR D 82 9.52 -8.08 41.92
N GLN D 83 8.37 -8.57 41.50
CA GLN D 83 8.31 -9.60 40.48
C GLN D 83 8.74 -9.00 39.13
N PRO D 84 9.15 -9.83 38.19
CA PRO D 84 9.46 -9.33 36.85
C PRO D 84 8.26 -8.60 36.24
N GLY D 85 8.55 -7.55 35.47
CA GLY D 85 7.49 -6.77 34.87
C GLY D 85 8.04 -5.53 34.18
N VAL D 86 7.15 -4.87 33.45
CA VAL D 86 7.55 -3.71 32.66
C VAL D 86 8.15 -2.62 33.56
N MET D 87 7.56 -2.43 34.75
CA MET D 87 7.97 -1.36 35.65
C MET D 87 8.80 -1.87 36.82
N GLN D 88 9.39 -3.06 36.70
CA GLN D 88 10.21 -3.58 37.79
C GLN D 88 11.35 -2.62 38.11
N ARG D 89 11.96 -2.04 37.08
CA ARG D 89 13.08 -1.14 37.30
C ARG D 89 12.68 0.04 38.17
N VAL D 90 11.44 0.53 38.00
CA VAL D 90 10.96 1.63 38.83
C VAL D 90 10.76 1.17 40.27
N GLY D 91 10.13 0.01 40.45
CA GLY D 91 9.98 -0.52 41.80
C GLY D 91 11.30 -0.71 42.51
N GLN D 92 12.25 -1.36 41.84
CA GLN D 92 13.57 -1.55 42.44
C GLN D 92 14.20 -0.22 42.81
N LEU D 93 13.99 0.82 42.01
CA LEU D 93 14.52 2.14 42.34
C LEU D 93 13.94 2.64 43.65
N PHE D 94 12.61 2.56 43.80
CA PHE D 94 11.99 2.93 45.06
C PHE D 94 12.61 2.17 46.22
N THR D 95 12.75 0.86 46.10
CA THR D 95 13.33 0.06 47.17
C THR D 95 14.77 0.48 47.45
N TYR D 96 15.54 0.72 46.39
CA TYR D 96 16.92 1.19 46.56
C TYR D 96 16.95 2.44 47.41
N LEU D 97 15.97 3.33 47.25
CA LEU D 97 15.93 4.60 47.97
C LEU D 97 15.20 4.50 49.30
N GLY D 98 14.73 3.32 49.70
CA GLY D 98 13.99 3.19 50.94
C GLY D 98 12.61 3.79 50.94
N MET D 99 11.93 3.79 49.79
CA MET D 99 10.64 4.44 49.64
C MET D 99 9.47 3.46 49.58
N HIS D 100 9.72 2.17 49.77
CA HIS D 100 8.65 1.19 49.57
C HIS D 100 7.42 1.50 50.41
N LYS D 101 7.62 1.90 51.66
CA LYS D 101 6.48 2.20 52.53
C LYS D 101 5.83 3.52 52.14
N GLN D 102 6.51 4.36 51.37
CA GLN D 102 5.94 5.60 50.88
C GLN D 102 5.12 5.39 49.60
N LEU D 103 5.11 4.18 49.05
CA LEU D 103 4.24 3.87 47.92
C LEU D 103 2.86 3.51 48.44
N ILE D 104 1.84 4.24 48.01
CA ILE D 104 0.48 4.03 48.50
C ILE D 104 -0.38 3.62 47.32
N PRO D 105 -1.55 3.04 47.59
CA PRO D 105 -2.40 2.56 46.49
C PRO D 105 -2.83 3.71 45.58
N TYR D 106 -2.79 3.45 44.27
CA TYR D 106 -3.39 4.30 43.26
C TYR D 106 -4.57 3.55 42.66
N TYR D 107 -5.74 4.17 42.69
CA TYR D 107 -6.97 3.55 42.22
C TYR D 107 -7.22 3.99 40.76
N PHE D 108 -6.83 3.13 39.81
CA PHE D 108 -7.14 3.41 38.41
C PHE D 108 -8.64 3.47 38.19
N LYS D 109 -9.39 2.60 38.85
CA LYS D 109 -10.84 2.65 38.92
C LYS D 109 -11.22 3.06 40.33
N SER D 110 -12.42 3.62 40.46
CA SER D 110 -12.89 4.05 41.77
C SER D 110 -12.90 2.89 42.75
N ASN D 111 -12.48 3.17 43.99
CA ASN D 111 -12.51 2.15 45.03
C ASN D 111 -13.92 1.91 45.57
N LYS D 112 -14.84 2.83 45.32
CA LYS D 112 -16.24 2.66 45.74
C LYS D 112 -17.12 2.53 44.51
N SER D 113 -18.00 3.50 44.27
CA SER D 113 -18.86 3.40 43.09
C SER D 113 -18.09 3.76 41.83
N PRO D 114 -18.47 3.18 40.70
CA PRO D 114 -17.69 3.40 39.46
C PRO D 114 -17.76 4.83 38.96
N GLY D 115 -16.73 5.23 38.24
CA GLY D 115 -16.70 6.54 37.64
C GLY D 115 -17.75 6.71 36.55
N PHE D 116 -17.82 7.94 36.05
CA PHE D 116 -18.84 8.31 35.08
C PHE D 116 -18.28 8.26 33.66
N GLN D 117 -19.17 8.00 32.70
CA GLN D 117 -18.90 8.15 31.29
C GLN D 117 -19.95 9.09 30.71
N TYR D 118 -19.53 10.10 29.96
CA TYR D 118 -20.44 11.07 29.36
C TYR D 118 -20.04 11.29 27.90
N PHE D 119 -20.73 10.62 26.99
CA PHE D 119 -20.43 10.68 25.57
C PHE D 119 -21.72 10.88 24.78
N ASN D 120 -21.66 11.78 23.79
CA ASN D 120 -22.81 12.04 22.93
C ASN D 120 -24.04 12.42 23.74
N GLY D 121 -23.81 13.15 24.83
CA GLY D 121 -24.88 13.60 25.70
C GLY D 121 -25.50 12.54 26.59
N VAL D 122 -24.98 11.32 26.59
CA VAL D 122 -25.51 10.23 27.40
C VAL D 122 -24.57 9.99 28.57
N ARG D 123 -25.11 9.98 29.77
CA ARG D 123 -24.35 9.77 30.99
C ARG D 123 -24.62 8.36 31.52
N ALA D 124 -23.56 7.72 32.02
CA ALA D 124 -23.68 6.38 32.58
C ALA D 124 -22.46 6.10 33.46
N ARG D 125 -22.60 5.09 34.29
CA ARG D 125 -21.46 4.61 35.09
C ARG D 125 -20.61 3.65 34.28
N ILE D 126 -19.31 3.67 34.56
CA ILE D 126 -18.41 2.69 33.96
C ILE D 126 -18.90 1.29 34.33
N GLY D 127 -19.07 0.45 33.31
CA GLY D 127 -19.52 -0.92 33.49
C GLY D 127 -20.99 -1.15 33.26
N GLU D 128 -21.78 -0.09 33.07
CA GLU D 128 -23.22 -0.24 32.87
C GLU D 128 -23.58 -0.65 31.44
N GLY D 129 -22.61 -0.73 30.53
CA GLY D 129 -22.88 -1.24 29.20
C GLY D 129 -23.65 -0.32 28.29
N SER D 130 -23.60 0.99 28.53
CA SER D 130 -24.27 1.93 27.65
C SER D 130 -23.60 1.99 26.28
N SER D 131 -24.41 2.26 25.27
CA SER D 131 -23.89 2.47 23.92
C SER D 131 -23.68 3.94 23.58
N PHE D 132 -24.06 4.85 24.48
CA PHE D 132 -23.84 6.28 24.30
C PHE D 132 -24.30 6.72 22.92
N ASP D 133 -25.49 6.26 22.55
CA ASP D 133 -26.15 6.64 21.29
C ASP D 133 -25.37 6.20 20.06
N ALA D 134 -24.49 5.21 20.21
CA ALA D 134 -23.71 4.73 19.07
C ALA D 134 -24.58 4.30 17.89
N PRO D 135 -25.76 3.71 18.07
CA PRO D 135 -26.60 3.40 16.90
C PRO D 135 -26.89 4.60 16.03
N ALA D 136 -27.12 5.77 16.62
CA ALA D 136 -27.34 6.98 15.82
C ALA D 136 -26.11 7.38 15.03
N LEU D 137 -24.92 6.98 15.47
CA LEU D 137 -23.70 7.23 14.72
C LEU D 137 -23.54 6.27 13.55
N GLY D 138 -24.36 5.22 13.45
CA GLY D 138 -24.20 4.22 12.43
C GLY D 138 -23.34 3.04 12.82
N ILE D 139 -23.11 2.83 14.11
CA ILE D 139 -22.37 1.65 14.60
C ILE D 139 -23.38 0.52 14.79
N ASN D 140 -23.21 -0.56 14.03
CA ASN D 140 -24.19 -1.63 14.08
C ASN D 140 -24.13 -2.37 15.43
N SER D 141 -25.17 -3.17 15.68
CA SER D 141 -25.31 -3.80 16.99
C SER D 141 -24.23 -4.84 17.25
N SER D 142 -23.68 -5.45 16.20
CA SER D 142 -22.63 -6.45 16.41
C SER D 142 -21.38 -5.81 17.01
N LEU D 143 -20.95 -4.67 16.47
CA LEU D 143 -19.77 -4.00 16.99
C LEU D 143 -20.01 -3.52 18.42
N ILE D 144 -21.20 -2.97 18.69
CA ILE D 144 -21.51 -2.51 20.03
C ILE D 144 -21.47 -3.67 21.02
N ASP D 145 -22.05 -4.81 20.66
CA ASP D 145 -22.07 -5.95 21.57
C ASP D 145 -20.65 -6.42 21.90
N ILE D 146 -19.77 -6.42 20.91
CA ILE D 146 -18.38 -6.80 21.16
C ILE D 146 -17.71 -5.75 22.06
N GLY D 147 -17.91 -4.48 21.74
CA GLY D 147 -17.34 -3.42 22.54
C GLY D 147 -15.99 -2.94 22.04
N VAL D 148 -15.69 -1.68 22.35
CA VAL D 148 -14.44 -1.09 21.88
C VAL D 148 -13.24 -1.81 22.47
N THR D 149 -13.30 -2.14 23.75
CA THR D 149 -12.16 -2.76 24.42
C THR D 149 -11.75 -4.05 23.71
N LYS D 150 -12.72 -4.95 23.47
CA LYS D 150 -12.39 -6.23 22.86
C LYS D 150 -11.93 -6.06 21.42
N ILE D 151 -12.51 -5.10 20.70
CA ILE D 151 -12.08 -4.86 19.33
C ILE D 151 -10.62 -4.41 19.31
N VAL D 152 -10.28 -3.41 20.13
CA VAL D 152 -8.92 -2.90 20.14
C VAL D 152 -7.95 -4.00 20.54
N ASN D 153 -8.31 -4.78 21.58
CA ASN D 153 -7.44 -5.87 22.00
CA ASN D 153 -7.46 -5.87 22.01
C ASN D 153 -7.26 -6.91 20.90
N ASP D 154 -8.30 -7.14 20.09
CA ASP D 154 -8.16 -8.10 19.00
C ASP D 154 -7.13 -7.62 17.98
N ALA D 155 -7.08 -6.31 17.74
CA ALA D 155 -6.10 -5.78 16.79
C ALA D 155 -4.71 -5.64 17.43
N VAL D 156 -4.65 -5.21 18.68
CA VAL D 156 -3.38 -4.93 19.33
C VAL D 156 -2.77 -6.17 19.97
N GLY D 157 -3.58 -7.08 20.48
CA GLY D 157 -3.13 -8.21 21.25
C GLY D 157 -1.96 -8.96 20.64
N PRO D 158 -2.10 -9.37 19.37
CA PRO D 158 -1.00 -10.15 18.76
C PRO D 158 0.34 -9.42 18.80
N PHE D 159 0.36 -8.13 18.46
CA PHE D 159 1.61 -7.39 18.52
C PHE D 159 2.12 -7.29 19.96
N ALA D 160 1.23 -6.98 20.91
CA ALA D 160 1.66 -6.81 22.30
C ALA D 160 2.16 -8.12 22.89
N GLN D 161 1.51 -9.23 22.56
CA GLN D 161 1.95 -10.51 23.12
C GLN D 161 3.34 -10.87 22.63
N ALA D 162 3.64 -10.59 21.36
CA ALA D 162 4.96 -10.90 20.83
C ALA D 162 6.03 -10.05 21.50
N LEU D 163 5.72 -8.79 21.81
CA LEU D 163 6.68 -7.94 22.50
C LEU D 163 6.84 -8.36 23.96
N PHE D 164 5.75 -8.77 24.60
CA PHE D 164 5.87 -9.30 25.96
C PHE D 164 6.71 -10.57 25.98
N ASP D 165 6.60 -11.39 24.93
CA ASP D 165 7.44 -12.57 24.83
C ASP D 165 8.91 -12.19 24.67
N ASP D 166 9.18 -11.11 23.93
CA ASP D 166 10.55 -10.60 23.85
C ASP D 166 11.10 -10.34 25.24
N LEU D 167 10.36 -9.58 26.06
CA LEU D 167 10.85 -9.20 27.38
C LEU D 167 11.04 -10.42 28.28
N GLN D 168 10.12 -11.37 28.20
CA GLN D 168 10.16 -12.51 29.12
C GLN D 168 11.12 -13.59 28.66
N LYS D 169 11.17 -13.87 27.35
CA LYS D 169 12.04 -14.91 26.82
C LYS D 169 13.39 -14.38 26.36
N HIS D 170 13.62 -13.06 26.47
CA HIS D 170 14.90 -12.44 26.09
C HIS D 170 15.17 -12.62 24.59
N THR D 171 14.24 -12.10 23.79
CA THR D 171 14.35 -12.13 22.35
C THR D 171 14.02 -10.76 21.78
N THR D 172 14.23 -10.64 20.46
CA THR D 172 13.91 -9.40 19.75
C THR D 172 13.08 -9.68 18.50
N THR D 173 12.62 -10.92 18.30
CA THR D 173 11.81 -11.24 17.14
C THR D 173 10.50 -10.46 17.17
N GLY D 174 9.91 -10.29 18.36
CA GLY D 174 8.69 -9.51 18.46
C GLY D 174 8.88 -8.08 18.00
N TRP D 175 10.00 -7.48 18.37
CA TRP D 175 10.26 -6.11 17.94
C TRP D 175 10.50 -6.04 16.43
N ASP D 176 11.21 -7.03 15.87
CA ASP D 176 11.41 -7.05 14.44
C ASP D 176 10.08 -7.09 13.68
N ASP D 177 9.12 -7.89 14.17
CA ASP D 177 7.82 -7.95 13.52
C ASP D 177 7.05 -6.65 13.70
N MET D 178 7.11 -6.08 14.90
CA MET D 178 6.51 -4.76 15.12
C MET D 178 7.05 -3.75 14.11
N MET D 179 8.37 -3.78 13.88
CA MET D 179 8.99 -2.82 12.98
C MET D 179 8.60 -3.07 11.53
N LYS D 180 8.28 -4.31 11.17
CA LYS D 180 7.75 -4.56 9.83
C LYS D 180 6.42 -3.85 9.62
N ASN D 181 5.71 -3.52 10.70
CA ASN D 181 4.42 -2.85 10.65
C ASN D 181 4.46 -1.43 11.18
N ASP D 182 5.65 -0.87 11.41
CA ASP D 182 5.75 0.43 12.05
C ASP D 182 5.29 1.57 11.15
N ALA D 183 5.21 1.34 9.84
CA ALA D 183 4.69 2.36 8.93
C ALA D 183 3.19 2.57 9.09
N TYR D 184 2.51 1.69 9.82
CA TYR D 184 1.10 1.88 10.09
C TYR D 184 0.89 2.87 11.23
N SER D 185 -0.07 3.77 11.06
CA SER D 185 -0.73 4.37 12.20
C SER D 185 -1.77 3.38 12.71
N THR D 186 -2.30 3.64 13.91
CA THR D 186 -3.38 2.78 14.39
C THR D 186 -4.55 2.83 13.41
N ARG D 187 -4.85 4.01 12.88
CA ARG D 187 -5.97 4.16 11.95
C ARG D 187 -5.72 3.42 10.65
N SER D 188 -4.54 3.61 10.05
CA SER D 188 -4.28 2.96 8.77
C SER D 188 -4.21 1.45 8.91
N TYR D 189 -3.80 0.96 10.09
CA TYR D 189 -3.86 -0.47 10.33
C TYR D 189 -5.31 -0.97 10.31
N PHE D 190 -6.19 -0.27 11.02
CA PHE D 190 -7.61 -0.64 11.01
C PHE D 190 -8.21 -0.48 9.61
N SER D 191 -7.75 0.52 8.85
CA SER D 191 -8.39 0.82 7.57
C SER D 191 -7.92 -0.10 6.45
N PHE D 192 -6.68 -0.59 6.51
CA PHE D 192 -6.10 -1.28 5.38
C PHE D 192 -5.54 -2.67 5.64
N LYS D 193 -5.48 -3.13 6.88
CA LYS D 193 -4.90 -4.43 7.16
C LYS D 193 -5.75 -5.27 8.09
N TYR D 194 -6.15 -4.70 9.23
CA TYR D 194 -6.86 -5.48 10.23
C TYR D 194 -8.09 -6.16 9.66
N LEU D 195 -8.27 -7.43 10.03
CA LEU D 195 -9.48 -8.18 9.76
C LEU D 195 -9.95 -8.76 11.09
N PRO D 196 -11.21 -8.57 11.47
CA PRO D 196 -11.66 -9.03 12.79
C PRO D 196 -11.57 -10.54 12.93
N SER D 197 -11.40 -10.98 14.18
CA SER D 197 -11.31 -12.40 14.44
CA SER D 197 -11.32 -12.40 14.47
C SER D 197 -12.60 -13.09 14.00
N PRO D 198 -12.50 -14.33 13.51
CA PRO D 198 -13.71 -15.03 13.04
C PRO D 198 -14.81 -15.12 14.09
N SER D 199 -14.46 -15.20 15.37
CA SER D 199 -15.47 -15.33 16.41
C SER D 199 -16.37 -14.11 16.51
N PHE D 200 -15.92 -12.95 16.00
CA PHE D 200 -16.77 -11.78 16.06
C PHE D 200 -17.96 -11.87 15.12
N GLY D 201 -17.94 -12.77 14.15
CA GLY D 201 -19.05 -12.89 13.23
C GLY D 201 -19.28 -11.66 12.38
N LEU D 202 -18.25 -10.88 12.15
CA LEU D 202 -18.36 -9.66 11.35
C LEU D 202 -18.05 -9.95 9.90
N PRO D 203 -18.42 -9.03 9.00
CA PRO D 203 -18.01 -9.20 7.59
C PRO D 203 -16.50 -9.22 7.47
N SER D 204 -16.02 -9.95 6.46
CA SER D 204 -14.59 -10.00 6.17
C SER D 204 -14.24 -8.71 5.44
N GLU D 205 -13.84 -7.69 6.22
CA GLU D 205 -13.47 -6.40 5.66
C GLU D 205 -12.73 -5.60 6.73
N HIS D 206 -12.02 -4.57 6.26
CA HIS D 206 -11.41 -3.59 7.15
C HIS D 206 -12.48 -2.61 7.63
N PHE D 207 -12.29 -2.10 8.85
CA PHE D 207 -13.24 -1.16 9.43
C PHE D 207 -13.30 0.15 8.64
N SER D 208 -14.47 0.77 8.66
CA SER D 208 -14.67 2.09 8.09
C SER D 208 -14.14 3.19 9.01
N THR D 209 -13.97 4.37 8.44
CA THR D 209 -13.54 5.53 9.22
C THR D 209 -14.52 5.83 10.36
N ARG D 210 -15.83 5.73 10.09
CA ARG D 210 -16.82 5.97 11.14
C ARG D 210 -16.62 5.03 12.31
N VAL D 211 -16.37 3.74 12.04
CA VAL D 211 -16.15 2.78 13.12
C VAL D 211 -14.81 3.05 13.81
N ILE D 212 -13.78 3.40 13.04
CA ILE D 212 -12.47 3.64 13.63
C ILE D 212 -12.52 4.86 14.55
N ASN D 213 -13.21 5.92 14.13
CA ASN D 213 -13.33 7.09 14.98
C ASN D 213 -14.15 6.79 16.23
N TRP D 214 -15.10 5.86 16.14
CA TRP D 214 -15.81 5.41 17.33
C TRP D 214 -14.85 4.70 18.30
N LEU D 215 -13.96 3.86 17.77
CA LEU D 215 -12.97 3.24 18.64
C LEU D 215 -12.10 4.28 19.34
N GLU D 216 -11.55 5.23 18.58
CA GLU D 216 -10.65 6.21 19.17
C GLU D 216 -11.36 7.01 20.26
N THR D 217 -12.63 7.36 20.04
CA THR D 217 -13.37 8.16 20.99
C THR D 217 -13.34 7.53 22.38
N PHE D 218 -13.59 6.23 22.46
CA PHE D 218 -13.68 5.57 23.76
C PHE D 218 -12.36 4.94 24.20
N ASP D 219 -11.45 4.67 23.27
CA ASP D 219 -10.20 4.01 23.61
C ASP D 219 -9.13 4.99 24.09
N LYS D 220 -8.98 6.13 23.41
CA LYS D 220 -7.89 7.04 23.72
C LYS D 220 -8.34 8.49 23.64
N SER D 221 -7.66 9.29 22.82
CA SER D 221 -7.85 10.73 22.75
C SER D 221 -7.95 11.15 21.30
N THR D 222 -8.44 12.35 21.08
CA THR D 222 -8.70 12.81 19.71
C THR D 222 -7.38 12.96 18.97
N GLY D 223 -7.20 12.14 17.92
CA GLY D 223 -5.99 12.16 17.12
C GLY D 223 -4.97 11.12 17.50
N TRP D 224 -5.20 10.36 18.56
CA TRP D 224 -4.26 9.32 18.97
C TRP D 224 -4.02 8.33 17.83
N TYR D 225 -5.07 7.93 17.13
CA TYR D 225 -4.95 6.87 16.14
C TYR D 225 -4.17 7.27 14.89
N ASP D 226 -3.89 8.57 14.70
CA ASP D 226 -3.05 8.99 13.59
C ASP D 226 -1.57 8.93 13.91
N ARG D 227 -1.22 8.62 15.16
CA ARG D 227 0.16 8.37 15.53
C ARG D 227 0.51 6.91 15.21
N GLY D 228 1.74 6.52 15.53
CA GLY D 228 2.21 5.20 15.14
C GLY D 228 1.43 4.09 15.85
N LEU D 229 1.09 3.05 15.09
CA LEU D 229 0.53 1.85 15.70
C LEU D 229 1.46 1.28 16.76
N THR D 230 2.78 1.41 16.60
CA THR D 230 3.70 0.86 17.58
C THR D 230 3.48 1.49 18.96
N GLU D 231 3.21 2.79 18.99
CA GLU D 231 2.96 3.46 20.27
C GLU D 231 1.71 2.93 20.94
N THR D 232 0.67 2.65 20.15
CA THR D 232 -0.53 2.05 20.71
C THR D 232 -0.21 0.69 21.34
N VAL D 233 0.63 -0.10 20.67
CA VAL D 233 1.01 -1.40 21.19
C VAL D 233 1.87 -1.25 22.44
N LEU D 234 2.86 -0.35 22.38
CA LEU D 234 3.77 -0.18 23.51
C LEU D 234 3.04 0.38 24.73
N GLU D 235 2.12 1.31 24.53
CA GLU D 235 1.42 1.89 25.67
C GLU D 235 0.41 0.91 26.26
N ALA D 236 -0.19 0.06 25.44
CA ALA D 236 -1.03 -1.00 25.97
C ALA D 236 -0.22 -1.89 26.90
N ILE D 237 1.02 -2.21 26.51
CA ILE D 237 1.88 -3.02 27.37
C ILE D 237 2.16 -2.28 28.67
N ALA D 238 2.52 -1.00 28.57
CA ALA D 238 2.90 -0.26 29.76
C ALA D 238 1.73 -0.15 30.73
N PHE D 239 0.53 0.16 30.23
CA PHE D 239 -0.63 0.29 31.09
C PHE D 239 -1.12 -1.03 31.65
N GLY D 240 -0.61 -2.16 31.16
CA GLY D 240 -1.16 -3.42 31.61
C GLY D 240 -2.52 -3.74 31.02
N GLU D 241 -2.87 -3.14 29.87
CA GLU D 241 -4.15 -3.42 29.22
C GLU D 241 -4.12 -4.70 28.42
N VAL D 242 -3.08 -5.52 28.60
CA VAL D 242 -2.84 -6.77 27.91
C VAL D 242 -1.67 -7.41 28.65
N GLY D 243 -1.57 -8.74 28.62
CA GLY D 243 -0.51 -9.43 29.33
C GLY D 243 0.87 -8.84 29.11
N GLU D 246 -1.92 -7.89 35.97
CA GLU D 246 -1.16 -8.32 37.14
C GLU D 246 -0.27 -7.19 37.65
N VAL D 247 -0.79 -5.96 37.62
CA VAL D 247 -0.02 -4.79 38.02
C VAL D 247 -0.59 -4.26 39.33
N ASP D 248 0.29 -3.65 40.12
CA ASP D 248 -0.08 -3.00 41.38
C ASP D 248 0.06 -1.50 41.17
N TRP D 249 -1.07 -0.82 40.95
CA TRP D 249 -1.05 0.62 40.74
C TRP D 249 -0.68 1.35 42.02
N ARG D 250 0.37 2.18 41.95
CA ARG D 250 0.87 2.90 43.11
C ARG D 250 1.12 4.35 42.78
N CYS D 251 1.00 5.20 43.79
CA CYS D 251 1.46 6.58 43.72
C CYS D 251 2.30 6.85 44.96
N ILE D 252 2.95 8.01 44.97
CA ILE D 252 3.93 8.34 46.00
C ILE D 252 3.28 9.31 46.98
N ASP D 253 3.27 8.93 48.25
CA ASP D 253 2.67 9.77 49.29
C ASP D 253 3.38 11.11 49.33
N GLY D 254 2.63 12.18 49.13
CA GLY D 254 3.20 13.51 49.07
C GLY D 254 3.50 14.02 47.68
N GLY D 255 3.27 13.22 46.65
CA GLY D 255 3.51 13.64 45.29
C GLY D 255 4.78 13.03 44.71
N SER D 256 4.83 12.97 43.38
CA SER D 256 5.96 12.36 42.70
C SER D 256 7.26 13.11 42.97
N HIS D 257 7.19 14.35 43.42
CA HIS D 257 8.39 15.12 43.72
C HIS D 257 9.26 14.46 44.78
N VAL D 258 8.67 13.63 45.64
CA VAL D 258 9.44 12.96 46.68
C VAL D 258 10.54 12.10 46.07
N LEU D 259 10.28 11.49 44.90
CA LEU D 259 11.27 10.62 44.29
C LEU D 259 12.52 11.40 43.91
N PRO D 260 12.46 12.43 43.06
CA PRO D 260 13.69 13.19 42.76
C PRO D 260 14.26 13.90 43.96
N ASP D 261 13.41 14.37 44.88
CA ASP D 261 13.91 14.97 46.11
C ASP D 261 14.73 13.96 46.92
N THR D 262 14.26 12.73 46.99
CA THR D 262 14.96 11.71 47.77
C THR D 262 16.28 11.33 47.10
N ILE D 263 16.30 11.29 45.76
CA ILE D 263 17.53 10.97 45.05
C ILE D 263 18.57 12.06 45.27
N ALA D 264 18.17 13.32 45.12
CA ALA D 264 19.11 14.42 45.32
C ALA D 264 19.71 14.39 46.73
N ALA D 265 18.87 14.14 47.74
CA ALA D 265 19.39 14.04 49.10
C ALA D 265 20.36 12.86 49.22
N PHE D 266 20.02 11.73 48.60
CA PHE D 266 20.92 10.58 48.60
C PHE D 266 22.25 10.92 47.93
N LEU D 267 22.18 11.65 46.81
CA LEU D 267 23.42 11.97 46.09
C LEU D 267 24.30 12.93 46.88
N HIS D 268 23.71 13.77 47.72
CA HIS D 268 24.50 14.76 48.44
C HIS D 268 25.14 14.17 49.69
N LYS D 269 24.49 13.20 50.33
CA LYS D 269 25.08 12.57 51.50
C LYS D 269 26.19 11.60 51.10
N LYS D 270 25.91 10.74 50.12
CA LYS D 270 26.93 9.81 49.61
C LYS D 270 28.19 10.57 49.21
N GLY D 271 28.05 11.53 48.31
CA GLY D 271 29.12 12.46 47.99
C GLY D 271 28.59 13.87 47.89
N GLY D 272 29.50 14.82 47.79
CA GLY D 272 29.11 16.22 47.74
C GLY D 272 29.29 16.85 46.39
N ASN D 273 28.97 16.14 45.32
CA ASN D 273 28.97 16.71 43.98
C ASN D 273 27.66 17.48 43.84
N ALA D 274 27.66 18.74 44.27
CA ALA D 274 26.44 19.52 44.20
C ALA D 274 25.95 19.52 42.76
N PHE D 275 24.85 20.20 42.50
CA PHE D 275 24.31 20.32 41.16
C PHE D 275 24.60 21.73 40.67
N VAL D 276 24.81 21.87 39.36
CA VAL D 276 24.93 23.18 38.74
C VAL D 276 23.52 23.56 38.32
N MET D 277 22.87 24.38 39.14
CA MET D 277 21.50 24.79 38.95
C MET D 277 21.45 26.13 38.22
N ASN D 278 20.30 26.42 37.63
CA ASN D 278 20.06 27.69 36.96
C ASN D 278 21.10 27.96 35.87
N ALA D 279 21.44 26.94 35.11
CA ALA D 279 22.43 27.03 34.04
C ALA D 279 21.83 26.32 32.82
N SER D 280 21.26 27.10 31.90
CA SER D 280 20.66 26.53 30.71
CA SER D 280 20.66 26.53 30.70
C SER D 280 21.74 26.23 29.67
N VAL D 281 21.77 25.00 29.20
CA VAL D 281 22.76 24.60 28.21
C VAL D 281 22.44 25.27 26.88
N THR D 282 23.45 25.90 26.27
CA THR D 282 23.30 26.52 24.97
C THR D 282 24.17 25.90 23.89
N ALA D 283 25.20 25.13 24.26
CA ALA D 283 26.07 24.51 23.27
C ALA D 283 26.70 23.24 23.85
N ILE D 284 26.83 22.23 23.01
CA ILE D 284 27.48 20.96 23.35
C ILE D 284 28.35 20.57 22.17
N GLY D 285 29.61 20.28 22.43
CA GLY D 285 30.49 19.85 21.37
C GLY D 285 31.88 19.53 21.89
N LEU D 286 32.63 18.82 21.05
CA LEU D 286 34.03 18.54 21.36
C LEU D 286 34.85 19.83 21.38
N GLU D 287 35.79 19.91 22.34
CA GLU D 287 36.69 21.04 22.38
C GLU D 287 37.47 21.17 21.07
N ASN D 288 37.98 20.07 20.56
CA ASN D 288 38.67 20.03 19.27
C ASN D 288 38.26 18.76 18.56
N PRO D 289 37.32 18.84 17.61
CA PRO D 289 36.80 17.61 16.99
C PRO D 289 37.85 16.80 16.24
N ASN D 290 39.03 17.36 15.96
CA ASN D 290 40.08 16.65 15.24
C ASN D 290 41.00 15.85 16.16
N LYS D 291 40.99 16.11 17.46
CA LYS D 291 41.77 15.36 18.43
C LYS D 291 40.94 14.28 19.08
N GLU D 292 41.48 13.06 19.14
CA GLU D 292 40.73 11.93 19.66
C GLU D 292 40.51 12.07 21.16
N ASP D 293 41.51 12.56 21.90
CA ASP D 293 41.36 12.72 23.34
C ASP D 293 40.64 14.00 23.72
N SER D 294 40.02 14.67 22.75
CA SER D 294 39.36 15.94 23.03
C SER D 294 38.27 15.74 24.08
N PRO D 295 38.20 16.57 25.11
CA PRO D 295 37.05 16.50 26.03
C PRO D 295 35.82 17.15 25.41
N MET D 296 34.68 16.90 26.06
CA MET D 296 33.44 17.56 25.70
C MET D 296 33.36 18.92 26.39
N VAL D 297 32.73 19.88 25.70
CA VAL D 297 32.50 21.21 26.26
C VAL D 297 31.00 21.46 26.30
N VAL D 298 30.52 21.86 27.47
CA VAL D 298 29.12 22.24 27.67
C VAL D 298 29.13 23.72 28.06
N VAL D 299 28.42 24.53 27.27
CA VAL D 299 28.25 25.95 27.57
C VAL D 299 26.89 26.12 28.23
N ALA D 300 26.89 26.61 29.47
CA ALA D 300 25.67 26.81 30.24
C ALA D 300 25.86 28.07 31.08
N GLY D 301 24.90 28.97 30.99
CA GLY D 301 25.00 30.24 31.70
C GLY D 301 26.21 31.07 31.30
N GLY D 302 26.68 30.92 30.07
CA GLY D 302 27.82 31.67 29.59
C GLY D 302 29.16 31.13 30.03
N GLN D 303 29.20 29.99 30.70
CA GLN D 303 30.46 29.44 31.21
C GLN D 303 30.71 28.08 30.55
N LYS D 304 31.98 27.85 30.20
CA LYS D 304 32.41 26.60 29.60
C LYS D 304 32.79 25.60 30.69
N ARG D 305 32.27 24.39 30.60
CA ARG D 305 32.60 23.31 31.50
C ARG D 305 33.03 22.12 30.67
N LYS D 306 34.15 21.51 31.05
CA LYS D 306 34.75 20.42 30.29
C LYS D 306 34.45 19.09 30.95
N TYR D 307 34.18 18.08 30.12
CA TYR D 307 33.88 16.74 30.59
C TYR D 307 34.49 15.75 29.62
N SER D 308 34.78 14.55 30.12
CA SER D 308 35.23 13.48 29.23
C SER D 308 34.07 12.99 28.38
N HIS D 309 32.93 12.72 28.99
CA HIS D 309 31.73 12.31 28.31
C HIS D 309 30.54 13.11 28.83
N VAL D 310 29.52 13.21 28.00
CA VAL D 310 28.29 13.92 28.34
C VAL D 310 27.13 12.97 28.13
N ILE D 311 26.27 12.85 29.14
CA ILE D 311 25.00 12.15 29.04
C ILE D 311 23.90 13.21 29.03
N SER D 312 23.24 13.36 27.89
CA SER D 312 22.16 14.33 27.76
C SER D 312 20.81 13.67 28.05
N THR D 313 20.03 14.29 28.93
CA THR D 313 18.64 13.91 29.13
C THR D 313 17.68 15.00 28.64
N LEU D 314 18.18 15.95 27.85
CA LEU D 314 17.32 17.00 27.34
C LEU D 314 16.35 16.42 26.32
N PRO D 315 15.07 16.82 26.37
CA PRO D 315 14.15 16.38 25.31
C PRO D 315 14.70 16.74 23.93
N LEU D 316 14.36 15.90 22.95
CA LEU D 316 14.83 16.12 21.58
C LEU D 316 14.54 17.53 21.07
N PRO D 317 13.33 18.07 21.24
CA PRO D 317 13.10 19.45 20.76
C PRO D 317 13.99 20.47 21.42
N VAL D 318 14.38 20.23 22.69
CA VAL D 318 15.30 21.13 23.36
C VAL D 318 16.69 21.06 22.73
N LEU D 319 17.15 19.85 22.40
CA LEU D 319 18.45 19.70 21.74
C LEU D 319 18.48 20.49 20.44
N ARG D 320 17.33 20.63 19.78
CA ARG D 320 17.26 21.39 18.53
C ARG D 320 17.45 22.88 18.76
N THR D 321 17.36 23.35 20.01
CA THR D 321 17.65 24.74 20.36
C THR D 321 19.04 24.91 20.93
N VAL D 322 19.82 23.84 21.01
CA VAL D 322 21.19 23.89 21.53
C VAL D 322 22.15 23.81 20.35
N ASP D 323 23.22 24.59 20.41
CA ASP D 323 24.24 24.56 19.36
C ASP D 323 25.02 23.26 19.48
N LEU D 324 24.73 22.32 18.59
CA LEU D 324 25.40 21.02 18.57
C LEU D 324 26.55 20.97 17.58
N LYS D 325 27.01 22.12 17.12
CA LYS D 325 28.25 22.18 16.34
C LYS D 325 29.38 21.59 17.16
N ASN D 326 30.18 20.73 16.53
CA ASN D 326 31.32 20.03 17.12
C ASN D 326 30.86 18.81 17.92
N SER D 327 29.57 18.48 17.93
CA SER D 327 29.13 17.19 18.44
C SER D 327 29.06 16.12 17.36
N LYS D 328 29.23 16.49 16.09
CA LYS D 328 29.43 15.54 15.00
C LYS D 328 28.32 14.49 14.97
N LEU D 329 27.08 14.95 15.07
CA LEU D 329 25.95 14.06 14.82
C LEU D 329 25.96 13.63 13.35
N ASP D 330 25.67 12.36 13.11
CA ASP D 330 25.53 11.91 11.73
C ASP D 330 24.18 12.36 11.18
N ILE D 331 24.03 12.23 9.86
CA ILE D 331 22.89 12.82 9.17
C ILE D 331 21.58 12.23 9.68
N VAL D 332 21.60 10.97 10.09
CA VAL D 332 20.38 10.35 10.61
C VAL D 332 20.07 10.90 12.00
N GLN D 333 21.09 11.02 12.86
CA GLN D 333 20.86 11.54 14.20
C GLN D 333 20.25 12.94 14.15
N SER D 334 20.78 13.81 13.29
CA SER D 334 20.28 15.18 13.22
C SER D 334 18.86 15.21 12.67
N ASN D 335 18.55 14.32 11.71
CA ASN D 335 17.17 14.18 11.26
C ASN D 335 16.28 13.69 12.39
N ALA D 336 16.78 12.74 13.18
CA ALA D 336 15.95 12.16 14.24
C ALA D 336 15.54 13.20 15.26
N LEU D 337 16.45 14.12 15.62
CA LEU D 337 16.12 15.15 16.60
C LEU D 337 14.91 15.95 16.16
N ARG D 338 14.78 16.18 14.86
CA ARG D 338 13.67 16.97 14.33
C ARG D 338 12.40 16.14 14.16
N LYS D 339 12.54 14.93 13.61
CA LYS D 339 11.39 14.19 13.12
C LYS D 339 10.73 13.32 14.19
N LEU D 340 11.51 12.74 15.10
CA LEU D 340 10.95 11.90 16.15
C LEU D 340 9.87 12.68 16.92
N GLN D 341 8.62 12.26 16.79
CA GLN D 341 7.51 13.14 17.15
C GLN D 341 7.25 13.14 18.65
N TYR D 342 6.92 14.32 19.16
CA TYR D 342 6.46 14.51 20.53
C TYR D 342 4.96 14.73 20.54
N GLY D 343 4.36 14.46 21.70
CA GLY D 343 2.94 14.66 21.89
C GLY D 343 2.65 15.64 22.99
N PRO D 344 1.48 16.28 22.93
CA PRO D 344 1.11 17.28 23.92
C PRO D 344 0.28 16.69 25.07
N SER D 345 0.17 17.48 26.13
CA SER D 345 -0.70 17.16 27.24
C SER D 345 -0.90 18.41 28.09
N ILE D 346 -2.08 18.51 28.71
CA ILE D 346 -2.37 19.56 29.67
C ILE D 346 -3.04 18.92 30.87
N LYS D 347 -2.90 19.57 32.03
CA LYS D 347 -3.62 19.19 33.22
C LYS D 347 -4.16 20.45 33.88
N ILE D 348 -5.30 20.31 34.53
CA ILE D 348 -5.93 21.39 35.27
C ILE D 348 -6.30 20.85 36.64
N GLY D 349 -5.67 21.38 37.68
CA GLY D 349 -6.00 21.02 39.05
C GLY D 349 -6.82 22.13 39.70
N ILE D 350 -7.84 21.71 40.46
CA ILE D 350 -8.74 22.65 41.11
C ILE D 350 -8.83 22.25 42.59
N LEU D 351 -8.51 23.19 43.47
CA LEU D 351 -8.75 23.02 44.89
C LEU D 351 -10.20 23.40 45.18
N PHE D 352 -10.94 22.46 45.75
CA PHE D 352 -12.31 22.70 46.19
C PHE D 352 -12.34 22.80 47.71
N LYS D 353 -13.50 23.18 48.24
CA LYS D 353 -13.70 23.26 49.68
C LYS D 353 -13.92 21.90 50.31
N GLU D 354 -14.18 20.86 49.52
CA GLU D 354 -14.52 19.55 50.05
C GLU D 354 -14.36 18.53 48.93
N PRO D 355 -14.23 17.25 49.25
CA PRO D 355 -14.20 16.23 48.19
C PRO D 355 -15.61 15.83 47.76
N TRP D 356 -16.28 16.76 47.08
CA TRP D 356 -17.69 16.57 46.73
C TRP D 356 -17.88 15.30 45.91
N TRP D 357 -16.86 14.89 45.16
CA TRP D 357 -16.97 13.66 44.38
C TRP D 357 -17.11 12.44 45.27
N THR D 358 -16.67 12.54 46.52
CA THR D 358 -16.73 11.44 47.49
C THR D 358 -17.94 11.53 48.41
N THR D 359 -18.28 12.73 48.86
CA THR D 359 -19.33 12.92 49.85
C THR D 359 -20.59 13.58 49.30
N GLY D 360 -20.55 14.11 48.07
CA GLY D 360 -21.65 14.89 47.55
C GLY D 360 -22.68 14.07 46.80
N GLN D 361 -23.69 14.77 46.28
CA GLN D 361 -24.76 14.16 45.51
C GLN D 361 -25.11 15.08 44.34
N ASP D 362 -25.67 14.48 43.29
CA ASP D 362 -25.98 15.24 42.08
C ASP D 362 -27.30 15.98 42.28
N LYS D 363 -27.79 16.62 41.21
CA LYS D 363 -28.98 17.44 41.32
C LYS D 363 -30.24 16.64 41.61
N ASN D 364 -30.20 15.32 41.46
CA ASN D 364 -31.36 14.46 41.74
C ASN D 364 -31.20 13.67 43.03
N GLY D 365 -30.18 13.95 43.82
CA GLY D 365 -29.99 13.29 45.09
C GLY D 365 -29.19 12.01 45.06
N GLU D 366 -28.66 11.61 43.89
CA GLU D 366 -27.85 10.40 43.80
CA GLU D 366 -27.85 10.40 43.80
C GLU D 366 -26.40 10.71 44.17
N LYS D 367 -25.86 9.95 45.11
CA LYS D 367 -24.50 10.18 45.58
C LYS D 367 -23.48 9.75 44.52
N PHE D 368 -22.47 10.59 44.32
CA PHE D 368 -21.40 10.23 43.40
C PHE D 368 -20.65 9.01 43.92
N ASP D 369 -20.26 9.04 45.21
CA ASP D 369 -19.61 7.91 45.87
C ASP D 369 -18.34 7.48 45.13
N LEU D 370 -17.52 8.47 44.78
CA LEU D 370 -16.29 8.24 44.04
C LEU D 370 -15.09 8.39 44.98
N VAL D 371 -14.20 7.40 44.95
CA VAL D 371 -12.95 7.44 45.69
C VAL D 371 -11.84 7.04 44.72
N GLY D 372 -10.98 8.00 44.39
CA GLY D 372 -10.02 7.73 43.35
C GLY D 372 -10.72 7.43 42.04
N GLY D 373 -10.00 6.76 41.16
CA GLY D 373 -10.56 6.42 39.88
C GLY D 373 -10.62 7.62 38.94
N GLN D 374 -11.36 7.43 37.85
CA GLN D 374 -11.40 8.40 36.77
C GLN D 374 -12.79 8.41 36.16
N SER D 375 -13.14 9.55 35.55
CA SER D 375 -14.32 9.68 34.71
C SER D 375 -13.89 10.15 33.33
N TYR D 376 -14.69 9.80 32.32
CA TYR D 376 -14.34 10.04 30.94
C TYR D 376 -15.51 10.69 30.21
N THR D 377 -15.18 11.56 29.25
CA THR D 377 -16.19 12.27 28.49
C THR D 377 -15.58 12.70 27.16
N ASP D 378 -16.45 12.93 26.18
CA ASP D 378 -16.02 13.53 24.92
C ASP D 378 -16.03 15.06 24.98
N LEU D 379 -16.41 15.63 26.13
CA LEU D 379 -16.30 17.07 26.34
C LEU D 379 -14.83 17.48 26.42
N PRO D 380 -14.54 18.77 26.23
CA PRO D 380 -13.14 19.21 26.18
C PRO D 380 -12.24 18.70 27.30
N ILE D 381 -12.75 18.54 28.52
CA ILE D 381 -11.88 18.10 29.61
C ILE D 381 -11.46 16.64 29.43
N ARG D 382 -12.25 15.85 28.69
CA ARG D 382 -11.93 14.47 28.32
C ARG D 382 -11.81 13.53 29.51
N THR D 383 -10.91 13.81 30.44
CA THR D 383 -10.64 12.89 31.54
C THR D 383 -10.59 13.65 32.86
N VAL D 384 -11.26 13.11 33.88
CA VAL D 384 -11.24 13.62 35.24
C VAL D 384 -10.64 12.55 36.12
N VAL D 385 -9.68 12.93 36.97
CA VAL D 385 -8.96 11.99 37.81
C VAL D 385 -9.14 12.41 39.27
N TYR D 386 -9.78 11.55 40.06
CA TYR D 386 -9.98 11.80 41.48
C TYR D 386 -8.78 11.29 42.27
N PRO D 387 -8.39 11.98 43.34
CA PRO D 387 -7.16 11.62 44.04
C PRO D 387 -7.29 10.31 44.79
N SER D 388 -6.23 9.50 44.75
CA SER D 388 -6.13 8.29 45.55
C SER D 388 -5.35 8.50 46.84
N TYR D 389 -4.51 9.52 46.90
CA TYR D 389 -3.71 9.79 48.08
C TYR D 389 -4.55 10.47 49.15
N GLY D 390 -4.45 9.97 50.39
CA GLY D 390 -5.10 10.59 51.52
C GLY D 390 -6.56 10.26 51.70
N VAL D 391 -7.12 9.36 50.89
CA VAL D 391 -8.57 9.15 50.91
C VAL D 391 -9.04 8.64 52.27
N ASN D 392 -8.20 7.91 52.98
CA ASN D 392 -8.58 7.29 54.24
C ASN D 392 -8.07 8.03 55.46
N THR D 393 -7.38 9.15 55.29
CA THR D 393 -6.88 9.92 56.42
C THR D 393 -7.99 10.82 56.98
N ASN D 394 -7.66 11.54 58.04
CA ASN D 394 -8.59 12.49 58.64
C ASN D 394 -8.64 13.82 57.91
N ALA D 395 -7.79 14.03 56.91
CA ALA D 395 -7.81 15.22 56.07
C ALA D 395 -7.67 14.79 54.61
N PRO D 396 -8.70 14.14 54.07
CA PRO D 396 -8.63 13.72 52.66
C PRO D 396 -8.43 14.91 51.74
N SER D 397 -7.91 14.62 50.55
CA SER D 397 -7.64 15.66 49.58
C SER D 397 -8.92 16.35 49.12
N ASN D 398 -8.85 17.67 49.01
CA ASN D 398 -9.92 18.45 48.38
C ASN D 398 -9.54 18.88 46.96
N THR D 399 -8.47 18.30 46.40
CA THR D 399 -7.94 18.73 45.12
C THR D 399 -8.28 17.70 44.04
N LEU D 400 -8.81 18.18 42.93
CA LEU D 400 -9.24 17.34 41.82
C LEU D 400 -8.43 17.68 40.58
N ILE D 401 -8.07 16.65 39.81
CA ILE D 401 -7.56 16.87 38.45
C ILE D 401 -8.80 16.97 37.57
N ALA D 402 -9.24 18.19 37.30
CA ALA D 402 -10.48 18.41 36.58
C ALA D 402 -10.34 18.13 35.09
N SER D 403 -9.12 18.15 34.55
CA SER D 403 -8.92 17.89 33.13
C SER D 403 -7.52 17.35 32.93
N TYR D 404 -7.43 16.30 32.12
CA TYR D 404 -6.14 15.70 31.74
C TYR D 404 -6.32 15.24 30.29
N CYS D 405 -5.69 15.96 29.36
CA CYS D 405 -5.91 15.80 27.93
C CYS D 405 -4.64 15.38 27.21
N TRP D 406 -4.83 14.75 26.06
CA TRP D 406 -3.77 14.36 25.14
C TRP D 406 -4.11 14.87 23.74
N THR D 407 -3.12 14.75 22.85
CA THR D 407 -3.29 15.01 21.42
C THR D 407 -4.17 16.23 21.12
N ASN D 408 -5.13 16.10 20.20
CA ASN D 408 -5.87 17.30 19.79
C ASN D 408 -6.54 17.97 20.98
N ASP D 409 -7.08 17.17 21.91
CA ASP D 409 -7.79 17.75 23.04
C ASP D 409 -6.87 18.66 23.85
N ALA D 410 -5.61 18.25 24.04
CA ALA D 410 -4.66 19.06 24.76
C ALA D 410 -4.23 20.27 23.94
N GLU D 411 -4.06 20.08 22.63
CA GLU D 411 -3.66 21.20 21.76
C GLU D 411 -4.69 22.32 21.82
N ARG D 412 -5.97 21.97 21.70
CA ARG D 412 -7.02 22.99 21.74
C ARG D 412 -7.08 23.65 23.11
N MET D 413 -7.10 22.86 24.18
CA MET D 413 -7.22 23.43 25.52
C MET D 413 -6.03 24.33 25.85
N GLY D 414 -4.86 24.03 25.29
CA GLY D 414 -3.67 24.82 25.60
C GLY D 414 -3.82 26.29 25.29
N SER D 415 -4.70 26.64 24.35
CA SER D 415 -4.88 28.05 24.01
C SER D 415 -5.50 28.83 25.17
N LEU D 416 -6.16 28.17 26.09
CA LEU D 416 -6.80 28.82 27.22
C LEU D 416 -5.95 28.79 28.48
N ILE D 417 -4.77 28.17 28.42
CA ILE D 417 -3.92 27.96 29.58
C ILE D 417 -2.67 28.83 29.45
N GLY D 418 -2.21 29.37 30.57
CA GLY D 418 -0.98 30.13 30.58
C GLY D 418 -1.04 31.38 29.74
N THR D 419 -2.22 31.98 29.59
CA THR D 419 -2.33 33.23 28.86
C THR D 419 -1.86 34.41 29.66
N GLY D 420 -1.84 34.30 30.99
CA GLY D 420 -1.52 35.41 31.86
C GLY D 420 -2.61 36.45 32.02
N ALA D 421 -3.77 36.25 31.39
CA ALA D 421 -4.88 37.19 31.45
C ALA D 421 -6.03 36.59 32.25
N ALA D 422 -6.48 37.30 33.29
CA ALA D 422 -7.58 36.79 34.10
C ALA D 422 -8.81 36.51 33.25
N THR D 423 -9.00 37.26 32.15
CA THR D 423 -10.16 37.05 31.29
C THR D 423 -10.21 35.63 30.78
N TYR D 424 -9.08 35.09 30.32
CA TYR D 424 -9.07 33.73 29.82
C TYR D 424 -9.01 32.71 30.96
N GLU D 425 -8.40 33.07 32.09
CA GLU D 425 -8.46 32.20 33.26
CA GLU D 425 -8.45 32.19 33.25
C GLU D 425 -9.90 31.94 33.66
N GLU D 426 -10.74 32.97 33.60
CA GLU D 426 -12.15 32.81 33.94
C GLU D 426 -12.87 31.99 32.89
N GLN D 427 -12.61 32.25 31.61
CA GLN D 427 -13.21 31.44 30.57
C GLN D 427 -12.84 29.98 30.75
N LEU D 428 -11.58 29.71 31.06
CA LEU D 428 -11.14 28.33 31.27
C LEU D 428 -11.87 27.70 32.44
N GLU D 429 -11.90 28.41 33.58
CA GLU D 429 -12.57 27.86 34.76
C GLU D 429 -14.03 27.56 34.48
N HIS D 430 -14.73 28.48 33.81
CA HIS D 430 -16.15 28.29 33.55
C HIS D 430 -16.39 27.10 32.64
N LEU D 431 -15.54 26.95 31.62
CA LEU D 431 -15.63 25.79 30.74
C LEU D 431 -15.41 24.50 31.53
N VAL D 432 -14.38 24.47 32.38
CA VAL D 432 -14.05 23.26 33.12
C VAL D 432 -15.20 22.89 34.04
N LEU D 433 -15.73 23.85 34.79
CA LEU D 433 -16.82 23.55 35.70
C LEU D 433 -18.07 23.13 34.94
N SER D 434 -18.34 23.77 33.82
CA SER D 434 -19.50 23.38 33.01
C SER D 434 -19.36 21.94 32.54
N ASN D 435 -18.19 21.58 32.00
CA ASN D 435 -17.97 20.19 31.60
C ASN D 435 -18.14 19.25 32.80
N LEU D 436 -17.52 19.61 33.94
CA LEU D 436 -17.64 18.78 35.14
C LEU D 436 -19.11 18.63 35.54
N ALA D 437 -19.87 19.72 35.48
CA ALA D 437 -21.28 19.66 35.85
C ALA D 437 -22.05 18.70 34.96
N ALA D 438 -21.79 18.74 33.65
CA ALA D 438 -22.49 17.85 32.75
C ALA D 438 -22.09 16.40 32.97
N VAL D 439 -20.81 16.16 33.28
CA VAL D 439 -20.34 14.79 33.50
C VAL D 439 -21.01 14.19 34.73
N HIS D 440 -21.09 14.96 35.82
CA HIS D 440 -21.58 14.45 37.10
C HIS D 440 -23.06 14.72 37.32
N ASN D 441 -23.70 15.46 36.40
CA ASN D 441 -25.12 15.79 36.50
C ASN D 441 -25.40 16.72 37.69
N THR D 442 -24.60 17.77 37.80
CA THR D 442 -24.84 18.81 38.79
C THR D 442 -25.06 20.14 38.06
N ASP D 443 -25.41 21.16 38.83
CA ASP D 443 -25.48 22.52 38.31
C ASP D 443 -24.09 23.15 38.33
N TYR D 444 -23.93 24.18 37.49
CA TYR D 444 -22.67 24.91 37.48
C TYR D 444 -22.37 25.52 38.84
N GLN D 445 -23.37 26.11 39.48
CA GLN D 445 -23.14 26.83 40.74
C GLN D 445 -22.76 25.90 41.87
N TYR D 446 -23.25 24.65 41.84
CA TYR D 446 -22.87 23.67 42.85
C TYR D 446 -21.36 23.52 42.92
N LEU D 447 -20.69 23.49 41.77
CA LEU D 447 -19.24 23.36 41.76
C LEU D 447 -18.56 24.71 41.95
N LYS D 448 -19.11 25.77 41.36
CA LYS D 448 -18.53 27.10 41.53
C LYS D 448 -18.49 27.50 42.99
N ASP D 449 -19.60 27.28 43.72
CA ASP D 449 -19.63 27.63 45.13
C ASP D 449 -18.56 26.90 45.93
N ARG D 450 -18.07 25.76 45.45
CA ARG D 450 -17.09 24.95 46.15
C ARG D 450 -15.67 25.15 45.65
N LEU D 451 -15.48 25.98 44.61
CA LEU D 451 -14.16 26.19 44.05
C LEU D 451 -13.39 27.19 44.89
N VAL D 452 -12.10 26.90 45.10
CA VAL D 452 -11.20 27.75 45.87
C VAL D 452 -10.07 28.29 45.00
N ASP D 453 -9.35 27.41 44.30
CA ASP D 453 -8.20 27.83 43.50
CA ASP D 453 -8.20 27.83 43.50
C ASP D 453 -8.04 26.90 42.32
N VAL D 454 -7.41 27.41 41.27
CA VAL D 454 -7.17 26.66 40.04
C VAL D 454 -5.71 26.81 39.64
N HIS D 455 -5.12 25.70 39.20
CA HIS D 455 -3.77 25.68 38.65
C HIS D 455 -3.82 24.85 37.38
N SER D 456 -3.22 25.37 36.31
CA SER D 456 -3.27 24.73 35.00
C SER D 456 -1.88 24.75 34.38
N TRP D 457 -1.61 23.75 33.53
CA TRP D 457 -0.28 23.57 32.97
C TRP D 457 -0.39 22.97 31.58
N ASP D 458 0.38 23.52 30.65
CA ASP D 458 0.43 23.06 29.26
C ASP D 458 1.87 22.65 28.99
N TRP D 459 2.13 21.33 28.99
CA TRP D 459 3.48 20.84 28.72
C TRP D 459 3.91 21.10 27.28
N ASN D 460 3.00 21.48 26.38
CA ASN D 460 3.36 21.87 25.03
C ASN D 460 3.56 23.38 24.89
N HIS D 461 3.59 24.10 26.02
CA HIS D 461 3.95 25.51 26.06
CA HIS D 461 3.99 25.51 26.04
C HIS D 461 4.87 25.70 27.28
N ASN D 462 6.03 25.05 27.25
CA ASN D 462 6.99 25.03 28.34
C ASN D 462 8.38 24.87 27.73
N PRO D 463 9.21 25.90 27.75
CA PRO D 463 10.52 25.81 27.10
C PRO D 463 11.38 24.64 27.59
N LEU D 464 11.15 24.12 28.79
CA LEU D 464 11.99 23.07 29.34
C LEU D 464 11.60 21.67 28.85
N THR D 465 10.42 21.52 28.27
CA THR D 465 9.98 20.25 27.71
C THR D 465 9.62 20.34 26.24
N MET D 466 9.03 21.44 25.80
CA MET D 466 8.67 21.64 24.39
C MET D 466 7.81 20.47 23.90
N GLY D 467 6.82 20.13 24.71
CA GLY D 467 6.01 18.96 24.49
C GLY D 467 5.88 18.17 25.77
N ALA D 468 4.84 17.33 25.87
CA ALA D 468 4.68 16.52 27.07
C ALA D 468 5.68 15.36 27.10
N PHE D 469 5.83 14.66 25.99
CA PHE D 469 6.69 13.49 25.92
C PHE D 469 6.72 12.99 24.49
N ALA D 470 7.66 12.09 24.22
CA ALA D 470 7.70 11.42 22.93
C ALA D 470 6.37 10.71 22.67
N PHE D 471 5.87 10.88 21.45
CA PHE D 471 4.66 10.19 20.98
C PHE D 471 4.88 9.98 19.49
N PHE D 472 5.63 8.93 19.16
CA PHE D 472 6.14 8.76 17.82
C PHE D 472 5.02 8.55 16.80
N GLY D 473 5.21 9.13 15.62
CA GLY D 473 4.36 8.83 14.50
C GLY D 473 4.83 7.58 13.78
N PRO D 474 4.04 7.14 12.82
CA PRO D 474 4.44 5.96 12.03
C PRO D 474 5.80 6.15 11.40
N GLY D 475 6.61 5.09 11.46
CA GLY D 475 7.93 5.09 10.85
C GLY D 475 9.05 5.56 11.75
N ASP D 476 8.72 6.33 12.80
CA ASP D 476 9.77 6.87 13.66
C ASP D 476 10.60 5.77 14.29
N PHE D 477 9.94 4.75 14.86
CA PHE D 477 10.67 3.69 15.53
C PHE D 477 11.53 2.89 14.56
N GLN D 478 11.03 2.61 13.37
CA GLN D 478 11.77 1.76 12.45
CA GLN D 478 11.76 1.75 12.44
C GLN D 478 12.89 2.51 11.75
N ASP D 479 12.71 3.80 11.48
CA ASP D 479 13.64 4.58 10.67
C ASP D 479 14.68 5.36 11.47
N LEU D 480 14.27 6.06 12.53
CA LEU D 480 15.14 7.02 13.20
C LEU D 480 15.48 6.72 14.64
N TYR D 481 14.71 5.86 15.32
CA TYR D 481 14.90 5.66 16.75
C TYR D 481 16.31 5.14 17.07
N THR D 482 16.78 4.15 16.31
CA THR D 482 18.06 3.52 16.65
C THR D 482 19.23 4.50 16.53
N SER D 483 19.14 5.49 15.64
CA SER D 483 20.28 6.37 15.41
C SER D 483 20.70 7.09 16.69
N LEU D 484 19.76 7.40 17.58
CA LEU D 484 20.09 8.12 18.80
C LEU D 484 20.53 7.21 19.94
N ASN D 485 20.42 5.88 19.79
CA ASN D 485 21.03 5.01 20.78
C ASN D 485 22.53 4.83 20.55
N ARG D 486 23.03 5.15 19.37
CA ARG D 486 24.48 5.25 19.24
C ARG D 486 24.95 6.66 19.61
N PRO D 487 26.15 6.77 20.15
CA PRO D 487 26.64 8.09 20.58
C PRO D 487 26.99 8.99 19.41
N ALA D 488 27.26 10.24 19.74
CA ALA D 488 27.81 11.21 18.82
C ALA D 488 29.11 11.75 19.40
N ALA D 489 29.72 12.70 18.70
CA ALA D 489 30.92 13.38 19.18
C ALA D 489 32.02 12.38 19.51
N ASN D 490 32.38 11.58 18.52
CA ASN D 490 33.44 10.58 18.65
C ASN D 490 33.18 9.68 19.85
N GLY D 491 31.92 9.32 20.05
CA GLY D 491 31.53 8.43 21.14
C GLY D 491 31.39 9.09 22.49
N LYS D 492 31.51 10.41 22.57
CA LYS D 492 31.52 11.11 23.85
C LYS D 492 30.22 11.81 24.19
N LEU D 493 29.25 11.85 23.28
CA LEU D 493 27.93 12.40 23.55
C LEU D 493 26.93 11.24 23.52
N HIS D 494 26.23 11.05 24.64
CA HIS D 494 25.25 9.97 24.78
C HIS D 494 23.87 10.58 24.97
N PHE D 495 22.92 10.18 24.12
CA PHE D 495 21.57 10.68 24.19
C PHE D 495 20.76 9.82 25.16
N ALA D 496 20.02 10.49 26.04
CA ALA D 496 19.18 9.81 27.02
C ALA D 496 17.92 10.62 27.21
N GLY D 497 17.09 10.23 28.17
CA GLY D 497 15.76 10.76 28.35
C GLY D 497 14.70 9.79 27.86
N GLU D 498 13.46 10.02 28.34
CA GLU D 498 12.39 9.06 28.10
C GLU D 498 12.14 8.83 26.61
N ALA D 499 12.52 9.78 25.74
CA ALA D 499 12.29 9.61 24.31
C ALA D 499 13.09 8.42 23.76
N LEU D 500 14.26 8.11 24.34
CA LEU D 500 15.07 6.99 23.87
C LEU D 500 14.75 5.71 24.63
N SER D 501 13.50 5.29 24.50
CA SER D 501 13.01 4.07 25.12
C SER D 501 11.79 3.64 24.35
N VAL D 502 11.30 2.45 24.67
CA VAL D 502 10.03 1.98 24.18
C VAL D 502 8.94 2.13 25.23
N ARG D 503 9.19 2.95 26.25
CA ARG D 503 8.18 3.28 27.24
C ARG D 503 8.01 4.79 27.31
N HIS D 504 7.73 5.42 26.17
CA HIS D 504 7.51 6.85 26.15
C HIS D 504 6.42 7.22 27.15
N ALA D 505 6.55 8.39 27.75
CA ALA D 505 5.59 8.95 28.69
C ALA D 505 5.54 8.17 30.02
N TRP D 506 6.62 7.47 30.36
CA TRP D 506 6.72 6.75 31.62
C TRP D 506 8.08 7.02 32.25
N VAL D 507 8.11 6.98 33.58
CA VAL D 507 9.39 7.13 34.28
C VAL D 507 10.36 6.04 33.86
N VAL D 508 9.86 4.79 33.75
CA VAL D 508 10.72 3.68 33.37
C VAL D 508 11.40 3.95 32.04
N GLY D 509 10.70 4.63 31.13
CA GLY D 509 11.34 5.00 29.87
C GLY D 509 12.60 5.80 30.10
N ALA D 510 12.52 6.80 30.99
CA ALA D 510 13.70 7.59 31.32
C ALA D 510 14.77 6.75 32.00
N LEU D 511 14.37 5.83 32.87
CA LEU D 511 15.34 4.97 33.53
C LEU D 511 16.04 4.05 32.54
N ASP D 512 15.28 3.45 31.62
CA ASP D 512 15.90 2.61 30.60
C ASP D 512 16.94 3.39 29.81
N SER D 513 16.62 4.63 29.43
CA SER D 513 17.54 5.43 28.64
C SER D 513 18.82 5.71 29.42
N ALA D 514 18.72 5.89 30.73
CA ALA D 514 19.91 6.15 31.53
C ALA D 514 20.78 4.90 31.63
N TRP D 515 20.15 3.74 31.82
CA TRP D 515 20.88 2.48 31.81
C TRP D 515 21.66 2.32 30.51
N ARG D 516 21.01 2.57 29.37
CA ARG D 516 21.68 2.39 28.09
C ARG D 516 22.77 3.44 27.89
N ALA D 517 22.54 4.67 28.37
CA ALA D 517 23.57 5.70 28.26
C ALA D 517 24.81 5.34 29.07
N VAL D 518 24.61 4.90 30.32
CA VAL D 518 25.73 4.51 31.16
C VAL D 518 26.38 3.24 30.61
N TYR D 519 25.58 2.30 30.14
CA TYR D 519 26.12 1.10 29.53
C TYR D 519 27.11 1.44 28.42
N ASN D 520 26.69 2.30 27.49
CA ASN D 520 27.59 2.67 26.39
CA ASN D 520 27.57 2.68 26.39
C ASN D 520 28.79 3.43 26.91
N TYR D 521 28.60 4.28 27.93
CA TYR D 521 29.74 5.02 28.48
C TYR D 521 30.77 4.08 29.09
N LEU D 522 30.33 3.16 29.96
CA LEU D 522 31.26 2.21 30.56
C LEU D 522 31.91 1.33 29.48
N TYR D 523 31.13 0.96 28.47
CA TYR D 523 31.62 0.07 27.42
C TYR D 523 32.84 0.63 26.71
N VAL D 524 32.87 1.95 26.51
CA VAL D 524 33.96 2.56 25.75
C VAL D 524 35.07 3.15 26.61
N THR D 525 34.84 3.33 27.91
CA THR D 525 35.84 3.94 28.78
C THR D 525 36.39 2.99 29.83
N ASP D 526 35.55 2.11 30.40
CA ASP D 526 35.97 1.19 31.46
C ASP D 526 35.09 -0.04 31.44
N PRO D 527 35.24 -0.90 30.44
CA PRO D 527 34.38 -2.09 30.37
C PRO D 527 34.53 -3.05 31.54
N ALA D 528 35.62 -2.93 32.32
CA ALA D 528 35.79 -3.79 33.48
C ALA D 528 34.70 -3.56 34.52
N LYS D 529 34.01 -2.42 34.47
CA LYS D 529 32.92 -2.16 35.40
C LYS D 529 31.59 -2.75 34.95
N LEU D 530 31.53 -3.33 33.74
CA LEU D 530 30.25 -3.87 33.27
C LEU D 530 29.71 -4.94 34.21
N PRO D 531 30.49 -5.90 34.68
CA PRO D 531 29.93 -6.89 35.62
C PRO D 531 29.23 -6.27 36.82
N LYS D 532 29.89 -5.30 37.47
CA LYS D 532 29.28 -4.66 38.62
C LYS D 532 28.07 -3.84 38.20
N PHE D 533 28.17 -3.15 37.06
CA PHE D 533 27.02 -2.45 36.51
C PHE D 533 25.86 -3.41 36.27
N PHE D 534 26.13 -4.57 35.66
CA PHE D 534 25.07 -5.55 35.45
C PHE D 534 24.47 -6.01 36.77
N GLU D 535 25.33 -6.28 37.77
CA GLU D 535 24.85 -6.83 39.02
C GLU D 535 23.96 -5.85 39.77
N LEU D 536 24.31 -4.56 39.76
CA LEU D 536 23.56 -3.57 40.50
C LEU D 536 22.33 -3.05 39.74
N TRP D 537 22.40 -2.96 38.42
CA TRP D 537 21.37 -2.28 37.65
C TRP D 537 20.82 -3.12 36.51
N GLY D 538 21.13 -4.40 36.45
CA GLY D 538 20.52 -5.30 35.50
C GLY D 538 21.41 -5.59 34.31
N LYS D 539 21.31 -6.83 33.81
CA LYS D 539 22.06 -7.22 32.63
C LYS D 539 21.53 -6.58 31.36
N ASN D 540 20.27 -6.15 31.36
CA ASN D 540 19.65 -5.52 30.20
C ASN D 540 18.72 -4.42 30.69
N ALA D 541 18.45 -3.46 29.80
CA ALA D 541 17.54 -2.39 30.14
C ALA D 541 16.12 -2.90 30.34
N GLU D 542 15.62 -3.69 29.39
CA GLU D 542 14.22 -4.06 29.32
C GLU D 542 13.94 -5.50 29.67
N TRP D 543 14.75 -6.44 29.18
CA TRP D 543 14.51 -7.86 29.42
C TRP D 543 14.27 -8.14 30.91
N PHE D 544 13.27 -8.98 31.19
CA PHE D 544 12.90 -9.34 32.55
C PHE D 544 14.04 -10.05 33.24
N GLU D 545 13.87 -10.42 34.51
CA GLU D 545 14.96 -11.01 35.29
C GLU D 545 14.50 -12.34 35.87
PA FDA E . 7.97 -5.59 -28.45
O1A FDA E . 7.03 -6.01 -27.37
O2A FDA E . 9.43 -5.65 -28.17
O5B FDA E . 7.60 -4.08 -28.88
C5B FDA E . 6.23 -3.63 -28.84
C4B FDA E . 6.21 -2.16 -28.47
O4B FDA E . 4.82 -1.69 -28.39
C3B FDA E . 6.84 -1.80 -27.12
O3B FDA E . 7.68 -0.66 -27.20
C2B FDA E . 5.63 -1.49 -26.23
O2B FDA E . 5.94 -0.61 -25.18
C1B FDA E . 4.67 -0.87 -27.23
N9A FDA E . 3.29 -0.88 -26.89
C8A FDA E . 2.60 -1.83 -26.16
N7A FDA E . 1.33 -1.53 -26.04
C5A FDA E . 1.16 -0.33 -26.72
C6A FDA E . 0.05 0.48 -26.95
N6A FDA E . -1.18 0.21 -26.51
N1A FDA E . 0.24 1.60 -27.68
C2A FDA E . 1.48 1.87 -28.12
N3A FDA E . 2.60 1.19 -27.97
C4A FDA E . 2.37 0.07 -27.25
N1 FDA E . 15.12 -12.73 -28.68
C2 FDA E . 16.38 -12.99 -29.15
O2 FDA E . 16.68 -12.80 -30.31
N3 FDA E . 17.28 -13.50 -28.24
C4 FDA E . 17.01 -13.76 -26.91
O4 FDA E . 17.90 -14.21 -26.19
C4X FDA E . 15.71 -13.50 -26.46
N5 FDA E . 15.34 -13.74 -25.17
C5X FDA E . 14.14 -13.29 -24.66
C6 FDA E . 13.86 -13.37 -23.30
C7 FDA E . 12.68 -12.92 -22.78
C7M FDA E . 12.41 -13.01 -21.30
C8 FDA E . 11.72 -12.32 -23.67
C8M FDA E . 10.41 -11.79 -23.12
C9 FDA E . 11.99 -12.24 -25.00
C9A FDA E . 13.19 -12.72 -25.53
N10 FDA E . 13.48 -12.67 -26.92
C10 FDA E . 14.76 -12.95 -27.37
C1' FDA E . 12.44 -12.30 -27.89
C2' FDA E . 12.51 -10.82 -28.27
O2' FDA E . 12.76 -10.07 -27.09
C3' FDA E . 11.16 -10.42 -28.88
O3' FDA E . 10.71 -11.46 -29.77
C4' FDA E . 11.19 -9.10 -29.67
O4' FDA E . 11.96 -8.16 -28.95
C5' FDA E . 9.79 -8.58 -29.88
O5' FDA E . 9.83 -7.34 -30.61
P FDA E . 8.45 -6.72 -31.13
O1P FDA E . 8.77 -5.41 -31.78
O2P FDA E . 7.73 -7.77 -31.90
O3P FDA E . 7.65 -6.45 -29.77
H51A FDA E . 5.81 -3.75 -29.73
H52A FDA E . 5.72 -4.14 -28.18
H4B FDA E . 6.64 -1.65 -29.20
H3B FDA E . 7.34 -2.60 -26.79
HO3A FDA E . 8.29 -0.81 -27.74
H2B FDA E . 5.24 -2.33 -25.86
HO2A FDA E . 6.54 -0.94 -24.70
H1B FDA E . 4.93 0.07 -27.39
H8A FDA E . 3.01 -2.62 -25.76
H61A FDA E . -1.32 -0.54 -26.03
H62A FDA E . -1.85 0.76 -26.69
H2A FDA E . 1.55 2.70 -28.64
HN1 FDA E . 14.52 -12.40 -29.26
HN3 FDA E . 18.12 -13.65 -28.54
HN5 FDA E . 15.90 -14.22 -24.64
H6 FDA E . 14.52 -13.77 -22.69
HM71 FDA E . 12.61 -12.14 -20.87
HM72 FDA E . 12.99 -13.71 -20.90
HM73 FDA E . 11.47 -13.25 -21.15
HM81 FDA E . 10.54 -10.88 -22.77
HM82 FDA E . 10.09 -12.38 -22.39
HM83 FDA E . 9.73 -11.78 -23.85
H9 FDA E . 11.33 -11.84 -25.61
H1'1 FDA E . 12.53 -12.85 -28.71
H1'2 FDA E . 11.55 -12.49 -27.49
H2' FDA E . 13.23 -10.64 -28.91
HO2' FDA E . 12.87 -9.26 -27.31
H3' FDA E . 10.52 -10.33 -28.14
H4' FDA E . 11.63 -9.24 -30.54
HO4' FDA E . 12.08 -7.46 -29.40
H5'1 FDA E . 9.35 -8.45 -29.00
H5'2 FDA E . 9.26 -9.25 -30.38
N PHE F . 15.15 -16.84 -27.50
CA PHE F . 15.08 -16.69 -26.05
C PHE F . 16.14 -17.54 -25.34
O PHE F . 17.10 -17.96 -25.96
CB PHE F . 13.67 -17.04 -25.53
CG PHE F . 13.12 -18.39 -25.95
CD1 PHE F . 13.36 -18.93 -27.20
CD2 PHE F . 12.29 -19.07 -25.10
CE1 PHE F . 12.83 -20.15 -27.56
CE2 PHE F . 11.76 -20.28 -25.45
CZ PHE F . 12.02 -20.82 -26.68
OXT PHE F . 16.06 -17.73 -24.12
HA PHE F . 15.26 -15.76 -25.85
HB2 PHE F . 13.70 -17.03 -24.56
HB3 PHE F . 13.06 -16.36 -25.85
HD1 PHE F . 13.91 -18.47 -27.80
HD2 PHE F . 12.10 -18.71 -24.26
HE1 PHE F . 13.01 -20.50 -28.40
HE2 PHE F . 11.21 -20.75 -24.85
HZ PHE F . 11.66 -21.65 -26.91
S SO4 G . 24.90 -34.58 -19.32
O1 SO4 G . 26.08 -35.50 -19.17
O2 SO4 G . 24.46 -34.58 -20.75
O3 SO4 G . 23.79 -35.10 -18.45
O4 SO4 G . 25.27 -33.20 -18.91
S SO4 H . -8.31 15.93 -38.87
O1 SO4 H . -8.83 15.58 -40.23
O2 SO4 H . -7.24 14.96 -38.48
O3 SO4 H . -7.74 17.31 -38.87
O4 SO4 H . -9.44 15.85 -37.89
S SO4 I . 22.07 -36.29 -22.66
O1 SO4 I . 22.17 -35.12 -23.59
O2 SO4 I . 23.17 -37.26 -22.98
O3 SO4 I . 22.24 -35.80 -21.25
O4 SO4 I . 20.74 -36.95 -22.80
S SO4 J . -15.78 -3.80 -37.50
O1 SO4 J . -14.80 -3.02 -38.31
O2 SO4 J . -16.92 -4.24 -38.38
O3 SO4 J . -15.11 -5.03 -36.94
O4 SO4 J . -16.31 -2.93 -36.39
S SO4 K . 29.60 -21.90 -26.47
O1 SO4 K . 29.81 -22.72 -27.71
O2 SO4 K . 28.52 -22.53 -25.63
O3 SO4 K . 30.87 -21.87 -25.68
O4 SO4 K . 29.18 -20.52 -26.86
S SO4 L . 24.13 -32.51 -1.22
O1 SO4 L . 25.56 -32.70 -1.65
O2 SO4 L . 23.28 -33.56 -1.86
O3 SO4 L . 24.03 -32.62 0.28
O4 SO4 L . 23.66 -31.16 -1.65
S SO4 M . 19.41 4.47 -54.76
O1 SO4 M . 20.03 3.46 -55.68
O2 SO4 M . 17.98 4.70 -55.15
O3 SO4 M . 19.46 3.96 -53.35
O4 SO4 M . 20.17 5.76 -54.84
C1 PGR N . 14.01 -22.68 -18.52
C2 PGR N . 14.92 -21.99 -19.54
C3 PGR N . 14.89 -20.48 -19.30
O1 PGR N . 14.64 -22.81 -17.27
O2 PGR N . 16.25 -22.50 -19.55
H11 PGR N . 13.19 -22.17 -18.46
H12 PGR N . 13.77 -23.55 -18.88
H2 PGR N . 14.58 -22.19 -20.42
H31 PGR N . 15.60 -20.21 -18.70
H32 PGR N . 15.00 -20.00 -20.14
H33 PGR N . 14.04 -20.21 -18.92
HO1 PGR N . 14.19 -22.35 -16.71
HO2 PGR N . 16.28 -23.11 -20.13
C1 PGR O . 9.13 -3.34 -20.98
C2 PGR O . 9.05 -2.06 -20.16
C3 PGR O . 10.20 -2.01 -19.16
O1 PGR O . 7.85 -3.92 -21.07
O2 PGR O . 9.04 -0.91 -20.99
H11 PGR O . 9.48 -3.13 -21.85
H12 PGR O . 9.76 -3.94 -20.55
H2 PGR O . 8.22 -2.05 -19.68
H31 PGR O . 10.23 -2.82 -18.63
H32 PGR O . 11.05 -1.92 -19.62
H33 PGR O . 10.10 -1.26 -18.56
HO1 PGR O . 7.69 -4.08 -21.89
HO2 PGR O . 8.53 -0.32 -20.62
C1 PGR P . -8.52 -19.09 -42.78
C2 PGR P . -9.64 -19.38 -43.77
C3 PGR P . -9.76 -20.88 -44.01
O1 PGR P . -7.79 -17.93 -43.17
O2 PGR P . -10.88 -18.82 -43.36
H11 PGR P . -8.91 -18.97 -41.90
H12 PGR P . -7.94 -19.86 -42.73
H2 PGR P . -9.41 -18.94 -44.60
H31 PGR P . -8.99 -21.21 -44.48
H32 PGR P . -9.84 -21.36 -43.17
H33 PGR P . -10.55 -21.08 -44.55
HO1 PGR P . -7.10 -18.19 -43.60
HO2 PGR P . -11.15 -18.29 -43.97
PA FDA Q . -6.60 -22.74 0.27
O1A FDA Q . -5.64 -22.12 -0.68
O2A FDA Q . -7.99 -22.19 0.32
O5B FDA Q . -6.00 -22.69 1.75
C5B FDA Q . -4.56 -22.80 1.95
C4B FDA Q . -4.18 -21.94 3.12
O4B FDA Q . -2.74 -21.97 3.31
C3B FDA Q . -4.54 -20.46 3.00
O3B FDA Q . -5.12 -19.98 4.20
C2B FDA Q . -3.19 -19.79 2.73
O2B FDA Q . -3.14 -18.44 3.13
C1B FDA Q . -2.26 -20.66 3.56
N9A FDA Q . -0.87 -20.62 3.21
C8A FDA Q . -0.32 -20.44 1.97
N7A FDA Q . 1.00 -20.46 2.00
C5A FDA Q . 1.32 -20.68 3.33
C6A FDA Q . 2.55 -20.82 4.01
N6A FDA Q . 3.73 -20.74 3.40
N1A FDA Q . 2.50 -21.03 5.33
C2A FDA Q . 1.30 -21.10 5.94
N3A FDA Q . 0.09 -21.00 5.41
C4A FDA Q . 0.16 -20.79 4.08
N1 FDA Q . -15.03 -23.97 -5.11
C2 FDA Q . -16.37 -24.22 -4.95
O2 FDA Q . -16.78 -25.15 -4.28
N3 FDA Q . -17.24 -23.36 -5.60
C4 FDA Q . -16.83 -22.30 -6.39
O4 FDA Q . -17.68 -21.56 -6.92
C4X FDA Q . -15.45 -22.09 -6.54
N5 FDA Q . -14.97 -21.07 -7.29
C5X FDA Q . -13.64 -20.70 -7.28
C6 FDA Q . -13.21 -19.56 -7.93
C7 FDA Q . -11.89 -19.18 -7.89
C7M FDA Q . -11.46 -17.92 -8.59
C8 FDA Q . -10.95 -20.00 -7.18
C8M FDA Q . -9.49 -19.60 -7.12
C9 FDA Q . -11.39 -21.13 -6.56
C9A FDA Q . -12.72 -21.51 -6.59
N10 FDA Q . -13.20 -22.71 -5.98
C10 FDA Q . -14.56 -22.94 -5.87
C1' FDA Q . -12.24 -23.69 -5.43
C2' FDA Q . -12.07 -23.51 -3.93
O2' FDA Q . -12.04 -22.12 -3.63
C3' FDA Q . -10.78 -24.19 -3.50
O3' FDA Q . -10.66 -25.47 -4.14
C4' FDA Q . -10.63 -24.41 -2.00
O4' FDA Q . -11.06 -23.26 -1.28
C5' FDA Q . -9.20 -24.72 -1.62
O5' FDA Q . -9.07 -24.95 -0.20
P FDA Q . -7.67 -25.50 0.36
O1P FDA Q . -7.75 -25.59 1.84
O2P FDA Q . -7.34 -26.70 -0.45
O3P FDA Q . -6.66 -24.31 -0.05
H51A FDA Q . -4.09 -22.50 1.14
H52A FDA Q . -4.32 -23.75 2.12
H4B FDA Q . -4.60 -22.32 3.94
H3B FDA Q . -5.14 -20.32 2.23
HO3A FDA Q . -5.81 -20.42 4.36
H2B FDA Q . -2.95 -19.85 1.77
HO2A FDA Q . -3.31 -18.39 3.96
H1B FDA Q . -2.34 -20.42 4.52
H8A FDA Q . -0.84 -20.29 1.15
H61A FDA Q . 3.77 -20.60 2.52
H62A FDA Q . 4.48 -20.84 3.89
H2A FDA Q . 1.33 -21.25 6.89
HN1 FDA Q . -14.47 -24.53 -4.69
HN3 FDA Q . -18.11 -23.50 -5.50
HN5 FDA Q . -15.54 -20.62 -7.82
H6 FDA Q . -13.86 -19.01 -8.41
HM71 FDA Q . -12.10 -17.69 -9.31
HM72 FDA Q . -11.42 -17.17 -7.95
HM73 FDA Q . -10.56 -18.05 -9.00
HM81 FDA Q . -9.36 -18.92 -6.43
HM82 FDA Q . -8.95 -20.41 -6.91
HM83 FDA Q . -9.21 -19.24 -8.00
H9 FDA Q . -10.74 -21.69 -6.08
H1'1 FDA Q . -11.36 -23.58 -5.87
H1'2 FDA Q . -12.56 -24.60 -5.62
H2' FDA Q . -12.84 -23.89 -3.41
HO2' FDA Q . -12.02 -22.01 -2.80
H3' FDA Q . -10.04 -23.60 -3.80
H4' FDA Q . -11.21 -25.16 -1.73
HO4' FDA Q . -11.08 -23.40 -0.46
H5'1 FDA Q . -8.90 -25.52 -2.11
H5'2 FDA Q . -8.62 -23.96 -1.88
N PHE R . -15.74 -24.27 -9.25
CA PHE R . -15.44 -22.94 -9.74
C PHE R . -16.55 -22.41 -10.63
O PHE R . -17.67 -22.93 -10.58
CB PHE R . -14.09 -22.92 -10.48
CG PHE R . -13.95 -23.90 -11.62
CD1 PHE R . -14.49 -25.16 -11.56
CD2 PHE R . -13.20 -23.55 -12.73
CE1 PHE R . -14.32 -26.05 -12.59
CE2 PHE R . -13.04 -24.43 -13.76
CZ PHE R . -13.59 -25.69 -13.70
OXT PHE R . -16.38 -21.42 -11.36
HA PHE R . -15.36 -22.35 -8.98
HB2 PHE R . -13.97 -22.02 -10.86
HB3 PHE R . -13.39 -23.10 -9.85
HD1 PHE R . -14.98 -25.42 -10.81
HD2 PHE R . -12.81 -22.71 -12.78
HE1 PHE R . -14.70 -26.90 -12.53
HE2 PHE R . -12.54 -24.19 -14.51
HZ PHE R . -13.48 -26.29 -14.39
S SO4 S . -28.01 -20.94 -27.70
O1 SO4 S . -27.18 -20.40 -28.85
O2 SO4 S . -27.69 -22.38 -27.48
O3 SO4 S . -27.71 -20.17 -26.46
O4 SO4 S . -29.47 -20.81 -28.07
S SO4 T . -26.18 -25.05 -27.87
O1 SO4 T . -27.10 -26.05 -28.51
O2 SO4 T . -26.72 -24.67 -26.53
O3 SO4 T . -24.81 -25.66 -27.72
O4 SO4 T . -26.09 -23.83 -28.74
S SO4 U . 15.60 -35.50 1.99
O1 SO4 U . 14.69 -35.40 0.79
O2 SO4 U . 16.32 -36.81 1.98
O3 SO4 U . 14.78 -35.39 3.24
O4 SO4 U . 16.58 -34.38 1.97
S SO4 V . -30.55 -22.24 -12.34
O1 SO4 V . -30.97 -23.64 -12.04
O2 SO4 V . -31.72 -21.31 -12.17
O3 SO4 V . -29.46 -21.86 -11.40
O4 SO4 V . -30.08 -22.16 -13.76
S SO4 W . -17.67 -49.88 1.01
O1 SO4 W . -17.75 -50.40 -0.40
O2 SO4 W . -18.15 -50.93 1.96
O3 SO4 W . -16.25 -49.50 1.34
O4 SO4 W . -18.54 -48.67 1.15
S SO4 X . -7.69 -6.33 -1.27
O1 SO4 X . -6.83 -6.13 -2.48
O2 SO4 X . -8.97 -6.99 -1.68
O3 SO4 X . -6.98 -7.22 -0.28
O4 SO4 X . -7.99 -4.99 -0.64
S SO4 Y . -28.69 7.71 -18.95
O1 SO4 Y . -28.13 7.33 -20.29
O2 SO4 Y . -29.94 6.90 -18.71
O3 SO4 Y . -27.69 7.43 -17.88
O4 SO4 Y . -29.03 9.18 -18.95
S SO4 Z . -19.86 6.75 -25.16
O1 SO4 Z . -18.85 5.82 -25.76
O2 SO4 Z . -20.58 6.07 -24.03
O3 SO4 Z . -19.15 7.96 -24.63
O4 SO4 Z . -20.85 7.15 -26.22
S SO4 AA . -24.37 -3.32 -32.02
O1 SO4 AA . -24.36 -2.63 -33.34
O2 SO4 AA . -25.57 -4.22 -31.93
O3 SO4 AA . -23.11 -4.12 -31.87
O4 SO4 AA . -24.44 -2.30 -30.91
S SO4 BA . -28.47 -16.70 -36.78
O1 SO4 BA . -28.31 -16.85 -38.26
O2 SO4 BA . -28.34 -18.05 -36.14
O3 SO4 BA . -27.41 -15.80 -36.24
O4 SO4 BA . -29.82 -16.11 -36.47
S SO4 CA . -9.77 -47.57 -26.79
O1 SO4 CA . -9.17 -47.91 -28.10
O2 SO4 CA . -9.82 -48.80 -25.92
O3 SO4 CA . -8.94 -46.52 -26.11
O4 SO4 CA . -11.17 -47.06 -26.99
S SO4 DA . 3.49 -19.62 20.27
O1 SO4 DA . 4.29 -20.86 20.57
O2 SO4 DA . 2.05 -19.99 20.02
O3 SO4 DA . 3.57 -18.68 21.43
O4 SO4 DA . 4.05 -18.95 19.04
S SO4 EA . -35.44 -7.39 3.64
O1 SO4 EA . -36.33 -6.82 4.71
O2 SO4 EA . -35.79 -8.84 3.42
O3 SO4 EA . -34.01 -7.26 4.07
O4 SO4 EA . -35.65 -6.65 2.36
C1 PGR FA . -14.85 -18.75 -18.02
C2 PGR FA . -15.98 -19.04 -17.06
C3 PGR FA . -15.70 -18.38 -15.72
O1 PGR FA . -14.90 -17.42 -18.47
O2 PGR FA . -17.26 -18.67 -17.57
H11 PGR FA . -14.91 -19.37 -18.76
H12 PGR FA . -14.01 -18.94 -17.57
H2 PGR FA . -16.06 -20.00 -16.94
H31 PGR FA . -14.75 -18.36 -15.55
H32 PGR FA . -16.03 -17.47 -15.70
H33 PGR FA . -16.13 -18.87 -15.00
HO1 PGR FA . -14.50 -17.37 -19.21
HO2 PGR FA . -17.80 -19.31 -17.45
C1 PGR GA . 4.57 -43.63 -8.39
C2 PGR GA . 4.86 -44.96 -9.05
C3 PGR GA . 3.94 -45.15 -10.25
O1 PGR GA . 3.50 -43.72 -7.48
O2 PGR GA . 6.22 -45.09 -9.41
H11 PGR GA . 4.39 -42.97 -9.08
H12 PGR GA . 5.38 -43.33 -7.94
H2 PGR GA . 4.70 -45.66 -8.41
H31 PGR GA . 4.23 -44.61 -10.99
H32 PGR GA . 3.93 -46.09 -10.53
H33 PGR GA . 3.03 -44.90 -10.03
HO1 PGR GA . 2.85 -43.28 -7.80
HO2 PGR GA . 6.49 -45.84 -9.14
PA FDA HA . -11.19 34.05 11.64
O1A FDA HA . -10.57 33.28 12.75
O2A FDA HA . -10.32 34.90 10.78
O5B FDA HA . -12.37 34.96 12.22
C5B FDA HA . -13.16 34.49 13.33
C4B FDA HA . -13.55 35.68 14.19
O4B FDA HA . -14.29 35.21 15.36
C3B FDA HA . -12.38 36.50 14.77
O3B FDA HA . -12.64 37.89 14.61
C2B FDA HA . -12.37 36.13 16.26
O2B FDA HA . -11.86 37.14 17.08
C1B FDA HA . -13.86 35.89 16.52
N9A FDA HA . -14.18 35.07 17.65
C8A FDA HA . -13.50 33.99 18.15
N7A FDA HA . -14.07 33.46 19.20
C5A FDA HA . -15.22 34.24 19.39
C6A FDA HA . -16.25 34.18 20.34
N6A FDA HA . -16.32 33.28 21.31
N1A FDA HA . -17.24 35.10 20.24
C2A FDA HA . -17.18 36.00 19.26
N3A FDA HA . -16.26 36.15 18.31
C4A FDA HA . -15.30 35.23 18.44
N1 FDA HA . -5.14 32.83 3.71
C2 FDA HA . -4.84 33.32 2.46
O2 FDA HA . -5.73 33.53 1.63
N3 FDA HA . -3.52 33.56 2.18
C4 FDA HA . -2.47 33.35 3.07
O4 FDA HA . -1.33 33.61 2.73
C4X FDA HA . -2.81 32.82 4.32
N5 FDA HA . -1.85 32.58 5.26
C5X FDA HA . -2.17 32.26 6.57
C6 FDA HA . -1.17 32.20 7.54
C7 FDA HA . -1.49 31.91 8.84
C7M FDA HA . -0.40 31.86 9.88
C8 FDA HA . -2.86 31.70 9.21
C8M FDA HA . -3.23 31.38 10.63
C9 FDA HA . -3.84 31.76 8.25
C9A FDA HA . -3.51 32.05 6.92
N10 FDA HA . -4.49 32.09 5.89
C10 FDA HA . -4.16 32.59 4.64
C1' FDA HA . -5.86 31.63 6.15
C2' FDA HA . -6.79 32.81 6.49
O2' FDA HA . -6.11 33.70 7.34
C3' FDA HA . -8.03 32.24 7.17
O3' FDA HA . -8.44 31.03 6.50
C4' FDA HA . -9.24 33.16 7.25
O4' FDA HA . -8.80 34.47 7.57
C5' FDA HA . -10.22 32.67 8.30
O5' FDA HA . -11.36 33.56 8.35
P FDA HA . -12.61 33.13 9.24
O1P FDA HA . -13.60 34.26 9.20
O2P FDA HA . -13.02 31.76 8.83
O3P FDA HA . -11.99 33.03 10.71
H51A FDA HA . -12.62 33.85 13.88
H52A FDA HA . -13.97 34.03 13.01
H4B FDA HA . -14.14 36.26 13.66
H3B FDA HA . -11.54 36.22 14.35
HO3A FDA HA . -12.70 38.06 13.79
H2B FDA HA . -11.86 35.29 16.38
HO2A FDA HA . -11.07 37.32 16.85
H1B FDA HA . -14.29 36.76 16.65
H8A FDA HA . -12.65 33.66 17.78
H61A FDA HA . -17.01 33.30 21.90
H62A FDA HA . -15.67 32.66 21.40
H2A FDA HA . -17.91 36.64 19.23
HN1 FDA HA . -6.01 32.67 3.89
HN3 FDA HA . -3.32 33.90 1.37
HN5 FDA HA . -0.99 32.60 5.01
H6 FDA HA . -0.25 32.35 7.30
HM71 FDA HA . 0.46 31.62 9.45
HM72 FDA HA . -0.30 32.74 10.32
HM73 FDA HA . -0.62 31.17 10.56
HM81 FDA HA . -4.16 31.67 10.82
HM82 FDA HA . -3.15 30.41 10.80
HM83 FDA HA . -2.62 31.86 11.25
H9 FDA HA . -4.76 31.61 8.49
H1'1 FDA HA . -5.86 30.99 6.91
H1'2 FDA HA . -6.21 31.15 5.36
H2' FDA HA . -7.06 33.32 5.69
HO2' FDA HA . -6.58 34.39 7.46
H3' FDA HA . -7.74 32.03 8.10
H4' FDA HA . -9.70 33.19 6.38
HO4' FDA HA . -9.41 35.03 7.49
H5'1 FDA HA . -10.52 31.75 8.07
H5'2 FDA HA . -9.78 32.65 9.18
N PHE IA . -2.17 29.98 2.75
CA PHE IA . -1.14 29.99 3.76
C PHE IA . 0.25 29.90 3.14
O PHE IA . 0.40 30.13 1.94
CB PHE IA . -1.34 28.85 4.78
CG PHE IA . -1.24 27.46 4.20
CD1 PHE IA . -1.67 27.17 2.92
CD2 PHE IA . -0.76 26.42 4.99
CE1 PHE IA . -1.58 25.89 2.42
CE2 PHE IA . -0.67 25.14 4.50
CZ PHE IA . -1.08 24.87 3.21
OXT PHE IA . 1.23 29.62 3.82
HA PHE IA . -1.18 30.83 4.25
HB2 PHE IA . -0.67 28.92 5.47
HB3 PHE IA . -2.22 28.94 5.16
HD1 PHE IA . -2.00 27.85 2.39
HD2 PHE IA . -0.49 26.60 5.86
HE1 PHE IA . -1.86 25.71 1.55
HE2 PHE IA . -0.34 24.46 5.04
HZ PHE IA . -1.01 24.01 2.87
S SO4 JA . 13.77 19.35 -6.43
O1 SO4 JA . 13.20 20.47 -7.26
O2 SO4 JA . 12.74 18.27 -6.24
O3 SO4 JA . 14.97 18.77 -7.11
O4 SO4 JA . 14.17 19.90 -5.08
S SO4 KA . -29.23 19.76 22.72
O1 SO4 KA . -28.24 19.04 21.85
O2 SO4 KA . -30.62 19.28 22.40
O3 SO4 KA . -28.92 19.49 24.17
O4 SO4 KA . -29.13 21.23 22.49
S SO4 LA . 8.45 55.88 -3.47
O1 SO4 LA . 7.46 56.22 -2.39
O2 SO4 LA . 7.95 54.74 -4.29
O3 SO4 LA . 8.66 57.06 -4.37
O4 SO4 LA . 9.77 55.53 -2.84
S SO4 MA . 6.73 33.84 -8.60
O1 SO4 MA . 6.69 34.33 -10.02
O2 SO4 MA . 6.31 32.41 -8.57
O3 SO4 MA . 8.12 33.97 -8.05
O4 SO4 MA . 5.80 34.69 -7.77
S SO4 NA . 29.49 26.29 6.68
O1 SO4 NA . 29.10 24.91 6.25
O2 SO4 NA . 28.38 26.88 7.51
O3 SO4 NA . 30.75 26.24 7.50
O4 SO4 NA . 29.73 27.15 5.46
S SO4 OA . 16.84 22.68 -5.70
O1 SO4 OA . 16.93 22.37 -7.17
O2 SO4 OA . 16.49 21.44 -4.94
O3 SO4 OA . 18.17 23.19 -5.22
O4 SO4 OA . 15.79 23.72 -5.47
S SO4 PA . 1.84 44.00 -12.39
O1 SO4 PA . 2.73 42.83 -12.12
O2 SO4 PA . 0.46 43.52 -12.71
O3 SO4 PA . 1.81 44.90 -11.19
O4 SO4 PA . 2.38 44.76 -13.57
S SO4 QA . -26.22 46.91 21.09
O1 SO4 QA . -25.33 47.47 20.02
O2 SO4 QA . -26.67 45.53 20.70
O3 SO4 QA . -25.46 46.85 22.39
O4 SO4 QA . -27.42 47.79 21.26
S SO4 RA . 29.51 35.19 15.96
O1 SO4 RA . 31.00 35.30 15.82
O2 SO4 RA . 29.01 34.08 15.08
O3 SO4 RA . 29.16 34.90 17.39
O4 SO4 RA . 28.87 36.48 15.55
C1 PGR SA . 6.84 25.49 6.16
C2 PGR SA . 6.27 26.55 5.22
C3 PGR SA . 5.64 27.66 6.03
O1 PGR SA . 7.49 26.12 7.24
O2 PGR SA . 7.23 27.04 4.29
H11 PGR SA . 7.45 24.92 5.66
H12 PGR SA . 6.11 24.92 6.46
H2 PGR SA . 5.60 26.11 4.67
H31 PGR SA . 6.30 28.31 6.29
H32 PGR SA . 5.22 27.31 6.82
H33 PGR SA . 4.96 28.11 5.50
HO1 PGR SA . 7.96 25.54 7.64
HO2 PGR SA . 6.87 27.04 3.52
C1 PGR TA . -24.19 12.18 8.34
C2 PGR TA . -23.88 10.80 7.79
C3 PGR TA . -22.83 10.87 6.69
O1 PGR TA . -23.30 13.14 7.82
O2 PGR TA . -23.50 9.92 8.83
H11 PGR TA . -25.11 12.40 8.10
H12 PGR TA . -24.16 12.15 9.30
H2 PGR TA . -24.69 10.44 7.40
H31 PGR TA . -22.68 9.99 6.30
H32 PGR TA . -23.10 11.47 5.99
H33 PGR TA . -21.98 11.18 7.04
HO1 PGR TA . -22.79 13.41 8.46
HO2 PGR TA . -24.04 9.26 8.83
PA FDA UA . 12.60 15.57 32.15
O1A FDA UA . 11.99 16.51 31.17
O2A FDA UA . 11.79 15.11 33.31
O5B FDA UA . 13.98 16.18 32.68
C5B FDA UA . 14.81 16.98 31.81
C4B FDA UA . 15.52 18.03 32.63
O4B FDA UA . 16.33 18.87 31.75
C3B FDA UA . 14.61 19.02 33.39
O3B FDA UA . 15.07 19.21 34.71
C2B FDA UA . 14.73 20.32 32.58
O2B FDA UA . 14.51 21.49 33.32
C1B FDA UA . 16.18 20.23 32.09
N9A FDA UA . 16.50 21.05 30.96
C8A FDA UA . 15.70 21.38 29.90
N7A FDA UA . 16.30 22.15 29.03
C5A FDA UA . 17.58 22.33 29.55
C6A FDA UA . 18.70 23.04 29.09
N6A FDA UA . 18.72 23.74 27.96
N1A FDA UA . 19.81 23.01 29.86
C2A FDA UA . 19.79 22.32 31.01
N3A FDA UA . 18.79 21.60 31.54
C4A FDA UA . 17.70 21.66 30.74
N1 FDA UA . 5.48 8.73 33.99
C2 FDA UA . 5.10 7.74 34.85
O2 FDA UA . 5.87 6.85 35.17
N3 FDA UA . 3.82 7.79 35.35
C4 FDA UA . 2.89 8.77 35.02
O4 FDA UA . 1.76 8.73 35.53
C4X FDA UA . 3.31 9.76 34.13
N5 FDA UA . 2.46 10.77 33.75
C5X FDA UA . 2.90 11.86 33.03
C6 FDA UA . 2.06 12.94 32.81
C7 FDA UA . 2.50 14.03 32.11
C7M FDA UA . 1.56 15.20 31.88
C8 FDA UA . 3.84 14.06 31.61
C8M FDA UA . 4.35 15.25 30.83
C9 FDA UA . 4.66 12.98 31.84
C9A FDA UA . 4.20 11.87 32.54
N10 FDA UA . 5.03 10.73 32.77
C10 FDA UA . 4.62 9.73 33.63
C1' FDA UA . 6.33 10.62 32.08
C2' FDA UA . 7.49 11.06 32.98
O2' FDA UA . 7.13 12.22 33.68
C3' FDA UA . 8.67 11.35 32.05
O3' FDA UA . 8.78 10.33 31.06
C4' FDA UA . 10.02 11.47 32.76
O4' FDA UA . 9.84 12.20 33.98
C5' FDA UA . 11.03 12.17 31.89
O5' FDA UA . 12.31 12.26 32.57
P FDA UA . 13.56 12.80 31.74
O1P FDA UA . 14.73 12.90 32.68
O2P FDA UA . 13.65 11.99 30.49
O3P FDA UA . 13.09 14.28 31.33
H51A FDA UA . 15.48 16.40 31.36
H52A FDA UA . 14.26 17.41 31.11
H4B FDA UA . 16.11 17.58 33.28
H3B FDA UA . 13.68 18.69 33.37
HO3A FDA UA . 15.05 18.48 35.12
H2B FDA UA . 14.09 20.28 31.82
HO2A FDA UA . 13.74 21.47 33.65
H1B FDA UA . 16.79 20.48 32.83
H8A FDA UA . 14.77 21.08 29.79
H61A FDA UA . 19.47 24.17 27.72
H62A FDA UA . 17.98 23.76 27.44
H2A FDA UA . 20.61 22.33 31.53
HN1 FDA UA . 6.31 8.70 33.67
HN3 FDA UA . 3.56 7.14 35.92
HN5 FDA UA . 1.60 10.72 33.98
H6 FDA UA . 1.15 12.93 33.15
HM71 FDA UA . 0.62 14.89 31.91
HM72 FDA UA . 1.70 15.88 32.58
HM73 FDA UA . 1.74 15.60 30.99
HM81 FDA UA . 3.69 15.51 30.16
HM82 FDA UA . 5.20 15.01 30.38
HM83 FDA UA . 4.52 16.00 31.45
H9 FDA UA . 5.57 13.00 31.50
H1'1 FDA UA . 6.32 11.17 31.26
H1'2 FDA UA . 6.48 9.67 31.81
H2' FDA UA . 7.71 10.38 33.65
HO2' FDA UA . 7.73 12.40 34.25
H3' FDA UA . 8.49 12.21 31.61
H4' FDA UA . 10.36 10.57 33.00
HO4' FDA UA . 10.53 12.18 34.45
H5'1 FDA UA . 10.71 13.08 31.66
H5'2 FDA UA . 11.15 11.66 31.05
N PHE VA . 2.02 7.35 31.83
CA PHE VA . 1.16 8.52 31.93
C PHE VA . -0.28 8.14 32.17
O PHE VA . -0.57 7.00 32.52
CB PHE VA . 1.29 9.38 30.66
CG PHE VA . 0.83 8.72 29.38
CD1 PHE VA . 0.99 7.36 29.17
CD2 PHE VA . 0.26 9.49 28.38
CE1 PHE VA . 0.59 6.78 27.99
CE2 PHE VA . -0.15 8.91 27.20
CZ PHE VA . 0.01 7.56 27.00
OXT PHE VA . -1.18 8.98 32.03
HA PHE VA . 1.45 9.05 32.70
HB2 PHE VA . 0.76 10.18 30.79
HB3 PHE VA . 2.23 9.62 30.55
HD1 PHE VA . 1.38 6.84 29.83
HD2 PHE VA . 0.17 10.40 28.50
HE1 PHE VA . 0.70 5.87 27.85
HE2 PHE VA . -0.54 9.44 26.53
HZ PHE VA . -0.28 7.17 26.21
S SO4 WA . -18.54 0.59 29.92
O1 SO4 WA . -17.38 0.42 28.97
O2 SO4 WA . -19.22 -0.73 30.14
O3 SO4 WA . -18.03 1.14 31.21
O4 SO4 WA . -19.53 1.56 29.33
S SO4 XA . -23.48 -1.43 8.83
O1 SO4 XA . -22.96 -2.66 9.52
O2 SO4 XA . -24.93 -1.62 8.51
O3 SO4 XA . -23.33 -0.25 9.75
O4 SO4 XA . -22.69 -1.19 7.58
S SO4 YA . -16.16 -1.65 26.25
O1 SO4 YA . -16.58 -2.95 25.65
O2 SO4 YA . -17.27 -0.65 26.11
O3 SO4 YA . -15.86 -1.86 27.70
O4 SO4 YA . -14.94 -1.14 25.55
S SO4 ZA . 29.31 19.03 13.19
O1 SO4 ZA . 30.07 18.52 12.00
O2 SO4 ZA . 27.86 18.71 13.03
O3 SO4 ZA . 29.86 18.37 14.42
O4 SO4 ZA . 29.48 20.51 13.31
S SO4 AB . -7.78 -0.25 40.44
O1 SO4 AB . -8.12 -0.87 39.13
O2 SO4 AB . -8.07 -1.22 41.55
O3 SO4 AB . -6.33 0.12 40.47
O4 SO4 AB . -8.61 0.97 40.64
S SO4 BB . -27.85 -2.62 13.29
O1 SO4 BB . -27.18 -3.55 14.24
O2 SO4 BB . -29.04 -3.31 12.68
O3 SO4 BB . -28.31 -1.39 14.02
O4 SO4 BB . -26.91 -2.21 12.19
S SO4 CB . -28.68 15.85 31.43
O1 SO4 CB . -27.47 15.72 30.56
O2 SO4 CB . -29.28 14.49 31.66
O3 SO4 CB . -28.29 16.45 32.75
O4 SO4 CB . -29.69 16.73 30.75
S SO4 DB . -19.33 27.75 28.74
O1 SO4 DB . -18.90 27.01 27.50
O2 SO4 DB . -20.56 27.09 29.31
O3 SO4 DB . -18.21 27.72 29.75
O4 SO4 DB . -19.66 29.17 28.39
S SO4 EB . -1.57 -2.00 50.35
O1 SO4 EB . -0.30 -2.79 50.23
O2 SO4 EB . -2.28 -1.99 49.02
O3 SO4 EB . -2.46 -2.65 51.37
O4 SO4 EB . -1.26 -0.60 50.79
S SO4 FB . 45.44 13.03 18.76
O1 SO4 FB . 46.54 12.05 18.50
O2 SO4 FB . 44.37 12.83 17.73
O3 SO4 FB . 44.89 12.80 20.13
O4 SO4 FB . 45.98 14.42 18.67
S SO4 GB . -25.54 23.61 47.77
O1 SO4 GB . -25.74 23.85 46.31
O2 SO4 GB . -25.51 22.13 48.03
O3 SO4 GB . -24.24 24.23 48.20
O4 SO4 GB . -26.66 24.23 48.54
S SO4 HB . 20.92 -12.35 29.01
O1 SO4 HB . 21.08 -10.95 28.48
O2 SO4 HB . 19.83 -13.08 28.28
O3 SO4 HB . 22.22 -13.10 28.82
O4 SO4 HB . 20.59 -12.29 30.48
C1 PGR IB . -6.83 11.67 27.84
C2 PGR IB . -6.35 10.73 28.93
C3 PGR IB . -5.51 11.48 29.94
O1 PGR IB . -7.98 12.37 28.27
O2 PGR IB . -7.40 10.01 29.53
H11 PGR IB . -7.00 11.16 27.03
H12 PGR IB . -6.11 12.28 27.62
H2 PGR IB . -5.80 10.05 28.51
H31 PGR IB . -6.07 11.99 30.55
H32 PGR IB . -4.91 12.12 29.50
H33 PGR IB . -4.96 10.88 30.46
HO1 PGR IB . -8.15 12.97 27.70
HO2 PGR IB . -7.26 9.18 29.41
C1 PGR JB . 20.40 4.85 10.85
C2 PGR JB . 20.48 3.77 9.79
C3 PGR JB . 19.43 2.70 10.02
O1 PGR JB . 21.00 4.45 12.07
O2 PGR JB . 20.41 4.32 8.48
H11 PGR JB . 20.83 5.65 10.51
H12 PGR JB . 19.46 5.07 10.99
H2 PGR JB . 21.35 3.34 9.85
H31 PGR JB . 18.54 3.07 9.88
H32 PGR JB . 19.55 1.95 9.42
H33 PGR JB . 19.48 2.37 10.94
HO1 PGR JB . 20.42 4.00 12.50
HO2 PGR JB . 21.06 4.01 8.03
#